data_9EV6
#
_entry.id   9EV6
#
_cell.length_a   100.554
_cell.length_b   98.481
_cell.length_c   110.515
_cell.angle_alpha   90
_cell.angle_beta   90.84
_cell.angle_gamma   90
#
_symmetry.space_group_name_H-M   'P 1 21 1'
#
loop_
_entity.id
_entity.type
_entity.pdbx_description
1 polymer 'Thiamine pyrophosphate-requiring enzymes [acetolactate synthase, pyruvate dehydrogenase (Cytochrome), glyoxylate carboligase, phosphonopyruvate decarboxylase]'
2 non-polymer 'FLAVIN-ADENINE DINUCLEOTIDE'
3 non-polymer 'THIAMINE DIPHOSPHATE'
4 non-polymer 'MAGNESIUM ION'
5 water water
#
_entity_poly.entity_id   1
_entity_poly.type   'polypeptide(L)'
_entity_poly.pdbx_seq_one_letter_code
;GHMAHSYAEQLIDTLEAQGVKRIYGLVGDSLNPIVDAVRQSDIEWVHVRNEEAAAFAAGAESLITGELAVCAASCGPGNT
HLIQGLYDSHRNGAKVLAIASHIPSAQIGSTFFQETHPEILFKECSGYCEMVNGGEQGERILHHAIQSTMAGKGVSVVVI
PGDIAKEDAGDGTYSNSTISSGTPVVFPDPTEAAALVEAINNAKSVTLFCGAGVKNARAQVLELAEKIKSPIGHALGGKQ
YIQHENPFEVGMSGLLGYGACVDASNEADLLILLGTDFPYSDFLPKDNVAQVDINGAHIGRRTTVKYPVTGDVAATIENI
LPHVKEKTDRSFLDRMLKAHERKLSSVVETYTHNVEKHVPIHPEYVASILNELADKDAVFTVDTGMCNVWHARYIENPEG
TRDFVGSFRHGTMANALPHAIGAQSVDRNRQVIAMCGDGGLGMLLGELLTVKLHQLPLKAVVFNNSSLGMVKLEMLVEGQ
PEFGTDHEEVNFAEIAAAAGIKSVRITDPKKVREQLAEALAYPGPVLIDIVTDPNALSIPPTITWEQVMGFSKAATRTVF
GGGV
;
_entity_poly.pdbx_strand_id   A,B,C,D
#
# COMPACT_ATOMS: atom_id res chain seq x y z
N ALA A 4 -31.22 19.19 -2.91
CA ALA A 4 -30.22 18.23 -2.40
C ALA A 4 -29.60 18.75 -1.12
N HIS A 5 -30.11 18.31 0.03
CA HIS A 5 -29.65 18.75 1.33
C HIS A 5 -28.46 17.88 1.81
N SER A 6 -28.51 16.55 1.58
CA SER A 6 -27.43 15.68 2.03
C SER A 6 -26.38 15.44 0.95
N TYR A 7 -25.20 14.94 1.34
CA TYR A 7 -24.14 14.63 0.40
C TYR A 7 -24.61 13.49 -0.54
N ALA A 8 -25.38 12.51 -0.01
CA ALA A 8 -25.90 11.42 -0.83
C ALA A 8 -26.76 11.96 -1.99
N GLU A 9 -27.60 12.96 -1.70
CA GLU A 9 -28.46 13.56 -2.70
C GLU A 9 -27.67 14.36 -3.70
N GLN A 10 -26.67 15.12 -3.24
CA GLN A 10 -25.82 15.91 -4.11
C GLN A 10 -25.04 15.01 -5.06
N LEU A 11 -24.54 13.88 -4.56
CA LEU A 11 -23.80 12.94 -5.38
C LEU A 11 -24.67 12.40 -6.52
N ILE A 12 -25.89 11.93 -6.18
CA ILE A 12 -26.80 11.38 -7.17
C ILE A 12 -27.28 12.45 -8.14
N ASP A 13 -27.58 13.66 -7.64
CA ASP A 13 -28.02 14.74 -8.53
C ASP A 13 -26.92 15.11 -9.51
N THR A 14 -25.65 15.09 -9.06
CA THR A 14 -24.51 15.40 -9.90
C THR A 14 -24.40 14.35 -10.99
N LEU A 15 -24.56 13.04 -10.64
CA LEU A 15 -24.49 11.97 -11.64
C LEU A 15 -25.61 12.09 -12.65
N GLU A 16 -26.83 12.41 -12.19
CA GLU A 16 -27.94 12.58 -13.11
C GLU A 16 -27.68 13.75 -14.06
N ALA A 17 -27.20 14.89 -13.52
CA ALA A 17 -26.89 16.06 -14.37
C ALA A 17 -25.78 15.75 -15.39
N GLN A 18 -24.91 14.78 -15.10
CA GLN A 18 -23.84 14.33 -16.01
C GLN A 18 -24.32 13.31 -17.06
N GLY A 19 -25.59 12.89 -17.01
CA GLY A 19 -26.08 11.93 -17.99
C GLY A 19 -26.06 10.47 -17.57
N VAL A 20 -25.79 10.18 -16.29
CA VAL A 20 -25.82 8.80 -15.81
C VAL A 20 -27.28 8.34 -15.79
N LYS A 21 -27.60 7.21 -16.40
CA LYS A 21 -28.97 6.71 -16.49
C LYS A 21 -29.28 5.56 -15.55
N ARG A 22 -28.24 4.80 -15.17
CA ARG A 22 -28.31 3.58 -14.37
C ARG A 22 -27.16 3.46 -13.41
N ILE A 23 -27.37 2.77 -12.29
CA ILE A 23 -26.28 2.43 -11.36
C ILE A 23 -26.41 0.95 -11.07
N TYR A 24 -25.36 0.17 -11.29
CA TYR A 24 -25.41 -1.26 -10.99
C TYR A 24 -24.91 -1.46 -9.56
N GLY A 25 -25.62 -2.25 -8.77
CA GLY A 25 -25.17 -2.52 -7.40
C GLY A 25 -26.07 -3.43 -6.60
N LEU A 26 -25.81 -3.49 -5.30
CA LEU A 26 -26.60 -4.27 -4.35
C LEU A 26 -26.67 -3.44 -3.05
N VAL A 27 -27.87 -3.06 -2.64
CA VAL A 27 -28.04 -2.18 -1.48
C VAL A 27 -27.68 -2.85 -0.14
N GLY A 28 -27.30 -2.04 0.85
CA GLY A 28 -26.99 -2.51 2.19
C GLY A 28 -26.30 -1.45 3.02
N ASP A 29 -26.49 -1.51 4.34
CA ASP A 29 -25.90 -0.67 5.39
C ASP A 29 -25.56 0.79 4.91
N SER A 30 -24.26 1.15 4.75
CA SER A 30 -23.80 2.48 4.44
C SER A 30 -24.22 3.00 3.05
N LEU A 31 -24.67 2.12 2.17
CA LEU A 31 -25.14 2.50 0.85
C LEU A 31 -26.64 2.93 0.92
N ASN A 32 -27.38 2.62 2.02
CA ASN A 32 -28.80 2.96 2.15
C ASN A 32 -29.08 4.45 1.94
N PRO A 33 -28.33 5.43 2.47
CA PRO A 33 -28.67 6.84 2.16
C PRO A 33 -28.47 7.16 0.68
N ILE A 34 -27.49 6.50 0.03
CA ILE A 34 -27.24 6.74 -1.39
C ILE A 34 -28.36 6.14 -2.23
N VAL A 35 -28.81 4.91 -1.92
CA VAL A 35 -29.91 4.29 -2.65
C VAL A 35 -31.24 5.06 -2.38
N ASP A 36 -31.37 5.73 -1.22
CA ASP A 36 -32.54 6.57 -0.98
C ASP A 36 -32.53 7.77 -1.93
N ALA A 37 -31.33 8.30 -2.23
CA ALA A 37 -31.20 9.40 -3.16
C ALA A 37 -31.43 8.90 -4.57
N VAL A 38 -30.99 7.65 -4.93
CA VAL A 38 -31.28 7.14 -6.27
C VAL A 38 -32.81 6.94 -6.40
N ARG A 39 -33.50 6.49 -5.32
CA ARG A 39 -34.96 6.33 -5.33
C ARG A 39 -35.66 7.66 -5.72
N GLN A 40 -35.20 8.79 -5.18
CA GLN A 40 -35.80 10.08 -5.46
C GLN A 40 -35.36 10.70 -6.80
N SER A 41 -34.34 10.15 -7.43
CA SER A 41 -33.83 10.66 -8.71
C SER A 41 -34.46 9.90 -9.88
N ASP A 42 -34.05 10.22 -11.10
CA ASP A 42 -34.51 9.54 -12.29
C ASP A 42 -33.47 8.51 -12.77
N ILE A 43 -32.48 8.16 -11.93
CA ILE A 43 -31.51 7.13 -12.28
C ILE A 43 -32.11 5.78 -11.94
N GLU A 44 -31.96 4.80 -12.82
CA GLU A 44 -32.45 3.45 -12.57
C GLU A 44 -31.45 2.68 -11.66
N TRP A 45 -31.94 1.95 -10.66
CA TRP A 45 -31.12 1.10 -9.81
C TRP A 45 -31.19 -0.29 -10.38
N VAL A 46 -30.04 -0.85 -10.77
CA VAL A 46 -30.02 -2.19 -11.38
C VAL A 46 -29.43 -3.18 -10.35
N HIS A 47 -30.30 -3.91 -9.66
CA HIS A 47 -29.89 -4.88 -8.66
C HIS A 47 -29.16 -6.07 -9.30
N VAL A 48 -27.99 -6.42 -8.77
CA VAL A 48 -27.21 -7.58 -9.23
C VAL A 48 -27.14 -8.60 -8.08
N ARG A 49 -26.74 -9.83 -8.38
CA ARG A 49 -26.62 -10.84 -7.32
C ARG A 49 -25.27 -10.77 -6.59
N ASN A 50 -24.23 -10.32 -7.32
CA ASN A 50 -22.87 -10.23 -6.81
C ASN A 50 -22.31 -8.91 -7.33
N GLU A 51 -21.77 -8.03 -6.43
CA GLU A 51 -21.26 -6.72 -6.79
C GLU A 51 -20.14 -6.80 -7.85
N GLU A 52 -19.44 -7.93 -7.96
CA GLU A 52 -18.44 -8.12 -9.03
C GLU A 52 -19.08 -7.88 -10.44
N ALA A 53 -20.31 -8.39 -10.61
CA ALA A 53 -21.07 -8.24 -11.85
C ALA A 53 -21.45 -6.80 -12.12
N ALA A 54 -21.71 -6.01 -11.08
CA ALA A 54 -22.03 -4.60 -11.25
C ALA A 54 -20.80 -3.83 -11.82
N ALA A 55 -19.58 -4.17 -11.38
CA ALA A 55 -18.36 -3.51 -11.86
C ALA A 55 -18.09 -3.91 -13.29
N PHE A 56 -18.26 -5.21 -13.64
CA PHE A 56 -18.17 -5.64 -15.05
C PHE A 56 -19.21 -4.94 -15.94
N ALA A 57 -20.47 -4.87 -15.46
CA ALA A 57 -21.55 -4.28 -16.25
C ALA A 57 -21.28 -2.81 -16.51
N ALA A 58 -20.83 -2.05 -15.49
CA ALA A 58 -20.51 -0.64 -15.65
C ALA A 58 -19.38 -0.48 -16.69
N GLY A 59 -18.33 -1.30 -16.60
CA GLY A 59 -17.23 -1.23 -17.57
C GLY A 59 -17.70 -1.50 -18.99
N ALA A 60 -18.58 -2.51 -19.18
CA ALA A 60 -19.06 -2.81 -20.53
C ALA A 60 -19.98 -1.72 -21.05
N GLU A 61 -20.86 -1.16 -20.18
CA GLU A 61 -21.75 -0.07 -20.60
C GLU A 61 -20.91 1.12 -21.11
N SER A 62 -19.84 1.43 -20.37
CA SER A 62 -18.96 2.51 -20.73
C SER A 62 -18.28 2.24 -22.08
N LEU A 63 -17.78 1.02 -22.31
CA LEU A 63 -17.13 0.72 -23.60
C LEU A 63 -18.09 0.89 -24.78
N ILE A 64 -19.37 0.61 -24.58
CA ILE A 64 -20.40 0.70 -25.62
C ILE A 64 -20.85 2.14 -25.83
N THR A 65 -21.02 2.92 -24.74
CA THR A 65 -21.50 4.30 -24.89
C THR A 65 -20.43 5.36 -25.07
N GLY A 66 -19.22 5.10 -24.59
CA GLY A 66 -18.15 6.07 -24.57
C GLY A 66 -18.36 7.10 -23.46
N GLU A 67 -19.32 6.86 -22.54
CA GLU A 67 -19.67 7.77 -21.48
C GLU A 67 -19.46 7.15 -20.09
N LEU A 68 -19.64 7.95 -19.04
CA LEU A 68 -19.50 7.52 -17.67
C LEU A 68 -20.48 6.42 -17.35
N ALA A 69 -20.00 5.37 -16.65
CA ALA A 69 -20.89 4.34 -16.12
C ALA A 69 -20.60 4.21 -14.62
N VAL A 70 -21.59 3.78 -13.82
CA VAL A 70 -21.42 3.78 -12.37
C VAL A 70 -21.83 2.46 -11.75
N CYS A 71 -21.04 1.99 -10.78
CA CYS A 71 -21.40 0.86 -9.94
C CYS A 71 -21.32 1.32 -8.48
N ALA A 72 -22.05 0.63 -7.59
CA ALA A 72 -22.10 1.04 -6.19
C ALA A 72 -22.19 -0.21 -5.30
N ALA A 73 -21.58 -0.15 -4.11
CA ALA A 73 -21.56 -1.28 -3.21
C ALA A 73 -21.47 -0.84 -1.76
N SER A 74 -22.00 -1.69 -0.86
CA SER A 74 -22.06 -1.43 0.57
C SER A 74 -20.64 -1.54 1.21
N CYS A 75 -20.55 -1.32 2.50
CA CYS A 75 -19.25 -1.24 3.18
C CYS A 75 -18.54 -2.59 3.25
N GLY A 76 -17.23 -2.55 3.48
CA GLY A 76 -16.38 -3.71 3.67
C GLY A 76 -16.52 -4.76 2.57
N PRO A 77 -17.15 -5.90 2.93
CA PRO A 77 -17.33 -7.00 1.95
C PRO A 77 -18.10 -6.61 0.69
N GLY A 78 -19.02 -5.65 0.78
CA GLY A 78 -19.79 -5.22 -0.38
C GLY A 78 -18.89 -4.65 -1.46
N ASN A 79 -18.13 -3.59 -1.11
CA ASN A 79 -17.26 -2.97 -2.10
C ASN A 79 -16.05 -3.86 -2.41
N THR A 80 -15.65 -4.78 -1.51
CA THR A 80 -14.57 -5.71 -1.81
C THR A 80 -14.91 -6.58 -3.04
N HIS A 81 -16.19 -6.97 -3.21
CA HIS A 81 -16.61 -7.75 -4.38
C HIS A 81 -16.46 -6.97 -5.72
N LEU A 82 -16.36 -5.63 -5.71
CA LEU A 82 -16.18 -4.89 -6.97
C LEU A 82 -14.84 -5.14 -7.65
N ILE A 83 -13.82 -5.55 -6.87
CA ILE A 83 -12.42 -5.57 -7.27
C ILE A 83 -12.13 -6.23 -8.62
N GLN A 84 -12.58 -7.48 -8.88
CA GLN A 84 -12.31 -8.12 -10.16
C GLN A 84 -12.81 -7.28 -11.36
N GLY A 85 -14.05 -6.79 -11.24
CA GLY A 85 -14.62 -5.98 -12.31
C GLY A 85 -13.96 -4.62 -12.47
N LEU A 86 -13.42 -4.07 -11.36
CA LEU A 86 -12.73 -2.78 -11.45
C LEU A 86 -11.37 -2.97 -12.12
N TYR A 87 -10.65 -4.08 -11.84
CA TYR A 87 -9.38 -4.35 -12.53
C TYR A 87 -9.61 -4.48 -14.03
N ASP A 88 -10.69 -5.19 -14.40
CA ASP A 88 -11.01 -5.40 -15.80
C ASP A 88 -11.37 -4.08 -16.46
N SER A 89 -12.28 -3.27 -15.84
CA SER A 89 -12.70 -1.97 -16.41
C SER A 89 -11.50 -1.02 -16.52
N HIS A 90 -10.59 -1.07 -15.55
CA HIS A 90 -9.40 -0.20 -15.51
C HIS A 90 -8.46 -0.56 -16.65
N ARG A 91 -8.13 -1.86 -16.81
CA ARG A 91 -7.26 -2.30 -17.92
C ARG A 91 -7.90 -1.98 -19.28
N ASN A 92 -9.24 -2.03 -19.38
CA ASN A 92 -9.92 -1.75 -20.64
C ASN A 92 -10.08 -0.25 -20.94
N GLY A 93 -9.64 0.63 -20.04
CA GLY A 93 -9.79 2.06 -20.24
C GLY A 93 -11.24 2.50 -20.19
N ALA A 94 -12.08 1.80 -19.43
CA ALA A 94 -13.48 2.20 -19.31
C ALA A 94 -13.61 3.48 -18.45
N LYS A 95 -14.69 4.22 -18.62
CA LYS A 95 -14.93 5.44 -17.84
C LYS A 95 -15.91 5.07 -16.76
N VAL A 96 -15.39 4.61 -15.63
CA VAL A 96 -16.24 4.08 -14.55
C VAL A 96 -16.00 4.80 -13.23
N LEU A 97 -17.09 5.12 -12.54
CA LEU A 97 -17.05 5.64 -11.17
C LEU A 97 -17.59 4.55 -10.27
N ALA A 98 -16.82 4.13 -9.28
CA ALA A 98 -17.28 3.15 -8.32
C ALA A 98 -17.60 3.85 -7.00
N ILE A 99 -18.82 3.70 -6.51
CA ILE A 99 -19.22 4.28 -5.24
C ILE A 99 -18.99 3.21 -4.19
N ALA A 100 -17.89 3.33 -3.43
CA ALA A 100 -17.57 2.35 -2.42
C ALA A 100 -18.00 2.86 -1.06
N SER A 101 -19.20 2.48 -0.60
CA SER A 101 -19.66 2.86 0.73
C SER A 101 -18.75 2.25 1.77
N HIS A 102 -18.63 2.90 2.91
CA HIS A 102 -17.64 2.54 3.90
C HIS A 102 -18.26 2.53 5.28
N ILE A 103 -17.58 1.93 6.27
CA ILE A 103 -18.14 1.86 7.63
C ILE A 103 -18.31 3.27 8.23
N PRO A 104 -19.16 3.43 9.26
CA PRO A 104 -19.35 4.77 9.87
C PRO A 104 -17.99 5.38 10.26
N SER A 105 -17.78 6.65 9.91
CA SER A 105 -16.50 7.34 10.16
C SER A 105 -16.03 7.26 11.63
N ALA A 106 -16.95 7.21 12.62
CA ALA A 106 -16.53 7.13 14.04
C ALA A 106 -15.84 5.80 14.39
N GLN A 107 -16.06 4.76 13.56
CA GLN A 107 -15.52 3.43 13.82
C GLN A 107 -14.25 3.14 13.02
N ILE A 108 -13.86 4.04 12.08
CA ILE A 108 -12.63 3.81 11.33
C ILE A 108 -11.41 3.77 12.29
N GLY A 109 -10.59 2.75 12.11
CA GLY A 109 -9.42 2.61 12.96
C GLY A 109 -9.64 1.74 14.19
N SER A 110 -10.87 1.27 14.40
CA SER A 110 -11.19 0.47 15.57
C SER A 110 -11.36 -1.02 15.28
N THR A 111 -10.94 -1.53 14.10
CA THR A 111 -11.15 -2.96 13.71
C THR A 111 -12.65 -3.32 13.92
N PHE A 112 -13.52 -2.44 13.39
CA PHE A 112 -14.95 -2.60 13.59
C PHE A 112 -15.49 -3.73 12.73
N PHE A 113 -16.72 -4.15 13.00
CA PHE A 113 -17.48 -5.08 12.17
C PHE A 113 -17.42 -4.65 10.67
N GLN A 114 -16.99 -5.55 9.76
CA GLN A 114 -16.89 -5.29 8.33
C GLN A 114 -15.80 -4.31 7.91
N GLU A 115 -14.95 -3.81 8.83
CA GLU A 115 -13.94 -2.82 8.43
C GLU A 115 -12.93 -3.34 7.43
N THR A 116 -12.72 -2.55 6.36
CA THR A 116 -11.65 -2.71 5.38
C THR A 116 -11.07 -1.30 5.12
N HIS A 117 -10.01 -1.16 4.27
CA HIS A 117 -9.48 0.16 3.86
C HIS A 117 -9.58 0.20 2.34
N PRO A 118 -10.79 0.42 1.79
CA PRO A 118 -10.93 0.41 0.33
C PRO A 118 -10.12 1.50 -0.35
N GLU A 119 -9.99 2.66 0.32
CA GLU A 119 -9.19 3.80 -0.19
C GLU A 119 -7.72 3.38 -0.40
N ILE A 120 -7.27 2.26 0.21
CA ILE A 120 -5.93 1.72 -0.02
C ILE A 120 -6.03 0.53 -0.99
N LEU A 121 -6.95 -0.39 -0.74
CA LEU A 121 -7.12 -1.60 -1.52
C LEU A 121 -7.27 -1.32 -3.02
N PHE A 122 -8.06 -0.29 -3.41
CA PHE A 122 -8.36 -0.04 -4.81
C PHE A 122 -7.35 0.86 -5.56
N LYS A 123 -6.19 1.15 -4.97
CA LYS A 123 -5.20 2.02 -5.61
C LYS A 123 -4.62 1.41 -6.88
N GLU A 124 -4.43 0.08 -6.95
CA GLU A 124 -3.88 -0.54 -8.17
C GLU A 124 -4.93 -0.65 -9.32
N CYS A 125 -6.22 -0.76 -9.00
CA CYS A 125 -7.22 -0.90 -10.07
C CYS A 125 -7.97 0.40 -10.33
N SER A 126 -7.31 1.54 -10.14
CA SER A 126 -7.94 2.83 -10.42
C SER A 126 -6.89 3.89 -10.78
N GLY A 127 -7.34 4.97 -11.39
CA GLY A 127 -6.49 6.13 -11.64
C GLY A 127 -6.72 7.19 -10.58
N TYR A 128 -7.81 7.07 -9.80
CA TYR A 128 -8.19 8.01 -8.74
C TYR A 128 -8.96 7.22 -7.68
N CYS A 129 -8.59 7.42 -6.41
CA CYS A 129 -9.20 6.64 -5.32
C CYS A 129 -9.01 7.41 -4.01
N GLU A 130 -10.06 8.05 -3.52
CA GLU A 130 -9.94 8.86 -2.28
C GLU A 130 -11.17 8.67 -1.41
N MET A 131 -11.03 8.97 -0.11
CA MET A 131 -12.11 8.83 0.84
C MET A 131 -12.75 10.17 1.17
N VAL A 132 -14.08 10.19 1.28
CA VAL A 132 -14.85 11.36 1.65
C VAL A 132 -14.77 11.54 3.16
N ASN A 133 -14.46 12.75 3.64
CA ASN A 133 -14.42 13.00 5.10
C ASN A 133 -15.41 14.10 5.54
N GLY A 134 -16.21 14.64 4.61
CA GLY A 134 -17.17 15.71 4.83
C GLY A 134 -17.89 16.09 3.55
N GLY A 135 -18.94 16.92 3.66
CA GLY A 135 -19.76 17.33 2.52
C GLY A 135 -19.05 18.10 1.43
N GLU A 136 -18.36 19.19 1.79
CA GLU A 136 -17.65 19.99 0.80
C GLU A 136 -16.48 19.21 0.18
N GLN A 137 -15.74 18.46 1.01
CA GLN A 137 -14.62 17.69 0.47
C GLN A 137 -15.16 16.54 -0.41
N GLY A 138 -16.30 15.96 -0.04
CA GLY A 138 -16.93 14.90 -0.83
C GLY A 138 -17.33 15.37 -2.21
N GLU A 139 -17.83 16.59 -2.27
CA GLU A 139 -18.21 17.20 -3.53
C GLU A 139 -16.95 17.42 -4.43
N ARG A 140 -15.84 17.86 -3.83
CA ARG A 140 -14.59 18.01 -4.55
C ARG A 140 -14.09 16.69 -5.11
N ILE A 141 -13.98 15.65 -4.25
CA ILE A 141 -13.39 14.40 -4.73
C ILE A 141 -14.33 13.69 -5.69
N LEU A 142 -15.66 13.93 -5.65
CA LEU A 142 -16.59 13.37 -6.63
C LEU A 142 -16.28 14.02 -7.98
N HIS A 143 -16.10 15.35 -8.02
CA HIS A 143 -15.72 16.03 -9.26
C HIS A 143 -14.38 15.48 -9.79
N HIS A 144 -13.35 15.40 -8.93
CA HIS A 144 -12.03 14.96 -9.35
C HIS A 144 -12.07 13.54 -9.88
N ALA A 145 -12.89 12.66 -9.24
CA ALA A 145 -13.03 11.26 -9.68
C ALA A 145 -13.66 11.21 -11.08
N ILE A 146 -14.77 11.94 -11.29
CA ILE A 146 -15.44 11.93 -12.59
C ILE A 146 -14.50 12.52 -13.65
N GLN A 147 -13.85 13.64 -13.33
CA GLN A 147 -12.96 14.28 -14.30
C GLN A 147 -11.73 13.40 -14.65
N SER A 148 -11.24 12.63 -13.67
CA SER A 148 -10.08 11.76 -13.91
C SER A 148 -10.48 10.62 -14.86
N THR A 149 -11.65 9.98 -14.61
CA THR A 149 -12.05 8.86 -15.46
C THR A 149 -12.46 9.35 -16.86
N MET A 150 -13.12 10.52 -16.95
CA MET A 150 -13.53 11.08 -18.25
C MET A 150 -12.32 11.54 -19.08
N ALA A 151 -11.17 11.84 -18.43
CA ALA A 151 -9.96 12.18 -19.15
C ALA A 151 -9.17 10.93 -19.59
N GLY A 152 -9.66 9.71 -19.33
CA GLY A 152 -8.99 8.49 -19.76
C GLY A 152 -7.97 7.93 -18.79
N LYS A 153 -8.01 8.33 -17.51
CA LYS A 153 -7.05 7.80 -16.53
C LYS A 153 -7.50 6.47 -15.89
N GLY A 154 -8.62 5.91 -16.33
CA GLY A 154 -9.10 4.63 -15.81
C GLY A 154 -10.17 4.77 -14.76
N VAL A 155 -10.41 3.70 -14.00
CA VAL A 155 -11.47 3.69 -13.00
C VAL A 155 -11.26 4.76 -11.92
N SER A 156 -12.32 5.38 -11.43
CA SER A 156 -12.25 6.25 -10.25
C SER A 156 -13.09 5.63 -9.14
N VAL A 157 -12.61 5.71 -7.91
CA VAL A 157 -13.28 5.15 -6.73
C VAL A 157 -13.48 6.26 -5.72
N VAL A 158 -14.70 6.42 -5.23
CA VAL A 158 -14.97 7.37 -4.19
C VAL A 158 -15.46 6.55 -2.99
N VAL A 159 -14.72 6.62 -1.86
CA VAL A 159 -15.04 5.85 -0.67
C VAL A 159 -15.85 6.72 0.28
N ILE A 160 -17.07 6.30 0.63
CA ILE A 160 -17.97 7.16 1.40
C ILE A 160 -18.47 6.50 2.67
N PRO A 161 -17.99 6.96 3.84
CA PRO A 161 -18.54 6.44 5.11
C PRO A 161 -20.04 6.76 5.18
N GLY A 162 -20.85 5.79 5.60
CA GLY A 162 -22.29 5.91 5.60
C GLY A 162 -22.87 7.10 6.33
N ASP A 163 -22.32 7.44 7.48
CA ASP A 163 -22.79 8.59 8.26
C ASP A 163 -22.52 9.91 7.53
N ILE A 164 -21.41 10.01 6.81
CA ILE A 164 -21.06 11.22 6.07
C ILE A 164 -21.97 11.40 4.86
N ALA A 165 -22.46 10.30 4.26
CA ALA A 165 -23.43 10.42 3.15
C ALA A 165 -24.72 11.13 3.63
N LYS A 166 -25.08 10.98 4.91
CA LYS A 166 -26.26 11.63 5.51
C LYS A 166 -25.99 13.09 5.96
N GLU A 167 -24.74 13.52 5.98
CA GLU A 167 -24.41 14.89 6.41
C GLU A 167 -24.71 15.90 5.28
N ASP A 168 -24.73 17.19 5.63
CA ASP A 168 -25.02 18.26 4.70
C ASP A 168 -24.10 18.26 3.48
N ALA A 169 -24.68 18.56 2.32
CA ALA A 169 -23.97 18.64 1.05
C ALA A 169 -23.02 19.85 1.05
N GLY A 170 -22.06 19.86 0.12
CA GLY A 170 -21.22 21.03 -0.08
C GLY A 170 -22.00 22.15 -0.75
N ASP A 171 -21.36 23.30 -1.00
CA ASP A 171 -22.06 24.47 -1.54
C ASP A 171 -22.26 24.47 -3.07
N GLY A 172 -21.83 23.43 -3.78
CA GLY A 172 -22.05 23.37 -5.22
C GLY A 172 -20.91 23.84 -6.11
N THR A 173 -19.85 24.45 -5.53
CA THR A 173 -18.69 24.94 -6.32
C THR A 173 -18.12 23.89 -7.32
N TYR A 174 -17.89 22.65 -6.87
CA TYR A 174 -17.27 21.61 -7.71
C TYR A 174 -18.31 20.83 -8.51
N SER A 175 -19.53 20.66 -7.99
CA SER A 175 -20.62 20.02 -8.73
C SER A 175 -21.12 20.89 -9.90
N ASN A 176 -20.95 22.21 -9.82
CA ASN A 176 -21.37 23.11 -10.90
C ASN A 176 -20.44 23.07 -12.12
N SER A 177 -19.27 22.44 -12.02
CA SER A 177 -18.33 22.43 -13.13
C SER A 177 -18.73 21.55 -14.29
N THR A 178 -18.37 21.97 -15.48
CA THR A 178 -18.50 21.18 -16.68
C THR A 178 -17.30 20.24 -16.71
N ILE A 179 -17.54 18.99 -17.06
CA ILE A 179 -16.49 17.99 -17.13
C ILE A 179 -15.88 17.99 -18.54
N SER A 180 -14.55 17.99 -18.63
CA SER A 180 -13.88 17.86 -19.91
C SER A 180 -13.92 16.38 -20.32
N SER A 181 -14.67 16.08 -21.38
CA SER A 181 -14.75 14.73 -21.89
C SER A 181 -14.36 14.62 -23.38
N GLY A 182 -13.86 15.69 -23.97
CA GLY A 182 -13.49 15.68 -25.38
C GLY A 182 -12.25 14.88 -25.66
N THR A 183 -12.02 14.55 -26.92
CA THR A 183 -10.84 13.82 -27.34
C THR A 183 -9.87 14.79 -27.98
N PRO A 184 -8.73 15.08 -27.32
CA PRO A 184 -7.74 15.95 -27.95
C PRO A 184 -7.07 15.27 -29.16
N VAL A 185 -6.43 16.08 -30.03
CA VAL A 185 -5.74 15.61 -31.22
C VAL A 185 -4.25 15.73 -30.94
N VAL A 186 -3.58 14.59 -30.67
CA VAL A 186 -2.18 14.62 -30.28
C VAL A 186 -1.22 14.42 -31.48
N PHE A 187 -0.66 15.52 -31.97
CA PHE A 187 0.34 15.46 -33.03
C PHE A 187 1.68 15.11 -32.43
N PRO A 188 2.52 14.36 -33.16
CA PRO A 188 3.84 14.00 -32.60
C PRO A 188 4.81 15.16 -32.60
N ASP A 189 5.88 15.01 -31.82
CA ASP A 189 7.02 15.92 -31.82
C ASP A 189 7.65 15.86 -33.24
N PRO A 190 7.88 17.02 -33.90
CA PRO A 190 8.40 17.00 -35.28
C PRO A 190 9.66 16.16 -35.47
N THR A 191 10.52 16.09 -34.45
CA THR A 191 11.77 15.32 -34.54
C THR A 191 11.46 13.84 -34.58
N GLU A 192 10.50 13.37 -33.76
CA GLU A 192 10.12 11.95 -33.75
C GLU A 192 9.41 11.58 -35.06
N ALA A 193 8.54 12.46 -35.55
CA ALA A 193 7.87 12.23 -36.82
C ALA A 193 8.90 12.12 -37.99
N ALA A 194 9.91 13.03 -38.01
CA ALA A 194 10.95 13.00 -39.06
C ALA A 194 11.72 11.70 -39.03
N ALA A 195 12.05 11.18 -37.82
CA ALA A 195 12.78 9.91 -37.74
C ALA A 195 11.94 8.74 -38.27
N LEU A 196 10.61 8.78 -38.02
CA LEU A 196 9.69 7.75 -38.51
C LEU A 196 9.59 7.82 -40.05
N VAL A 197 9.52 9.04 -40.62
CA VAL A 197 9.48 9.24 -42.08
C VAL A 197 10.74 8.60 -42.72
N GLU A 198 11.90 8.87 -42.10
CA GLU A 198 13.19 8.37 -42.57
C GLU A 198 13.21 6.85 -42.53
N ALA A 199 12.74 6.26 -41.43
CA ALA A 199 12.70 4.81 -41.28
C ALA A 199 11.77 4.16 -42.32
N ILE A 200 10.62 4.79 -42.61
CA ILE A 200 9.69 4.27 -43.60
C ILE A 200 10.28 4.35 -45.01
N ASN A 201 10.81 5.52 -45.38
CA ASN A 201 11.35 5.71 -46.72
C ASN A 201 12.56 4.84 -46.99
N ASN A 202 13.34 4.53 -45.96
CA ASN A 202 14.52 3.72 -46.17
C ASN A 202 14.25 2.21 -46.07
N ALA A 203 13.07 1.78 -45.57
CA ALA A 203 12.74 0.37 -45.55
C ALA A 203 12.24 -0.06 -46.92
N LYS A 204 12.64 -1.25 -47.39
CA LYS A 204 12.13 -1.77 -48.66
C LYS A 204 10.78 -2.46 -48.46
N SER A 205 10.51 -2.97 -47.23
CA SER A 205 9.27 -3.65 -46.90
C SER A 205 8.86 -3.27 -45.48
N VAL A 206 7.58 -3.00 -45.28
CA VAL A 206 7.06 -2.55 -43.99
C VAL A 206 5.85 -3.36 -43.61
N THR A 207 5.66 -3.63 -42.32
CA THR A 207 4.45 -4.28 -41.82
C THR A 207 3.84 -3.38 -40.76
N LEU A 208 2.52 -3.22 -40.78
CA LEU A 208 1.84 -2.44 -39.73
C LEU A 208 1.17 -3.40 -38.77
N PHE A 209 1.36 -3.25 -37.48
CA PHE A 209 0.74 -4.13 -36.49
C PHE A 209 -0.10 -3.23 -35.61
N CYS A 210 -1.43 -3.33 -35.75
CA CYS A 210 -2.37 -2.39 -35.13
C CYS A 210 -3.10 -2.93 -33.94
N GLY A 211 -3.34 -2.05 -32.97
CA GLY A 211 -4.10 -2.39 -31.78
C GLY A 211 -5.29 -1.46 -31.62
N ALA A 212 -5.88 -1.43 -30.42
CA ALA A 212 -7.06 -0.61 -30.11
C ALA A 212 -6.83 0.89 -30.39
N GLY A 213 -5.58 1.34 -30.36
CA GLY A 213 -5.24 2.74 -30.62
C GLY A 213 -5.53 3.22 -32.02
N VAL A 214 -5.84 2.32 -33.00
CA VAL A 214 -6.19 2.77 -34.34
C VAL A 214 -7.73 2.93 -34.49
N LYS A 215 -8.51 2.87 -33.40
CA LYS A 215 -9.96 3.04 -33.38
C LYS A 215 -10.44 4.22 -34.26
N ASN A 216 -9.82 5.40 -34.13
CA ASN A 216 -10.25 6.57 -34.94
C ASN A 216 -9.29 6.86 -36.08
N ALA A 217 -8.56 5.86 -36.57
CA ALA A 217 -7.54 6.05 -37.59
C ALA A 217 -7.62 5.05 -38.72
N ARG A 218 -8.76 4.38 -38.92
CA ARG A 218 -8.92 3.41 -40.00
C ARG A 218 -8.50 3.97 -41.37
N ALA A 219 -9.02 5.15 -41.74
CA ALA A 219 -8.75 5.74 -43.06
C ALA A 219 -7.27 6.02 -43.22
N GLN A 220 -6.64 6.56 -42.18
CA GLN A 220 -5.23 6.90 -42.19
C GLN A 220 -4.34 5.64 -42.30
N VAL A 221 -4.66 4.60 -41.55
CA VAL A 221 -3.90 3.36 -41.58
C VAL A 221 -3.98 2.71 -42.99
N LEU A 222 -5.20 2.65 -43.56
CA LEU A 222 -5.36 2.05 -44.90
C LEU A 222 -4.66 2.89 -45.96
N GLU A 223 -4.72 4.22 -45.82
CA GLU A 223 -4.09 5.18 -46.74
C GLU A 223 -2.57 5.02 -46.69
N LEU A 224 -2.00 4.83 -45.50
CA LEU A 224 -0.57 4.62 -45.34
C LEU A 224 -0.19 3.25 -45.93
N ALA A 225 -0.99 2.20 -45.62
CA ALA A 225 -0.72 0.86 -46.14
C ALA A 225 -0.73 0.81 -47.66
N GLU A 226 -1.63 1.57 -48.30
CA GLU A 226 -1.70 1.61 -49.75
C GLU A 226 -0.44 2.25 -50.33
N LYS A 227 0.05 3.31 -49.69
CA LYS A 227 1.22 4.04 -50.15
C LYS A 227 2.51 3.23 -50.01
N ILE A 228 2.71 2.53 -48.89
CA ILE A 228 3.95 1.77 -48.68
C ILE A 228 3.83 0.27 -48.90
N LYS A 229 2.66 -0.23 -49.34
CA LYS A 229 2.44 -1.65 -49.66
C LYS A 229 2.77 -2.54 -48.47
N SER A 230 2.15 -2.20 -47.35
CA SER A 230 2.43 -2.92 -46.13
C SER A 230 1.32 -3.84 -45.73
N PRO A 231 1.65 -5.11 -45.42
CA PRO A 231 0.64 -5.97 -44.79
C PRO A 231 0.19 -5.38 -43.46
N ILE A 232 -1.06 -5.61 -43.07
CA ILE A 232 -1.59 -5.12 -41.80
C ILE A 232 -1.99 -6.31 -40.95
N GLY A 233 -1.34 -6.44 -39.81
CA GLY A 233 -1.71 -7.42 -38.81
C GLY A 233 -2.37 -6.68 -37.65
N HIS A 234 -2.97 -7.44 -36.71
CA HIS A 234 -3.59 -6.78 -35.58
C HIS A 234 -3.53 -7.56 -34.29
N ALA A 235 -3.41 -6.80 -33.19
CA ALA A 235 -3.52 -7.38 -31.87
C ALA A 235 -5.01 -7.58 -31.62
N LEU A 236 -5.37 -8.45 -30.67
CA LEU A 236 -6.76 -8.72 -30.38
C LEU A 236 -7.62 -7.44 -30.14
N GLY A 237 -7.09 -6.46 -29.43
CA GLY A 237 -7.81 -5.23 -29.13
C GLY A 237 -8.08 -4.34 -30.33
N GLY A 238 -7.35 -4.53 -31.43
CA GLY A 238 -7.57 -3.77 -32.67
C GLY A 238 -8.39 -4.48 -33.72
N LYS A 239 -8.72 -5.76 -33.49
CA LYS A 239 -9.49 -6.58 -34.42
C LYS A 239 -10.80 -5.89 -34.86
N GLN A 240 -11.55 -5.34 -33.91
CA GLN A 240 -12.84 -4.69 -34.19
C GLN A 240 -12.71 -3.58 -35.23
N TYR A 241 -11.60 -2.86 -35.19
CA TYR A 241 -11.45 -1.67 -36.01
C TYR A 241 -10.76 -1.87 -37.35
N ILE A 242 -9.74 -2.76 -37.44
CA ILE A 242 -8.94 -2.80 -38.65
C ILE A 242 -9.07 -4.09 -39.49
N GLN A 243 -9.62 -5.18 -38.95
CA GLN A 243 -9.72 -6.42 -39.71
C GLN A 243 -10.66 -6.33 -40.92
N HIS A 244 -11.83 -5.67 -40.77
CA HIS A 244 -12.84 -5.67 -41.84
C HIS A 244 -12.49 -4.78 -43.04
N GLU A 245 -13.00 -5.15 -44.25
CA GLU A 245 -12.79 -4.42 -45.52
C GLU A 245 -11.33 -3.94 -45.65
N ASN A 246 -10.40 -4.86 -45.51
CA ASN A 246 -8.98 -4.53 -45.49
C ASN A 246 -8.24 -5.46 -46.44
N PRO A 247 -7.83 -4.97 -47.61
CA PRO A 247 -7.14 -5.85 -48.57
C PRO A 247 -5.67 -6.16 -48.18
N PHE A 248 -5.18 -5.61 -47.06
CA PHE A 248 -3.81 -5.86 -46.58
C PHE A 248 -3.76 -6.81 -45.40
N GLU A 249 -4.92 -7.28 -44.90
CA GLU A 249 -5.02 -8.07 -43.68
C GLU A 249 -4.24 -9.38 -43.73
N VAL A 250 -3.40 -9.60 -42.70
CA VAL A 250 -2.63 -10.83 -42.55
C VAL A 250 -2.85 -11.49 -41.17
N GLY A 251 -3.96 -11.15 -40.50
CA GLY A 251 -4.34 -11.82 -39.28
C GLY A 251 -3.75 -11.35 -37.97
N MET A 252 -3.61 -12.31 -37.05
CA MET A 252 -3.15 -12.05 -35.70
C MET A 252 -1.91 -12.84 -35.34
N SER A 253 -1.23 -12.37 -34.32
CA SER A 253 -0.04 -12.98 -33.75
C SER A 253 -0.36 -13.55 -32.35
N GLY A 254 0.60 -14.21 -31.73
CA GLY A 254 0.40 -14.84 -30.43
C GLY A 254 -0.13 -16.25 -30.55
N LEU A 255 -0.41 -16.89 -29.42
CA LEU A 255 -0.87 -18.28 -29.39
C LEU A 255 -2.26 -18.46 -30.04
N LEU A 256 -3.16 -17.48 -29.93
CA LEU A 256 -4.46 -17.64 -30.64
C LEU A 256 -4.45 -16.95 -32.04
N GLY A 257 -3.26 -16.59 -32.51
CA GLY A 257 -3.09 -15.98 -33.81
C GLY A 257 -3.25 -16.96 -34.94
N TYR A 258 -3.19 -16.46 -36.14
CA TYR A 258 -3.37 -17.24 -37.36
C TYR A 258 -2.89 -16.41 -38.55
N GLY A 259 -2.70 -17.08 -39.67
CA GLY A 259 -2.30 -16.40 -40.88
C GLY A 259 -0.84 -16.00 -40.91
N ALA A 260 -0.50 -15.09 -41.79
CA ALA A 260 0.88 -14.69 -41.99
C ALA A 260 1.33 -13.51 -41.13
N CYS A 261 0.55 -13.10 -40.12
CA CYS A 261 0.94 -11.95 -39.28
C CYS A 261 2.32 -12.15 -38.64
N VAL A 262 2.60 -13.32 -38.03
CA VAL A 262 3.91 -13.54 -37.40
C VAL A 262 5.03 -13.44 -38.45
N ASP A 263 4.82 -14.01 -39.66
CA ASP A 263 5.83 -13.96 -40.72
C ASP A 263 6.04 -12.54 -41.19
N ALA A 264 4.95 -11.81 -41.48
CA ALA A 264 5.01 -10.46 -41.98
C ALA A 264 5.69 -9.52 -40.99
N SER A 265 5.40 -9.70 -39.70
CA SER A 265 5.99 -8.85 -38.67
C SER A 265 7.48 -9.09 -38.52
N ASN A 266 7.92 -10.34 -38.62
CA ASN A 266 9.31 -10.70 -38.40
C ASN A 266 10.16 -10.66 -39.67
N GLU A 267 9.56 -10.62 -40.86
CA GLU A 267 10.38 -10.62 -42.09
C GLU A 267 10.47 -9.24 -42.73
N ALA A 268 9.62 -8.28 -42.35
CA ALA A 268 9.68 -6.95 -42.92
C ALA A 268 10.96 -6.22 -42.53
N ASP A 269 11.44 -5.28 -43.39
CA ASP A 269 12.58 -4.44 -43.03
C ASP A 269 12.21 -3.58 -41.83
N LEU A 270 10.95 -3.11 -41.76
CA LEU A 270 10.49 -2.27 -40.66
C LEU A 270 9.13 -2.74 -40.18
N LEU A 271 8.98 -2.90 -38.86
CA LEU A 271 7.70 -3.19 -38.24
C LEU A 271 7.22 -1.92 -37.57
N ILE A 272 5.97 -1.50 -37.82
CA ILE A 272 5.42 -0.34 -37.15
C ILE A 272 4.30 -0.77 -36.22
N LEU A 273 4.50 -0.60 -34.91
CA LEU A 273 3.49 -0.88 -33.91
C LEU A 273 2.59 0.35 -33.83
N LEU A 274 1.33 0.22 -34.24
CA LEU A 274 0.41 1.36 -34.23
C LEU A 274 -0.65 1.16 -33.19
N GLY A 275 -0.63 2.00 -32.15
CA GLY A 275 -1.59 1.93 -31.06
C GLY A 275 -1.80 0.56 -30.47
N THR A 276 -0.71 -0.13 -30.07
CA THR A 276 -0.83 -1.48 -29.54
C THR A 276 0.11 -1.69 -28.38
N ASP A 277 -0.33 -2.50 -27.44
CA ASP A 277 0.51 -2.87 -26.30
C ASP A 277 0.54 -4.41 -26.18
N PHE A 278 0.50 -5.14 -27.34
CA PHE A 278 0.56 -6.59 -27.47
C PHE A 278 1.70 -7.13 -26.64
N PRO A 279 1.41 -7.92 -25.60
CA PRO A 279 2.47 -8.23 -24.62
C PRO A 279 3.38 -9.41 -24.89
N TYR A 280 3.11 -10.21 -25.91
CA TYR A 280 3.88 -11.45 -26.14
C TYR A 280 5.16 -11.18 -26.96
N SER A 281 6.20 -10.68 -26.27
CA SER A 281 7.50 -10.31 -26.80
C SER A 281 8.16 -11.37 -27.67
N ASP A 282 8.01 -12.67 -27.34
CA ASP A 282 8.61 -13.75 -28.10
C ASP A 282 8.14 -13.79 -29.56
N PHE A 283 6.97 -13.24 -29.86
CA PHE A 283 6.42 -13.19 -31.23
C PHE A 283 6.87 -11.93 -31.99
N LEU A 284 7.49 -10.93 -31.31
CA LEU A 284 7.86 -9.68 -31.95
C LEU A 284 9.31 -9.63 -32.36
N PRO A 285 9.63 -9.03 -33.51
CA PRO A 285 11.04 -8.85 -33.88
C PRO A 285 11.71 -7.77 -33.02
N LYS A 286 13.06 -7.73 -33.05
CA LYS A 286 13.85 -6.76 -32.31
C LYS A 286 14.70 -5.84 -33.24
N ASP A 287 14.96 -6.28 -34.47
CA ASP A 287 15.87 -5.60 -35.38
C ASP A 287 15.52 -4.14 -35.76
N ASN A 288 14.29 -3.84 -36.21
CA ASN A 288 13.95 -2.50 -36.70
C ASN A 288 12.48 -2.23 -36.50
N VAL A 289 12.14 -1.65 -35.34
CA VAL A 289 10.75 -1.46 -34.96
C VAL A 289 10.48 0.00 -34.63
N ALA A 290 9.37 0.51 -35.15
CA ALA A 290 8.83 1.82 -34.80
C ALA A 290 7.58 1.61 -33.95
N GLN A 291 7.25 2.57 -33.08
CA GLN A 291 6.04 2.45 -32.30
C GLN A 291 5.41 3.79 -32.12
N VAL A 292 4.11 3.89 -32.47
CA VAL A 292 3.34 5.11 -32.25
C VAL A 292 2.36 4.85 -31.13
N ASP A 293 2.46 5.60 -30.02
CA ASP A 293 1.52 5.43 -28.92
C ASP A 293 1.20 6.78 -28.30
N ILE A 294 -0.06 6.99 -27.92
CA ILE A 294 -0.52 8.25 -27.33
C ILE A 294 0.04 8.44 -25.92
N ASN A 295 0.39 7.33 -25.23
CA ASN A 295 0.96 7.39 -23.91
C ASN A 295 2.45 7.03 -24.05
N GLY A 296 3.33 8.02 -23.94
CA GLY A 296 4.76 7.85 -24.08
C GLY A 296 5.35 6.76 -23.19
N ALA A 297 4.77 6.55 -21.98
CA ALA A 297 5.27 5.55 -21.03
C ALA A 297 5.11 4.10 -21.57
N HIS A 298 4.19 3.89 -22.54
CA HIS A 298 3.95 2.54 -23.08
C HIS A 298 4.93 2.17 -24.18
N ILE A 299 5.68 3.13 -24.75
CA ILE A 299 6.54 2.83 -25.88
C ILE A 299 7.73 1.97 -25.45
N GLY A 300 8.02 0.93 -26.24
CA GLY A 300 9.16 0.04 -25.97
C GLY A 300 8.96 -0.93 -24.83
N ARG A 301 7.74 -1.08 -24.36
CA ARG A 301 7.43 -2.02 -23.29
C ARG A 301 7.62 -3.48 -23.73
N ARG A 302 7.41 -3.76 -25.03
CA ARG A 302 7.32 -5.15 -25.51
C ARG A 302 8.48 -5.66 -26.37
N THR A 303 9.24 -4.78 -27.00
CA THR A 303 10.39 -5.17 -27.81
C THR A 303 11.31 -3.96 -28.00
N THR A 304 12.46 -4.13 -28.65
CA THR A 304 13.36 -3.02 -28.98
C THR A 304 12.65 -2.07 -29.93
N VAL A 305 12.50 -0.81 -29.56
CA VAL A 305 11.91 0.19 -30.42
C VAL A 305 13.00 1.20 -30.79
N LYS A 306 13.35 1.32 -32.06
CA LYS A 306 14.35 2.29 -32.51
C LYS A 306 13.70 3.63 -32.90
N TYR A 307 12.41 3.63 -33.29
CA TYR A 307 11.74 4.89 -33.71
C TYR A 307 10.51 5.11 -32.87
N PRO A 308 10.70 5.67 -31.66
CA PRO A 308 9.55 5.88 -30.78
C PRO A 308 8.82 7.15 -31.13
N VAL A 309 7.49 7.11 -31.14
CA VAL A 309 6.70 8.29 -31.45
C VAL A 309 5.58 8.47 -30.47
N THR A 310 5.62 9.53 -29.64
CA THR A 310 4.48 9.81 -28.75
C THR A 310 3.48 10.60 -29.57
N GLY A 311 2.32 10.02 -29.84
CA GLY A 311 1.30 10.70 -30.62
C GLY A 311 0.12 9.82 -30.97
N ASP A 312 -0.93 10.46 -31.43
CA ASP A 312 -2.14 9.80 -31.87
C ASP A 312 -1.87 9.13 -33.22
N VAL A 313 -2.41 7.94 -33.47
CA VAL A 313 -2.17 7.26 -34.75
C VAL A 313 -2.65 8.10 -35.95
N ALA A 314 -3.92 8.55 -35.94
CA ALA A 314 -4.43 9.32 -37.08
C ALA A 314 -3.64 10.59 -37.33
N ALA A 315 -3.40 11.40 -36.29
CA ALA A 315 -2.67 12.66 -36.45
C ALA A 315 -1.21 12.41 -36.91
N THR A 316 -0.54 11.37 -36.39
CA THR A 316 0.83 11.06 -36.78
C THR A 316 0.89 10.68 -38.26
N ILE A 317 -0.05 9.82 -38.72
CA ILE A 317 -0.06 9.40 -40.12
C ILE A 317 -0.38 10.60 -41.03
N GLU A 318 -1.32 11.48 -40.64
CA GLU A 318 -1.61 12.67 -41.45
C GLU A 318 -0.39 13.58 -41.54
N ASN A 319 0.38 13.68 -40.45
CA ASN A 319 1.59 14.50 -40.38
C ASN A 319 2.69 13.96 -41.29
N ILE A 320 2.88 12.62 -41.34
CA ILE A 320 3.98 12.06 -42.11
C ILE A 320 3.66 11.72 -43.57
N LEU A 321 2.38 11.49 -43.91
CA LEU A 321 2.00 11.04 -45.25
C LEU A 321 2.58 11.86 -46.40
N PRO A 322 2.55 13.22 -46.42
CA PRO A 322 3.13 13.95 -47.57
C PRO A 322 4.63 13.73 -47.73
N HIS A 323 5.34 13.29 -46.68
CA HIS A 323 6.78 13.07 -46.73
C HIS A 323 7.17 11.60 -46.99
N VAL A 324 6.20 10.70 -46.99
CA VAL A 324 6.45 9.29 -47.24
C VAL A 324 6.34 9.06 -48.74
N LYS A 325 7.39 8.51 -49.33
CA LYS A 325 7.40 8.24 -50.76
C LYS A 325 6.63 6.97 -51.07
N GLU A 326 5.87 6.98 -52.15
CA GLU A 326 5.11 5.82 -52.56
C GLU A 326 6.05 4.66 -52.96
N LYS A 327 5.78 3.47 -52.45
CA LYS A 327 6.57 2.31 -52.79
C LYS A 327 5.88 1.55 -53.92
N THR A 328 6.60 1.30 -55.03
CA THR A 328 5.99 0.53 -56.12
C THR A 328 6.30 -0.97 -56.00
N ASP A 329 7.29 -1.36 -55.20
CA ASP A 329 7.60 -2.77 -54.99
C ASP A 329 6.61 -3.36 -53.96
N ARG A 330 5.72 -4.20 -54.43
CA ARG A 330 4.69 -4.92 -53.67
C ARG A 330 5.07 -6.36 -53.40
N SER A 331 6.29 -6.84 -53.80
CA SER A 331 6.60 -8.27 -53.70
C SER A 331 6.45 -8.84 -52.30
N PHE A 332 6.85 -8.09 -51.28
CA PHE A 332 6.70 -8.53 -49.89
C PHE A 332 5.22 -8.66 -49.52
N LEU A 333 4.39 -7.64 -49.82
CA LEU A 333 2.95 -7.67 -49.53
C LEU A 333 2.28 -8.87 -50.21
N ASP A 334 2.59 -9.10 -51.49
CA ASP A 334 2.00 -10.21 -52.24
C ASP A 334 2.44 -11.55 -51.68
N ARG A 335 3.71 -11.67 -51.32
CA ARG A 335 4.23 -12.90 -50.75
C ARG A 335 3.53 -13.21 -49.40
N MET A 336 3.28 -12.17 -48.58
CA MET A 336 2.63 -12.32 -47.28
C MET A 336 1.15 -12.61 -47.43
N LEU A 337 0.47 -12.00 -48.41
CA LEU A 337 -0.93 -12.27 -48.67
C LEU A 337 -1.11 -13.71 -49.17
N LYS A 338 -0.16 -14.20 -50.00
CA LYS A 338 -0.24 -15.59 -50.46
C LYS A 338 0.01 -16.57 -49.33
N ALA A 339 0.97 -16.26 -48.44
CA ALA A 339 1.26 -17.11 -47.29
C ALA A 339 0.03 -17.17 -46.37
N HIS A 340 -0.66 -16.02 -46.18
CA HIS A 340 -1.87 -15.90 -45.36
C HIS A 340 -2.96 -16.79 -45.93
N GLU A 341 -3.20 -16.71 -47.23
CA GLU A 341 -4.22 -17.50 -47.88
C GLU A 341 -3.87 -18.99 -47.86
N ARG A 342 -2.60 -19.34 -48.03
CA ARG A 342 -2.20 -20.76 -48.02
C ARG A 342 -2.39 -21.36 -46.63
N LYS A 343 -2.12 -20.59 -45.56
CA LYS A 343 -2.30 -21.09 -44.20
C LYS A 343 -3.78 -21.30 -43.89
N LEU A 344 -4.64 -20.35 -44.28
CA LEU A 344 -6.08 -20.47 -44.01
C LEU A 344 -6.71 -21.58 -44.89
N SER A 345 -6.28 -21.71 -46.16
CA SER A 345 -6.82 -22.76 -47.03
C SER A 345 -6.43 -24.14 -46.56
N SER A 346 -5.22 -24.32 -46.02
CA SER A 346 -4.79 -25.64 -45.54
C SER A 346 -5.71 -26.14 -44.42
N VAL A 347 -6.16 -25.23 -43.54
CA VAL A 347 -7.07 -25.57 -42.46
C VAL A 347 -8.46 -25.95 -43.03
N VAL A 348 -8.99 -25.12 -43.93
CA VAL A 348 -10.30 -25.36 -44.54
C VAL A 348 -10.30 -26.69 -45.34
N GLU A 349 -9.23 -26.98 -46.08
CA GLU A 349 -9.15 -28.20 -46.89
C GLU A 349 -9.07 -29.44 -46.01
N THR A 350 -8.39 -29.35 -44.87
CA THR A 350 -8.21 -30.48 -43.97
C THR A 350 -9.43 -30.77 -43.08
N TYR A 351 -10.04 -29.73 -42.49
CA TYR A 351 -11.09 -29.94 -41.50
C TYR A 351 -12.55 -29.72 -41.94
N THR A 352 -12.82 -28.91 -42.99
CA THR A 352 -14.22 -28.62 -43.37
C THR A 352 -15.05 -29.89 -43.71
N HIS A 353 -14.41 -30.90 -44.29
CA HIS A 353 -15.07 -32.11 -44.73
C HIS A 353 -15.80 -32.91 -43.63
N ASN A 354 -15.23 -33.05 -42.41
CA ASN A 354 -15.89 -33.86 -41.38
C ASN A 354 -16.35 -33.09 -40.16
N VAL A 355 -16.33 -31.74 -40.18
CA VAL A 355 -16.73 -30.99 -38.98
C VAL A 355 -18.23 -31.06 -38.72
N GLU A 356 -19.06 -31.06 -39.76
CA GLU A 356 -20.52 -31.11 -39.62
C GLU A 356 -21.03 -32.43 -39.03
N LYS A 357 -20.18 -33.47 -38.94
CA LYS A 357 -20.62 -34.75 -38.39
C LYS A 357 -19.93 -35.11 -37.05
N HIS A 358 -18.96 -34.32 -36.59
CA HIS A 358 -18.23 -34.62 -35.36
C HIS A 358 -19.05 -34.35 -34.09
N VAL A 359 -19.02 -35.34 -33.18
CA VAL A 359 -19.68 -35.32 -31.87
C VAL A 359 -18.60 -35.61 -30.81
N PRO A 360 -18.44 -34.79 -29.74
CA PRO A 360 -19.18 -33.56 -29.42
C PRO A 360 -18.93 -32.45 -30.46
N ILE A 361 -19.88 -31.52 -30.59
CA ILE A 361 -19.81 -30.44 -31.58
C ILE A 361 -18.49 -29.65 -31.52
N HIS A 362 -17.89 -29.40 -32.68
CA HIS A 362 -16.67 -28.59 -32.77
C HIS A 362 -17.01 -27.13 -32.47
N PRO A 363 -16.37 -26.51 -31.46
CA PRO A 363 -16.66 -25.09 -31.16
C PRO A 363 -16.32 -24.15 -32.32
N GLU A 364 -15.38 -24.52 -33.18
CA GLU A 364 -15.05 -23.70 -34.36
C GLU A 364 -16.24 -23.63 -35.32
N TYR A 365 -17.01 -24.73 -35.42
CA TYR A 365 -18.20 -24.79 -36.25
C TYR A 365 -19.28 -23.88 -35.66
N VAL A 366 -19.47 -23.94 -34.34
CA VAL A 366 -20.41 -23.05 -33.63
C VAL A 366 -20.07 -21.59 -33.87
N ALA A 367 -18.79 -21.21 -33.74
CA ALA A 367 -18.38 -19.82 -33.91
C ALA A 367 -18.61 -19.36 -35.36
N SER A 368 -18.34 -20.21 -36.37
CA SER A 368 -18.61 -19.87 -37.78
C SER A 368 -20.07 -19.54 -38.01
N ILE A 369 -20.96 -20.37 -37.45
CA ILE A 369 -22.40 -20.20 -37.57
C ILE A 369 -22.82 -18.93 -36.85
N LEU A 370 -22.32 -18.70 -35.62
CA LEU A 370 -22.63 -17.50 -34.85
C LEU A 370 -22.25 -16.24 -35.65
N ASN A 371 -21.08 -16.25 -36.29
CA ASN A 371 -20.65 -15.13 -37.11
C ASN A 371 -21.67 -14.85 -38.26
N GLU A 372 -22.18 -15.90 -38.90
CA GLU A 372 -23.13 -15.76 -39.99
C GLU A 372 -24.52 -15.34 -39.51
N LEU A 373 -25.00 -15.88 -38.40
CA LEU A 373 -26.37 -15.65 -37.95
C LEU A 373 -26.57 -14.37 -37.12
N ALA A 374 -25.55 -13.90 -36.39
CA ALA A 374 -25.73 -12.71 -35.54
C ALA A 374 -25.91 -11.47 -36.36
N ASP A 375 -26.64 -10.49 -35.83
CA ASP A 375 -26.85 -9.21 -36.51
C ASP A 375 -25.52 -8.53 -36.86
N LYS A 376 -25.54 -7.72 -37.93
CA LYS A 376 -24.36 -6.99 -38.36
C LYS A 376 -23.96 -5.89 -37.36
N ASP A 377 -24.84 -5.54 -36.41
CA ASP A 377 -24.49 -4.55 -35.39
C ASP A 377 -24.51 -5.18 -33.97
N ALA A 378 -24.42 -6.50 -33.85
CA ALA A 378 -24.48 -7.15 -32.53
C ALA A 378 -23.31 -6.78 -31.63
N VAL A 379 -23.52 -6.84 -30.33
CA VAL A 379 -22.45 -6.75 -29.37
C VAL A 379 -22.05 -8.20 -29.08
N PHE A 380 -20.78 -8.53 -29.11
CA PHE A 380 -20.29 -9.84 -28.70
C PHE A 380 -19.48 -9.65 -27.43
N THR A 381 -19.83 -10.38 -26.35
CA THR A 381 -18.99 -10.36 -25.14
C THR A 381 -18.29 -11.72 -25.14
N VAL A 382 -17.04 -11.75 -24.68
CA VAL A 382 -16.24 -12.98 -24.81
C VAL A 382 -15.65 -13.40 -23.49
N ASP A 383 -16.04 -14.60 -22.99
CA ASP A 383 -15.50 -15.15 -21.73
C ASP A 383 -14.03 -15.54 -21.92
N THR A 384 -13.19 -15.23 -20.95
CA THR A 384 -11.77 -15.57 -21.04
C THR A 384 -11.56 -17.08 -21.09
N GLY A 385 -10.79 -17.54 -22.05
CA GLY A 385 -10.53 -18.97 -22.24
C GLY A 385 -10.55 -19.32 -23.70
N MET A 386 -10.97 -20.55 -24.06
CA MET A 386 -11.03 -20.97 -25.49
C MET A 386 -12.00 -20.11 -26.28
N CYS A 387 -13.00 -19.47 -25.65
CA CYS A 387 -13.89 -18.56 -26.39
C CYS A 387 -13.10 -17.40 -27.01
N ASN A 388 -11.95 -17.00 -26.42
CA ASN A 388 -11.12 -15.96 -27.05
C ASN A 388 -10.57 -16.44 -28.38
N VAL A 389 -10.24 -17.73 -28.49
CA VAL A 389 -9.73 -18.31 -29.72
C VAL A 389 -10.82 -18.32 -30.77
N TRP A 390 -12.04 -18.75 -30.39
CA TRP A 390 -13.14 -18.83 -31.35
C TRP A 390 -13.57 -17.44 -31.81
N HIS A 391 -13.60 -16.47 -30.88
CA HIS A 391 -13.97 -15.10 -31.23
C HIS A 391 -12.91 -14.49 -32.18
N ALA A 392 -11.63 -14.56 -31.80
CA ALA A 392 -10.54 -13.99 -32.61
C ALA A 392 -10.48 -14.56 -34.01
N ARG A 393 -10.62 -15.88 -34.17
CA ARG A 393 -10.49 -16.50 -35.50
C ARG A 393 -11.75 -16.56 -36.33
N TYR A 394 -12.96 -16.52 -35.72
CA TYR A 394 -14.17 -16.72 -36.51
C TYR A 394 -15.19 -15.57 -36.48
N ILE A 395 -15.19 -14.68 -35.47
CA ILE A 395 -16.18 -13.60 -35.45
C ILE A 395 -15.63 -12.41 -36.19
N GLU A 396 -16.31 -11.99 -37.24
CA GLU A 396 -15.88 -10.87 -38.06
C GLU A 396 -16.71 -9.63 -37.73
N ASN A 397 -16.33 -8.49 -38.31
CA ASN A 397 -17.06 -7.25 -38.12
C ASN A 397 -17.27 -6.58 -39.48
N PRO A 398 -18.02 -7.23 -40.40
CA PRO A 398 -18.29 -6.58 -41.69
C PRO A 398 -19.16 -5.33 -41.46
N GLU A 399 -18.89 -4.27 -42.17
CA GLU A 399 -19.62 -3.01 -41.96
C GLU A 399 -19.16 -2.26 -40.70
N GLY A 400 -18.32 -2.87 -39.85
CA GLY A 400 -17.77 -2.20 -38.68
C GLY A 400 -18.74 -1.77 -37.61
N THR A 401 -19.96 -2.29 -37.61
CA THR A 401 -20.98 -1.89 -36.63
C THR A 401 -21.13 -2.87 -35.43
N ARG A 402 -20.40 -3.98 -35.42
CA ARG A 402 -20.40 -4.87 -34.26
C ARG A 402 -19.43 -4.33 -33.19
N ASP A 403 -19.72 -4.61 -31.91
CA ASP A 403 -18.82 -4.22 -30.82
C ASP A 403 -18.29 -5.48 -30.14
N PHE A 404 -17.00 -5.52 -29.81
CA PHE A 404 -16.41 -6.66 -29.14
C PHE A 404 -15.98 -6.24 -27.75
N VAL A 405 -16.54 -6.89 -26.69
CA VAL A 405 -16.20 -6.58 -25.30
C VAL A 405 -15.70 -7.84 -24.61
N GLY A 406 -14.57 -7.76 -23.95
CA GLY A 406 -14.00 -8.91 -23.26
C GLY A 406 -12.99 -8.52 -22.20
N SER A 407 -12.42 -9.51 -21.53
CA SER A 407 -11.37 -9.26 -20.56
C SER A 407 -10.03 -9.49 -21.26
N PHE A 408 -9.78 -8.73 -22.33
CA PHE A 408 -8.60 -8.95 -23.15
C PHE A 408 -7.30 -8.61 -22.47
N ARG A 409 -7.29 -7.72 -21.47
CA ARG A 409 -6.03 -7.32 -20.85
C ARG A 409 -5.88 -7.88 -19.44
N HIS A 410 -6.93 -7.76 -18.63
CA HIS A 410 -6.89 -8.32 -17.27
C HIS A 410 -6.99 -9.86 -17.31
N GLY A 411 -7.64 -10.41 -18.35
CA GLY A 411 -7.77 -11.85 -18.55
C GLY A 411 -8.50 -12.60 -17.47
N THR A 412 -9.60 -12.03 -16.94
CA THR A 412 -10.35 -12.77 -15.91
C THR A 412 -11.44 -13.62 -16.57
N MET A 413 -11.66 -14.84 -16.00
CA MET A 413 -12.81 -15.66 -16.37
C MET A 413 -14.08 -14.94 -15.90
N ALA A 414 -15.25 -15.42 -16.35
CA ALA A 414 -16.58 -15.03 -15.89
C ALA A 414 -17.03 -13.64 -16.29
N ASN A 415 -16.33 -12.94 -17.18
CA ASN A 415 -16.75 -11.60 -17.59
C ASN A 415 -17.90 -11.58 -18.58
N ALA A 416 -18.09 -12.62 -19.42
CA ALA A 416 -19.02 -12.55 -20.55
C ALA A 416 -20.44 -12.19 -20.16
N LEU A 417 -21.08 -12.93 -19.23
CA LEU A 417 -22.47 -12.67 -18.87
C LEU A 417 -22.59 -11.28 -18.21
N PRO A 418 -21.77 -10.91 -17.19
CA PRO A 418 -21.89 -9.55 -16.61
C PRO A 418 -21.57 -8.43 -17.62
N HIS A 419 -20.61 -8.65 -18.53
CA HIS A 419 -20.37 -7.66 -19.61
C HIS A 419 -21.62 -7.52 -20.49
N ALA A 420 -22.26 -8.66 -20.82
CA ALA A 420 -23.47 -8.65 -21.65
C ALA A 420 -24.61 -7.94 -20.94
N ILE A 421 -24.71 -8.08 -19.62
CA ILE A 421 -25.76 -7.41 -18.84
C ILE A 421 -25.60 -5.89 -18.98
N GLY A 422 -24.38 -5.38 -18.84
CA GLY A 422 -24.11 -3.96 -19.00
C GLY A 422 -24.34 -3.47 -20.43
N ALA A 423 -23.82 -4.21 -21.42
CA ALA A 423 -23.99 -3.82 -22.82
C ALA A 423 -25.44 -3.83 -23.23
N GLN A 424 -26.21 -4.83 -22.79
CA GLN A 424 -27.62 -4.96 -23.17
C GLN A 424 -28.48 -3.86 -22.55
N SER A 425 -28.14 -3.44 -21.31
CA SER A 425 -28.86 -2.40 -20.60
C SER A 425 -28.83 -1.05 -21.35
N VAL A 426 -27.80 -0.81 -22.18
CA VAL A 426 -27.70 0.44 -22.93
C VAL A 426 -28.87 0.59 -23.93
N ASP A 427 -29.18 -0.49 -24.67
CA ASP A 427 -30.23 -0.46 -25.70
C ASP A 427 -30.82 -1.85 -25.81
N ARG A 428 -32.03 -2.05 -25.30
CA ARG A 428 -32.68 -3.35 -25.32
C ARG A 428 -33.10 -3.80 -26.74
N ASN A 429 -33.04 -2.91 -27.74
CA ASN A 429 -33.38 -3.27 -29.11
C ASN A 429 -32.15 -3.73 -29.92
N ARG A 430 -30.96 -3.76 -29.30
CA ARG A 430 -29.74 -4.19 -29.97
C ARG A 430 -29.38 -5.60 -29.53
N GLN A 431 -29.04 -6.48 -30.48
CA GLN A 431 -28.66 -7.83 -30.16
C GLN A 431 -27.32 -7.89 -29.41
N VAL A 432 -27.30 -8.64 -28.30
CA VAL A 432 -26.12 -8.85 -27.49
C VAL A 432 -25.93 -10.35 -27.35
N ILE A 433 -24.78 -10.84 -27.78
CA ILE A 433 -24.41 -12.24 -27.71
C ILE A 433 -23.29 -12.41 -26.71
N ALA A 434 -23.49 -13.25 -25.71
CA ALA A 434 -22.42 -13.54 -24.75
C ALA A 434 -21.82 -14.89 -25.12
N MET A 435 -20.53 -14.94 -25.44
CA MET A 435 -19.84 -16.19 -25.71
C MET A 435 -19.30 -16.67 -24.39
N CYS A 436 -20.05 -17.53 -23.68
CA CYS A 436 -19.68 -18.00 -22.34
C CYS A 436 -18.93 -19.31 -22.38
N GLY A 437 -18.05 -19.48 -21.43
CA GLY A 437 -17.43 -20.76 -21.15
C GLY A 437 -18.22 -21.41 -20.01
N ASP A 438 -18.18 -22.74 -19.89
CA ASP A 438 -18.87 -23.41 -18.78
C ASP A 438 -18.19 -23.02 -17.43
N GLY A 439 -16.87 -22.84 -17.45
CA GLY A 439 -16.14 -22.44 -16.26
C GLY A 439 -16.50 -21.02 -15.88
N GLY A 440 -16.47 -20.11 -16.87
CA GLY A 440 -16.81 -18.72 -16.60
C GLY A 440 -18.24 -18.53 -16.10
N LEU A 441 -19.23 -19.21 -16.74
CA LEU A 441 -20.62 -19.08 -16.33
C LEU A 441 -20.84 -19.64 -14.93
N GLY A 442 -20.27 -20.81 -14.64
CA GLY A 442 -20.38 -21.42 -13.32
C GLY A 442 -19.80 -20.55 -12.21
N MET A 443 -18.78 -19.76 -12.54
CA MET A 443 -18.08 -18.88 -11.60
C MET A 443 -19.00 -17.74 -11.10
N LEU A 444 -19.92 -17.23 -11.94
CA LEU A 444 -20.86 -16.18 -11.52
C LEU A 444 -22.28 -16.59 -11.96
N LEU A 445 -22.64 -17.84 -11.67
CA LEU A 445 -23.91 -18.42 -12.13
C LEU A 445 -25.15 -17.65 -11.66
N GLY A 446 -25.07 -17.02 -10.48
CA GLY A 446 -26.19 -16.26 -9.95
C GLY A 446 -26.62 -15.08 -10.80
N GLU A 447 -25.78 -14.63 -11.75
CA GLU A 447 -26.16 -13.55 -12.64
C GLU A 447 -27.22 -13.99 -13.66
N LEU A 448 -27.54 -15.30 -13.76
CA LEU A 448 -28.69 -15.75 -14.55
C LEU A 448 -29.98 -15.17 -13.91
N LEU A 449 -30.01 -15.03 -12.57
CA LEU A 449 -31.14 -14.44 -11.84
C LEU A 449 -31.28 -12.95 -12.15
N THR A 450 -30.16 -12.26 -12.45
CA THR A 450 -30.13 -10.84 -12.83
C THR A 450 -30.68 -10.68 -14.23
N VAL A 451 -30.31 -11.58 -15.15
CA VAL A 451 -30.85 -11.59 -16.52
C VAL A 451 -32.38 -11.76 -16.47
N LYS A 452 -32.87 -12.70 -15.66
CA LYS A 452 -34.30 -12.97 -15.50
C LYS A 452 -34.99 -11.75 -14.88
N LEU A 453 -34.47 -11.23 -13.76
CA LEU A 453 -35.07 -10.11 -13.04
C LEU A 453 -35.25 -8.88 -13.94
N HIS A 454 -34.21 -8.50 -14.71
CA HIS A 454 -34.28 -7.32 -15.57
C HIS A 454 -34.77 -7.62 -16.99
N GLN A 455 -35.05 -8.89 -17.33
CA GLN A 455 -35.53 -9.36 -18.62
C GLN A 455 -34.66 -8.79 -19.75
N LEU A 456 -33.33 -8.85 -19.57
CA LEU A 456 -32.39 -8.34 -20.58
C LEU A 456 -32.36 -9.35 -21.67
N PRO A 457 -32.73 -8.98 -22.90
CA PRO A 457 -32.91 -10.01 -23.96
C PRO A 457 -31.61 -10.50 -24.61
N LEU A 458 -30.57 -10.69 -23.83
CA LEU A 458 -29.28 -11.13 -24.34
C LEU A 458 -29.32 -12.63 -24.67
N LYS A 459 -28.38 -13.07 -25.51
CA LYS A 459 -28.32 -14.47 -25.91
C LYS A 459 -27.05 -15.05 -25.37
N ALA A 460 -27.15 -15.87 -24.35
CA ALA A 460 -25.98 -16.44 -23.72
C ALA A 460 -25.64 -17.76 -24.40
N VAL A 461 -24.59 -17.80 -25.21
CA VAL A 461 -24.17 -19.02 -25.88
C VAL A 461 -23.08 -19.70 -25.05
N VAL A 462 -23.41 -20.81 -24.38
CA VAL A 462 -22.44 -21.52 -23.56
C VAL A 462 -21.69 -22.57 -24.39
N PHE A 463 -20.36 -22.42 -24.52
CA PHE A 463 -19.50 -23.40 -25.14
C PHE A 463 -19.18 -24.43 -24.06
N ASN A 464 -20.12 -25.36 -23.83
CA ASN A 464 -20.04 -26.28 -22.72
C ASN A 464 -19.15 -27.48 -23.02
N ASN A 465 -17.85 -27.34 -22.75
CA ASN A 465 -16.92 -28.43 -23.00
C ASN A 465 -16.59 -29.22 -21.73
N SER A 466 -17.31 -28.98 -20.57
CA SER A 466 -17.09 -29.65 -19.28
C SER A 466 -15.61 -29.60 -18.90
N SER A 467 -14.96 -28.48 -19.18
CA SER A 467 -13.54 -28.39 -18.97
C SER A 467 -13.05 -26.97 -18.85
N LEU A 468 -11.88 -26.80 -18.22
CA LEU A 468 -11.14 -25.54 -18.24
C LEU A 468 -10.25 -25.70 -19.48
N GLY A 469 -10.90 -25.61 -20.64
CA GLY A 469 -10.31 -25.86 -21.95
C GLY A 469 -8.95 -25.27 -22.22
N MET A 470 -8.81 -23.98 -21.94
CA MET A 470 -7.57 -23.24 -22.15
C MET A 470 -6.44 -23.84 -21.30
N VAL A 471 -6.75 -24.29 -20.07
CA VAL A 471 -5.75 -24.90 -19.18
C VAL A 471 -5.27 -26.23 -19.74
N LYS A 472 -6.20 -27.01 -20.32
CA LYS A 472 -5.93 -28.29 -21.00
C LYS A 472 -4.86 -28.05 -22.10
N LEU A 473 -5.00 -26.95 -22.86
CA LEU A 473 -4.08 -26.55 -23.92
C LEU A 473 -2.72 -26.12 -23.35
N GLU A 474 -2.71 -25.33 -22.27
CA GLU A 474 -1.45 -24.92 -21.61
C GLU A 474 -0.66 -26.15 -21.13
N MET A 475 -1.35 -27.14 -20.54
CA MET A 475 -0.70 -28.34 -20.03
C MET A 475 -0.16 -29.20 -21.17
N LEU A 476 -0.86 -29.24 -22.32
CA LEU A 476 -0.38 -29.98 -23.48
C LEU A 476 0.91 -29.35 -24.01
N VAL A 477 0.94 -28.03 -24.12
CA VAL A 477 2.10 -27.27 -24.61
C VAL A 477 3.31 -27.47 -23.65
N GLU A 478 3.08 -27.45 -22.33
CA GLU A 478 4.15 -27.62 -21.34
C GLU A 478 4.61 -29.09 -21.16
N GLY A 479 3.92 -30.05 -21.77
CA GLY A 479 4.25 -31.46 -21.61
C GLY A 479 3.82 -32.02 -20.26
N GLN A 480 2.79 -31.43 -19.66
CA GLN A 480 2.29 -31.83 -18.35
C GLN A 480 1.06 -32.73 -18.45
N PRO A 481 1.05 -33.88 -17.75
CA PRO A 481 -0.18 -34.70 -17.72
C PRO A 481 -1.34 -33.90 -17.14
N GLU A 482 -2.46 -33.91 -17.84
CA GLU A 482 -3.64 -33.14 -17.46
C GLU A 482 -4.14 -33.48 -16.07
N PHE A 483 -4.49 -32.46 -15.29
CA PHE A 483 -5.02 -32.63 -13.95
C PHE A 483 -5.84 -31.41 -13.55
N GLY A 484 -6.98 -31.64 -12.91
CA GLY A 484 -7.85 -30.60 -12.39
C GLY A 484 -8.60 -29.76 -13.41
N THR A 485 -8.56 -30.14 -14.71
CA THR A 485 -9.20 -29.35 -15.74
C THR A 485 -10.56 -29.87 -16.17
N ASP A 486 -10.76 -31.21 -16.22
CA ASP A 486 -12.02 -31.76 -16.71
C ASP A 486 -12.88 -32.32 -15.59
N HIS A 487 -14.19 -32.05 -15.65
CA HIS A 487 -15.11 -32.51 -14.59
C HIS A 487 -16.43 -33.03 -15.19
N GLU A 488 -17.29 -33.65 -14.37
CA GLU A 488 -18.57 -34.16 -14.85
C GLU A 488 -19.44 -33.04 -15.45
N GLU A 489 -20.19 -33.39 -16.47
CA GLU A 489 -21.05 -32.50 -17.25
C GLU A 489 -22.09 -31.79 -16.41
N VAL A 490 -22.40 -30.55 -16.81
CA VAL A 490 -23.41 -29.70 -16.18
C VAL A 490 -24.45 -29.32 -17.24
N ASN A 491 -25.74 -29.39 -16.88
CA ASN A 491 -26.80 -29.02 -17.83
C ASN A 491 -27.22 -27.56 -17.56
N PHE A 492 -26.58 -26.62 -18.28
CA PHE A 492 -26.89 -25.21 -18.10
C PHE A 492 -28.28 -24.86 -18.66
N ALA A 493 -28.77 -25.59 -19.66
CA ALA A 493 -30.12 -25.34 -20.20
C ALA A 493 -31.19 -25.64 -19.13
N GLU A 494 -31.01 -26.70 -18.35
CA GLU A 494 -31.96 -27.02 -17.28
C GLU A 494 -31.86 -25.99 -16.16
N ILE A 495 -30.64 -25.51 -15.85
CA ILE A 495 -30.44 -24.53 -14.79
C ILE A 495 -31.09 -23.21 -15.20
N ALA A 496 -30.89 -22.78 -16.45
CA ALA A 496 -31.51 -21.56 -16.96
C ALA A 496 -33.04 -21.69 -16.95
N ALA A 497 -33.57 -22.86 -17.36
CA ALA A 497 -35.02 -23.10 -17.35
C ALA A 497 -35.56 -23.03 -15.92
N ALA A 498 -34.83 -23.59 -14.95
CA ALA A 498 -35.25 -23.52 -13.55
C ALA A 498 -35.22 -22.06 -13.04
N ALA A 499 -34.33 -21.21 -13.59
CA ALA A 499 -34.26 -19.79 -13.26
C ALA A 499 -35.31 -18.94 -14.04
N GLY A 500 -36.13 -19.55 -14.89
CA GLY A 500 -37.17 -18.85 -15.64
C GLY A 500 -36.72 -18.27 -16.96
N ILE A 501 -35.58 -18.72 -17.48
CA ILE A 501 -35.06 -18.22 -18.74
C ILE A 501 -35.30 -19.26 -19.83
N LYS A 502 -35.74 -18.82 -21.01
CA LYS A 502 -35.93 -19.70 -22.15
C LYS A 502 -34.58 -20.32 -22.52
N SER A 503 -34.52 -21.64 -22.71
CA SER A 503 -33.24 -22.27 -22.99
C SER A 503 -33.35 -23.40 -24.01
N VAL A 504 -32.21 -23.81 -24.55
CA VAL A 504 -32.15 -24.94 -25.48
C VAL A 504 -30.81 -25.61 -25.29
N ARG A 505 -30.79 -26.93 -25.40
CA ARG A 505 -29.56 -27.68 -25.28
C ARG A 505 -29.21 -28.24 -26.65
N ILE A 506 -28.04 -27.89 -27.21
CA ILE A 506 -27.65 -28.37 -28.53
C ILE A 506 -26.54 -29.41 -28.42
N THR A 507 -26.80 -30.64 -28.89
CA THR A 507 -25.80 -31.71 -28.86
C THR A 507 -25.49 -32.25 -30.27
N ASP A 508 -26.40 -32.06 -31.24
CA ASP A 508 -26.24 -32.55 -32.60
C ASP A 508 -25.67 -31.47 -33.51
N PRO A 509 -24.49 -31.74 -34.12
CA PRO A 509 -23.90 -30.75 -35.04
C PRO A 509 -24.80 -30.43 -36.24
N LYS A 510 -25.67 -31.36 -36.65
CA LYS A 510 -26.59 -31.13 -37.76
C LYS A 510 -27.73 -30.15 -37.38
N LYS A 511 -27.98 -29.92 -36.09
CA LYS A 511 -29.03 -29.01 -35.63
C LYS A 511 -28.52 -27.66 -35.14
N VAL A 512 -27.19 -27.48 -35.00
CA VAL A 512 -26.62 -26.22 -34.47
C VAL A 512 -27.14 -24.99 -35.21
N ARG A 513 -27.08 -24.99 -36.54
CA ARG A 513 -27.48 -23.84 -37.32
C ARG A 513 -28.94 -23.46 -37.09
N GLU A 514 -29.87 -24.40 -37.22
CA GLU A 514 -31.28 -24.08 -37.08
C GLU A 514 -31.65 -23.70 -35.65
N GLN A 515 -31.12 -24.41 -34.64
CA GLN A 515 -31.45 -24.10 -33.27
C GLN A 515 -30.84 -22.76 -32.82
N LEU A 516 -29.65 -22.41 -33.35
CA LEU A 516 -29.05 -21.12 -33.02
C LEU A 516 -29.89 -20.02 -33.67
N ALA A 517 -30.34 -20.22 -34.92
CA ALA A 517 -31.15 -19.24 -35.64
C ALA A 517 -32.45 -18.94 -34.88
N GLU A 518 -33.14 -19.99 -34.38
CA GLU A 518 -34.38 -19.81 -33.63
C GLU A 518 -34.11 -19.09 -32.30
N ALA A 519 -33.03 -19.47 -31.60
CA ALA A 519 -32.69 -18.84 -30.34
C ALA A 519 -32.34 -17.35 -30.51
N LEU A 520 -31.58 -17.01 -31.56
CA LEU A 520 -31.22 -15.60 -31.79
C LEU A 520 -32.42 -14.75 -32.19
N ALA A 521 -33.44 -15.36 -32.80
CA ALA A 521 -34.65 -14.64 -33.21
C ALA A 521 -35.67 -14.49 -32.05
N TYR A 522 -35.51 -15.23 -30.94
CA TYR A 522 -36.44 -15.14 -29.81
C TYR A 522 -36.44 -13.75 -29.17
N PRO A 523 -37.62 -13.15 -28.97
CA PRO A 523 -37.66 -11.78 -28.39
C PRO A 523 -37.61 -11.77 -26.87
N GLY A 524 -36.48 -12.12 -26.31
CA GLY A 524 -36.30 -12.21 -24.86
C GLY A 524 -35.00 -12.90 -24.51
N PRO A 525 -34.69 -13.01 -23.21
CA PRO A 525 -33.43 -13.68 -22.82
C PRO A 525 -33.42 -15.15 -23.22
N VAL A 526 -32.30 -15.67 -23.69
CA VAL A 526 -32.17 -17.09 -24.04
C VAL A 526 -30.80 -17.61 -23.61
N LEU A 527 -30.74 -18.82 -23.06
CA LEU A 527 -29.47 -19.47 -22.80
C LEU A 527 -29.37 -20.65 -23.75
N ILE A 528 -28.31 -20.71 -24.55
CA ILE A 528 -28.10 -21.78 -25.50
C ILE A 528 -26.94 -22.62 -24.98
N ASP A 529 -27.23 -23.80 -24.47
CA ASP A 529 -26.21 -24.68 -23.91
C ASP A 529 -25.70 -25.63 -25.00
N ILE A 530 -24.51 -25.39 -25.53
CA ILE A 530 -23.97 -26.22 -26.61
C ILE A 530 -22.91 -27.18 -26.08
N VAL A 531 -23.13 -28.49 -26.24
CA VAL A 531 -22.18 -29.48 -25.75
C VAL A 531 -21.04 -29.58 -26.76
N THR A 532 -19.89 -29.00 -26.44
CA THR A 532 -18.77 -28.93 -27.36
C THR A 532 -17.61 -29.86 -26.97
N ASP A 533 -16.72 -30.12 -27.93
CA ASP A 533 -15.56 -30.96 -27.75
C ASP A 533 -14.48 -30.21 -26.96
N PRO A 534 -14.05 -30.74 -25.81
CA PRO A 534 -12.98 -30.07 -25.05
C PRO A 534 -11.60 -30.19 -25.73
N ASN A 535 -11.44 -31.14 -26.65
CA ASN A 535 -10.17 -31.36 -27.34
C ASN A 535 -10.11 -30.77 -28.72
N ALA A 536 -10.98 -29.81 -29.04
CA ALA A 536 -10.99 -29.24 -30.38
C ALA A 536 -9.93 -28.14 -30.59
N LEU A 537 -9.15 -28.30 -31.69
CA LEU A 537 -8.09 -27.39 -32.10
C LEU A 537 -7.67 -27.70 -33.55
N SER A 538 -7.43 -26.67 -34.38
CA SER A 538 -7.06 -26.89 -35.78
C SER A 538 -5.53 -26.98 -35.98
N ALA B 4 11.93 -34.53 -4.62
CA ALA B 4 11.43 -33.19 -4.88
C ALA B 4 12.53 -32.32 -5.49
N HIS B 5 12.62 -32.28 -6.82
CA HIS B 5 13.63 -31.47 -7.49
C HIS B 5 13.19 -30.00 -7.63
N SER B 6 11.92 -29.75 -7.96
CA SER B 6 11.45 -28.38 -8.14
C SER B 6 10.86 -27.75 -6.85
N TYR B 7 10.74 -26.41 -6.84
CA TYR B 7 10.16 -25.70 -5.72
C TYR B 7 8.68 -26.11 -5.56
N ALA B 8 7.95 -26.34 -6.67
CA ALA B 8 6.57 -26.78 -6.61
C ALA B 8 6.45 -28.13 -5.82
N GLU B 9 7.37 -29.07 -6.07
CA GLU B 9 7.36 -30.36 -5.37
C GLU B 9 7.75 -30.22 -3.91
N GLN B 10 8.72 -29.37 -3.62
CA GLN B 10 9.14 -29.12 -2.25
C GLN B 10 8.01 -28.47 -1.44
N LEU B 11 7.25 -27.55 -2.07
CA LEU B 11 6.14 -26.90 -1.41
C LEU B 11 5.06 -27.91 -1.02
N ILE B 12 4.69 -28.78 -1.97
CA ILE B 12 3.66 -29.78 -1.73
C ILE B 12 4.13 -30.83 -0.71
N ASP B 13 5.40 -31.27 -0.81
CA ASP B 13 5.94 -32.22 0.18
C ASP B 13 5.95 -31.62 1.58
N THR B 14 6.24 -30.32 1.70
CA THR B 14 6.24 -29.63 3.00
C THR B 14 4.81 -29.59 3.57
N LEU B 15 3.80 -29.32 2.72
CA LEU B 15 2.41 -29.29 3.18
C LEU B 15 1.93 -30.69 3.58
N GLU B 16 2.34 -31.74 2.82
CA GLU B 16 1.93 -33.07 3.20
C GLU B 16 2.63 -33.49 4.51
N ALA B 17 3.90 -33.08 4.74
CA ALA B 17 4.57 -33.38 6.02
C ALA B 17 3.87 -32.65 7.20
N GLN B 18 3.17 -31.55 6.93
CA GLN B 18 2.42 -30.83 7.95
C GLN B 18 1.00 -31.44 8.19
N GLY B 19 0.63 -32.48 7.45
CA GLY B 19 -0.68 -33.12 7.60
C GLY B 19 -1.80 -32.53 6.78
N VAL B 20 -1.49 -31.67 5.79
CA VAL B 20 -2.49 -31.09 4.90
C VAL B 20 -3.08 -32.19 4.04
N LYS B 21 -4.41 -32.36 4.07
CA LYS B 21 -5.09 -33.41 3.33
C LYS B 21 -5.75 -32.97 2.04
N ARG B 22 -6.08 -31.68 1.94
CA ARG B 22 -6.79 -31.07 0.81
C ARG B 22 -6.27 -29.70 0.47
N ILE B 23 -6.44 -29.30 -0.78
CA ILE B 23 -6.19 -27.91 -1.20
C ILE B 23 -7.42 -27.49 -2.00
N TYR B 24 -8.07 -26.38 -1.64
CA TYR B 24 -9.22 -25.89 -2.40
C TYR B 24 -8.72 -24.89 -3.44
N GLY B 25 -9.17 -25.01 -4.68
CA GLY B 25 -8.75 -24.06 -5.70
C GLY B 25 -9.29 -24.34 -7.09
N LEU B 26 -8.74 -23.63 -8.07
CA LEU B 26 -9.12 -23.76 -9.46
C LEU B 26 -7.82 -23.61 -10.26
N VAL B 27 -7.44 -24.62 -11.03
CA VAL B 27 -6.16 -24.63 -11.72
C VAL B 27 -6.12 -23.65 -12.91
N GLY B 28 -4.93 -23.23 -13.29
CA GLY B 28 -4.72 -22.34 -14.42
C GLY B 28 -3.32 -21.79 -14.44
N ASP B 29 -2.82 -21.45 -15.64
CA ASP B 29 -1.54 -20.84 -15.95
C ASP B 29 -0.40 -21.13 -14.90
N SER B 30 -0.01 -20.16 -14.07
CA SER B 30 1.08 -20.26 -13.12
C SER B 30 0.89 -21.26 -12.00
N LEU B 31 -0.33 -21.72 -11.77
CA LEU B 31 -0.62 -22.71 -10.74
C LEU B 31 -0.39 -24.16 -11.29
N ASN B 32 -0.29 -24.33 -12.66
CA ASN B 32 -0.12 -25.66 -13.26
C ASN B 32 1.08 -26.47 -12.69
N PRO B 33 2.30 -25.90 -12.50
CA PRO B 33 3.40 -26.72 -11.92
C PRO B 33 3.10 -27.17 -10.48
N ILE B 34 2.35 -26.33 -9.74
CA ILE B 34 2.00 -26.67 -8.36
C ILE B 34 0.97 -27.80 -8.36
N VAL B 35 -0.04 -27.74 -9.23
CA VAL B 35 -1.03 -28.82 -9.26
C VAL B 35 -0.40 -30.11 -9.82
N ASP B 36 0.68 -30.03 -10.62
CA ASP B 36 1.39 -31.23 -11.07
C ASP B 36 2.02 -31.94 -9.87
N ALA B 37 2.52 -31.17 -8.90
CA ALA B 37 3.10 -31.72 -7.69
C ALA B 37 1.99 -32.27 -6.80
N VAL B 38 0.80 -31.59 -6.74
CA VAL B 38 -0.31 -32.09 -5.93
C VAL B 38 -0.78 -33.43 -6.53
N ARG B 39 -0.82 -33.56 -7.87
CA ARG B 39 -1.16 -34.80 -8.58
C ARG B 39 -0.32 -35.97 -8.06
N GLN B 40 0.99 -35.78 -7.92
CA GLN B 40 1.93 -36.80 -7.44
C GLN B 40 2.03 -36.91 -5.90
N SER B 41 1.09 -36.34 -5.16
CA SER B 41 1.12 -36.38 -3.69
C SER B 41 -0.14 -37.04 -3.11
N ASP B 42 -0.20 -37.14 -1.75
CA ASP B 42 -1.39 -37.61 -1.01
C ASP B 42 -2.51 -36.57 -0.93
N ILE B 43 -2.25 -35.31 -1.29
CA ILE B 43 -3.19 -34.24 -1.07
C ILE B 43 -4.31 -34.26 -2.11
N GLU B 44 -5.56 -34.14 -1.66
CA GLU B 44 -6.72 -34.08 -2.54
C GLU B 44 -6.87 -32.66 -3.15
N TRP B 45 -7.17 -32.58 -4.44
CA TRP B 45 -7.40 -31.30 -5.10
C TRP B 45 -8.91 -31.07 -5.12
N VAL B 46 -9.41 -30.00 -4.44
CA VAL B 46 -10.85 -29.78 -4.38
C VAL B 46 -11.23 -28.63 -5.31
N HIS B 47 -11.68 -28.95 -6.52
CA HIS B 47 -12.05 -27.96 -7.52
C HIS B 47 -13.30 -27.19 -7.10
N VAL B 48 -13.21 -25.86 -7.13
CA VAL B 48 -14.33 -24.97 -6.82
C VAL B 48 -14.71 -24.21 -8.09
N ARG B 49 -15.90 -23.62 -8.13
CA ARG B 49 -16.32 -22.85 -9.31
C ARG B 49 -15.77 -21.42 -9.28
N ASN B 50 -15.62 -20.84 -8.09
CA ASN B 50 -15.12 -19.48 -7.88
C ASN B 50 -14.07 -19.57 -6.75
N GLU B 51 -12.86 -19.03 -6.96
CA GLU B 51 -11.77 -19.11 -5.97
C GLU B 51 -12.15 -18.48 -4.63
N GLU B 52 -13.15 -17.58 -4.60
CA GLU B 52 -13.64 -17.00 -3.35
C GLU B 52 -14.12 -18.11 -2.40
N ALA B 53 -14.80 -19.14 -2.97
CA ALA B 53 -15.30 -20.27 -2.20
C ALA B 53 -14.15 -21.13 -1.67
N ALA B 54 -13.01 -21.21 -2.38
CA ALA B 54 -11.85 -21.96 -1.89
C ALA B 54 -11.29 -21.31 -0.61
N ALA B 55 -11.22 -19.97 -0.58
CA ALA B 55 -10.72 -19.26 0.60
C ALA B 55 -11.69 -19.43 1.79
N PHE B 56 -13.01 -19.36 1.58
CA PHE B 56 -14.00 -19.61 2.65
C PHE B 56 -13.92 -21.06 3.14
N ALA B 57 -13.81 -22.02 2.21
CA ALA B 57 -13.75 -23.43 2.57
C ALA B 57 -12.52 -23.72 3.42
N ALA B 58 -11.35 -23.20 3.04
CA ALA B 58 -10.12 -23.39 3.82
C ALA B 58 -10.27 -22.79 5.25
N GLY B 59 -10.85 -21.62 5.35
CA GLY B 59 -11.10 -20.99 6.64
C GLY B 59 -12.02 -21.81 7.52
N ALA B 60 -13.11 -22.36 6.93
CA ALA B 60 -14.02 -23.20 7.71
C ALA B 60 -13.38 -24.51 8.13
N GLU B 61 -12.63 -25.17 7.22
CA GLU B 61 -11.95 -26.43 7.55
C GLU B 61 -11.01 -26.22 8.75
N SER B 62 -10.27 -25.12 8.71
CA SER B 62 -9.34 -24.79 9.77
C SER B 62 -10.07 -24.56 11.09
N LEU B 63 -11.21 -23.83 11.08
CA LEU B 63 -11.93 -23.61 12.33
C LEU B 63 -12.44 -24.92 12.93
N ILE B 64 -12.78 -25.91 12.09
CA ILE B 64 -13.31 -27.20 12.54
C ILE B 64 -12.17 -28.10 13.04
N THR B 65 -11.01 -28.10 12.36
CA THR B 65 -9.92 -29.03 12.75
C THR B 65 -8.91 -28.45 13.71
N GLY B 66 -8.78 -27.13 13.74
CA GLY B 66 -7.74 -26.45 14.51
C GLY B 66 -6.37 -26.56 13.85
N GLU B 67 -6.33 -27.04 12.60
CA GLU B 67 -5.08 -27.26 11.88
C GLU B 67 -4.98 -26.38 10.62
N LEU B 68 -3.83 -26.42 9.96
CA LEU B 68 -3.60 -25.67 8.74
C LEU B 68 -4.56 -26.09 7.63
N ALA B 69 -5.14 -25.11 6.94
CA ALA B 69 -5.94 -25.39 5.75
C ALA B 69 -5.36 -24.56 4.59
N VAL B 70 -5.46 -25.04 3.36
CA VAL B 70 -4.83 -24.39 2.23
C VAL B 70 -5.78 -24.14 1.08
N CYS B 71 -5.65 -22.97 0.46
CA CYS B 71 -6.38 -22.63 -0.76
C CYS B 71 -5.34 -22.17 -1.80
N ALA B 72 -5.66 -22.31 -3.08
CA ALA B 72 -4.68 -21.97 -4.12
C ALA B 72 -5.40 -21.37 -5.33
N ALA B 73 -4.75 -20.43 -6.01
CA ALA B 73 -5.37 -19.79 -7.15
C ALA B 73 -4.33 -19.32 -8.17
N SER B 74 -4.73 -19.22 -9.43
CA SER B 74 -3.88 -18.86 -10.55
C SER B 74 -3.53 -17.34 -10.51
N CYS B 75 -2.71 -16.88 -11.45
CA CYS B 75 -2.21 -15.50 -11.43
C CYS B 75 -3.31 -14.45 -11.67
N GLY B 76 -3.03 -13.22 -11.25
CA GLY B 76 -3.90 -12.07 -11.46
C GLY B 76 -5.31 -12.27 -10.97
N PRO B 77 -6.26 -12.39 -11.93
CA PRO B 77 -7.68 -12.53 -11.57
C PRO B 77 -7.98 -13.77 -10.72
N GLY B 78 -7.19 -14.83 -10.88
CA GLY B 78 -7.41 -16.05 -10.10
C GLY B 78 -7.26 -15.80 -8.61
N ASN B 79 -6.06 -15.31 -8.20
CA ASN B 79 -5.84 -15.07 -6.78
C ASN B 79 -6.61 -13.82 -6.29
N THR B 80 -6.98 -12.89 -7.19
CA THR B 80 -7.81 -11.74 -6.79
C THR B 80 -9.15 -12.22 -6.20
N HIS B 81 -9.73 -13.30 -6.75
CA HIS B 81 -10.98 -13.85 -6.25
C HIS B 81 -10.90 -14.42 -4.84
N LEU B 82 -9.70 -14.75 -4.32
CA LEU B 82 -9.57 -15.27 -2.95
C LEU B 82 -9.91 -14.20 -1.88
N ILE B 83 -9.75 -12.92 -2.21
CA ILE B 83 -9.78 -11.80 -1.26
C ILE B 83 -10.95 -11.82 -0.26
N GLN B 84 -12.23 -11.94 -0.67
CA GLN B 84 -13.34 -11.95 0.29
C GLN B 84 -13.19 -13.07 1.34
N GLY B 85 -12.83 -14.26 0.88
CA GLY B 85 -12.66 -15.39 1.78
C GLY B 85 -11.44 -15.25 2.66
N LEU B 86 -10.40 -14.53 2.17
CA LEU B 86 -9.20 -14.32 2.99
C LEU B 86 -9.48 -13.30 4.10
N TYR B 87 -10.28 -12.25 3.81
CA TYR B 87 -10.66 -11.29 4.87
C TYR B 87 -11.46 -12.00 5.95
N ASP B 88 -12.39 -12.88 5.54
CA ASP B 88 -13.22 -13.61 6.47
C ASP B 88 -12.38 -14.57 7.31
N SER B 89 -11.52 -15.38 6.68
CA SER B 89 -10.65 -16.32 7.38
C SER B 89 -9.70 -15.56 8.36
N HIS B 90 -9.18 -14.41 7.94
CA HIS B 90 -8.26 -13.62 8.73
C HIS B 90 -8.96 -13.07 9.98
N ARG B 91 -10.15 -12.44 9.81
CA ARG B 91 -10.92 -11.91 10.95
C ARG B 91 -11.30 -13.05 11.91
N ASN B 92 -11.57 -14.27 11.38
CA ASN B 92 -11.96 -15.41 12.22
C ASN B 92 -10.75 -16.11 12.90
N GLY B 93 -9.53 -15.66 12.64
CA GLY B 93 -8.35 -16.28 13.23
C GLY B 93 -8.07 -17.66 12.69
N ALA B 94 -8.50 -17.95 11.46
CA ALA B 94 -8.29 -19.29 10.88
C ALA B 94 -6.78 -19.50 10.58
N LYS B 95 -6.33 -20.75 10.54
CA LYS B 95 -4.94 -21.07 10.20
C LYS B 95 -4.93 -21.44 8.75
N VAL B 96 -4.77 -20.43 7.89
CA VAL B 96 -4.87 -20.65 6.46
C VAL B 96 -3.62 -20.18 5.71
N LEU B 97 -3.18 -20.99 4.75
CA LEU B 97 -2.13 -20.63 3.83
C LEU B 97 -2.79 -20.47 2.47
N ALA B 98 -2.61 -19.32 1.83
CA ALA B 98 -3.13 -19.09 0.51
C ALA B 98 -1.97 -19.11 -0.48
N ILE B 99 -2.03 -20.00 -1.45
CA ILE B 99 -1.02 -20.07 -2.49
C ILE B 99 -1.49 -19.18 -3.62
N ALA B 100 -0.91 -17.99 -3.72
CA ALA B 100 -1.30 -17.05 -4.77
C ALA B 100 -0.30 -17.13 -5.92
N SER B 101 -0.58 -17.93 -6.95
CA SER B 101 0.28 -17.99 -8.13
C SER B 101 0.33 -16.63 -8.80
N HIS B 102 1.43 -16.32 -9.44
CA HIS B 102 1.68 -15.01 -9.98
C HIS B 102 2.20 -15.11 -11.42
N ILE B 103 2.19 -13.98 -12.15
CA ILE B 103 2.66 -13.99 -13.55
C ILE B 103 4.14 -14.39 -13.62
N PRO B 104 4.62 -14.86 -14.79
CA PRO B 104 6.07 -15.20 -14.89
C PRO B 104 6.94 -14.02 -14.41
N SER B 105 7.96 -14.31 -13.60
CA SER B 105 8.82 -13.29 -13.01
C SER B 105 9.45 -12.35 -14.07
N ALA B 106 9.75 -12.83 -15.28
CA ALA B 106 10.35 -11.96 -16.32
C ALA B 106 9.39 -10.84 -16.77
N GLN B 107 8.07 -11.01 -16.54
CA GLN B 107 7.06 -10.04 -16.98
C GLN B 107 6.61 -9.09 -15.86
N ILE B 108 7.09 -9.29 -14.61
CA ILE B 108 6.68 -8.39 -13.51
C ILE B 108 7.19 -6.97 -13.80
N GLY B 109 6.30 -6.00 -13.71
CA GLY B 109 6.65 -4.61 -13.97
C GLY B 109 6.45 -4.16 -15.40
N SER B 110 5.98 -5.06 -16.26
CA SER B 110 5.74 -4.72 -17.67
C SER B 110 4.28 -4.53 -17.98
N THR B 111 3.36 -4.41 -16.98
CA THR B 111 1.90 -4.28 -17.23
C THR B 111 1.46 -5.44 -18.15
N PHE B 112 1.89 -6.65 -17.77
CA PHE B 112 1.66 -7.82 -18.60
C PHE B 112 0.20 -8.22 -18.53
N PHE B 113 -0.19 -9.15 -19.39
CA PHE B 113 -1.49 -9.78 -19.39
C PHE B 113 -1.78 -10.39 -18.00
N GLN B 114 -2.92 -9.99 -17.40
CA GLN B 114 -3.32 -10.48 -16.07
C GLN B 114 -2.47 -9.94 -14.90
N GLU B 115 -1.51 -9.04 -15.13
CA GLU B 115 -0.69 -8.54 -14.01
C GLU B 115 -1.48 -7.79 -12.93
N THR B 116 -1.23 -8.17 -11.69
CA THR B 116 -1.63 -7.54 -10.43
C THR B 116 -0.39 -7.58 -9.48
N HIS B 117 -0.47 -6.99 -8.27
CA HIS B 117 0.57 -7.08 -7.25
C HIS B 117 -0.06 -7.72 -6.00
N PRO B 118 -0.30 -9.04 -6.02
CA PRO B 118 -0.96 -9.68 -4.84
C PRO B 118 -0.17 -9.49 -3.55
N GLU B 119 1.17 -9.45 -3.67
CA GLU B 119 2.05 -9.27 -2.52
C GLU B 119 1.79 -7.92 -1.83
N ILE B 120 1.10 -6.97 -2.48
CA ILE B 120 0.68 -5.70 -1.92
C ILE B 120 -0.82 -5.76 -1.57
N LEU B 121 -1.65 -6.25 -2.50
CA LEU B 121 -3.09 -6.32 -2.33
C LEU B 121 -3.52 -7.05 -1.05
N PHE B 122 -2.87 -8.18 -0.71
CA PHE B 122 -3.29 -8.99 0.43
C PHE B 122 -2.68 -8.62 1.79
N LYS B 123 -2.02 -7.44 1.90
CA LYS B 123 -1.43 -7.02 3.18
C LYS B 123 -2.48 -6.76 4.27
N GLU B 124 -3.66 -6.25 3.94
CA GLU B 124 -4.68 -6.00 4.98
C GLU B 124 -5.41 -7.28 5.47
N CYS B 125 -5.54 -8.29 4.60
CA CYS B 125 -6.26 -9.52 5.00
C CYS B 125 -5.27 -10.65 5.31
N SER B 126 -4.11 -10.33 5.88
CA SER B 126 -3.15 -11.36 6.25
C SER B 126 -2.21 -10.87 7.37
N GLY B 127 -1.60 -11.82 8.07
CA GLY B 127 -0.55 -11.56 9.04
C GLY B 127 0.83 -11.67 8.40
N TYR B 128 0.91 -12.34 7.20
CA TYR B 128 2.15 -12.58 6.48
C TYR B 128 1.84 -12.67 5.00
N CYS B 129 2.58 -11.95 4.17
CA CYS B 129 2.30 -11.90 2.74
C CYS B 129 3.59 -11.49 1.99
N GLU B 130 4.23 -12.44 1.32
CA GLU B 130 5.51 -12.17 0.66
C GLU B 130 5.59 -12.92 -0.67
N MET B 131 6.46 -12.44 -1.55
CA MET B 131 6.63 -13.02 -2.86
C MET B 131 7.86 -13.90 -2.95
N VAL B 132 7.74 -15.03 -3.63
CA VAL B 132 8.85 -15.95 -3.88
C VAL B 132 9.69 -15.42 -5.04
N ASN B 133 11.02 -15.36 -4.91
CA ASN B 133 11.88 -14.87 -6.00
C ASN B 133 12.95 -15.93 -6.40
N GLY B 134 12.98 -17.06 -5.74
CA GLY B 134 13.91 -18.17 -5.99
C GLY B 134 13.56 -19.38 -5.16
N GLY B 135 14.21 -20.52 -5.40
CA GLY B 135 13.94 -21.77 -4.68
C GLY B 135 14.26 -21.74 -3.21
N GLU B 136 15.48 -21.33 -2.86
CA GLU B 136 15.89 -21.26 -1.46
C GLU B 136 15.06 -20.22 -0.70
N GLN B 137 14.83 -19.05 -1.31
CA GLN B 137 14.05 -18.02 -0.65
C GLN B 137 12.56 -18.47 -0.55
N GLY B 138 12.07 -19.21 -1.54
CA GLY B 138 10.70 -19.70 -1.54
C GLY B 138 10.46 -20.66 -0.41
N GLU B 139 11.45 -21.50 -0.14
CA GLU B 139 11.39 -22.46 0.96
C GLU B 139 11.34 -21.72 2.30
N ARG B 140 12.15 -20.65 2.43
CA ARG B 140 12.15 -19.81 3.62
C ARG B 140 10.80 -19.18 3.87
N ILE B 141 10.25 -18.47 2.85
CA ILE B 141 9.01 -17.75 3.10
C ILE B 141 7.83 -18.71 3.23
N LEU B 142 7.90 -19.95 2.68
CA LEU B 142 6.85 -20.95 2.91
C LEU B 142 6.85 -21.32 4.39
N HIS B 143 8.05 -21.54 4.98
CA HIS B 143 8.16 -21.83 6.39
C HIS B 143 7.59 -20.67 7.22
N HIS B 144 8.03 -19.43 6.93
CA HIS B 144 7.62 -18.27 7.71
C HIS B 144 6.11 -18.06 7.63
N ALA B 145 5.51 -18.33 6.45
CA ALA B 145 4.06 -18.19 6.25
C ALA B 145 3.31 -19.22 7.11
N ILE B 146 3.76 -20.49 7.08
CA ILE B 146 3.12 -21.54 7.87
C ILE B 146 3.28 -21.25 9.34
N GLN B 147 4.51 -20.91 9.77
CA GLN B 147 4.76 -20.63 11.17
C GLN B 147 3.96 -19.40 11.68
N SER B 148 3.82 -18.37 10.86
CA SER B 148 3.05 -17.19 11.24
C SER B 148 1.56 -17.54 11.46
N THR B 149 0.93 -18.29 10.52
CA THR B 149 -0.47 -18.63 10.67
C THR B 149 -0.69 -19.67 11.81
N MET B 150 0.23 -20.62 11.99
CA MET B 150 0.09 -21.61 13.06
C MET B 150 0.28 -20.96 14.46
N ALA B 151 0.99 -19.82 14.54
CA ALA B 151 1.13 -19.08 15.78
C ALA B 151 -0.06 -18.13 16.06
N GLY B 152 -1.11 -18.15 15.23
CA GLY B 152 -2.29 -17.33 15.48
C GLY B 152 -2.25 -15.92 14.91
N LYS B 153 -1.34 -15.65 13.95
CA LYS B 153 -1.28 -14.30 13.37
C LYS B 153 -2.25 -14.10 12.18
N GLY B 154 -3.08 -15.07 11.88
CA GLY B 154 -4.05 -14.94 10.81
C GLY B 154 -3.59 -15.55 9.50
N VAL B 155 -4.23 -15.16 8.40
CA VAL B 155 -3.94 -15.72 7.09
C VAL B 155 -2.49 -15.44 6.67
N SER B 156 -1.87 -16.39 6.00
CA SER B 156 -0.59 -16.19 5.36
C SER B 156 -0.76 -16.37 3.86
N VAL B 157 -0.12 -15.51 3.08
CA VAL B 157 -0.17 -15.58 1.63
C VAL B 157 1.25 -15.72 1.10
N VAL B 158 1.47 -16.69 0.21
CA VAL B 158 2.75 -16.88 -0.46
C VAL B 158 2.50 -16.65 -1.94
N VAL B 159 3.12 -15.63 -2.52
CA VAL B 159 2.91 -15.27 -3.92
C VAL B 159 3.99 -15.90 -4.76
N ILE B 160 3.62 -16.77 -5.71
CA ILE B 160 4.63 -17.53 -6.45
C ILE B 160 4.56 -17.34 -7.95
N PRO B 161 5.54 -16.65 -8.56
CA PRO B 161 5.59 -16.59 -10.04
C PRO B 161 5.73 -18.01 -10.61
N GLY B 162 4.91 -18.31 -11.62
CA GLY B 162 4.86 -19.63 -12.23
C GLY B 162 6.17 -20.25 -12.66
N ASP B 163 7.05 -19.46 -13.27
CA ASP B 163 8.35 -19.97 -13.72
C ASP B 163 9.23 -20.39 -12.54
N ILE B 164 9.16 -19.66 -11.42
CA ILE B 164 9.99 -19.98 -10.25
C ILE B 164 9.51 -21.29 -9.58
N ALA B 165 8.20 -21.60 -9.67
CA ALA B 165 7.71 -22.88 -9.15
C ALA B 165 8.40 -24.09 -9.86
N LYS B 166 8.79 -23.92 -11.13
CA LYS B 166 9.49 -24.97 -11.90
C LYS B 166 11.01 -25.00 -11.66
N GLU B 167 11.57 -24.00 -10.97
CA GLU B 167 13.02 -23.97 -10.71
C GLU B 167 13.41 -24.92 -9.57
N ASP B 168 14.70 -25.15 -9.39
CA ASP B 168 15.22 -26.03 -8.35
C ASP B 168 14.76 -25.64 -6.95
N ALA B 169 14.45 -26.64 -6.15
CA ALA B 169 14.03 -26.47 -4.77
C ALA B 169 15.21 -26.00 -3.91
N GLY B 170 14.91 -25.43 -2.74
CA GLY B 170 15.97 -25.08 -1.80
C GLY B 170 16.59 -26.34 -1.22
N ASP B 171 17.60 -26.19 -0.35
CA ASP B 171 18.32 -27.35 0.20
C ASP B 171 17.60 -28.07 1.37
N GLY B 172 16.42 -27.63 1.77
CA GLY B 172 15.68 -28.29 2.84
C GLY B 172 15.83 -27.70 4.24
N THR B 173 16.74 -26.75 4.45
CA THR B 173 16.98 -26.15 5.77
C THR B 173 15.69 -25.68 6.50
N TYR B 174 14.79 -24.98 5.80
CA TYR B 174 13.58 -24.41 6.40
C TYR B 174 12.40 -25.40 6.34
N SER B 175 12.35 -26.26 5.33
CA SER B 175 11.33 -27.29 5.23
C SER B 175 11.55 -28.41 6.27
N ASN B 176 12.78 -28.61 6.75
CA ASN B 176 13.07 -29.61 7.78
C ASN B 176 12.64 -29.19 9.20
N SER B 177 12.27 -27.91 9.40
CA SER B 177 11.90 -27.44 10.72
C SER B 177 10.57 -27.98 11.23
N THR B 178 10.49 -28.13 12.54
CA THR B 178 9.23 -28.43 13.20
C THR B 178 8.52 -27.09 13.35
N ILE B 179 7.22 -27.05 13.06
CA ILE B 179 6.44 -25.84 13.23
C ILE B 179 5.89 -25.77 14.65
N SER B 180 6.00 -24.60 15.30
CA SER B 180 5.41 -24.42 16.62
C SER B 180 3.92 -24.19 16.44
N SER B 181 3.11 -25.17 16.85
CA SER B 181 1.66 -25.03 16.73
C SER B 181 0.94 -25.16 18.08
N GLY B 182 1.68 -25.33 19.17
CA GLY B 182 1.12 -25.46 20.50
C GLY B 182 0.53 -24.16 20.99
N THR B 183 -0.26 -24.25 22.04
CA THR B 183 -0.91 -23.09 22.60
C THR B 183 -0.15 -22.70 23.84
N PRO B 184 0.54 -21.56 23.84
CA PRO B 184 1.19 -21.11 25.08
C PRO B 184 0.14 -20.73 26.14
N VAL B 185 0.54 -20.68 27.40
CA VAL B 185 -0.34 -20.37 28.51
C VAL B 185 0.05 -18.97 28.99
N VAL B 186 -0.76 -17.97 28.67
CA VAL B 186 -0.42 -16.59 28.98
C VAL B 186 -0.99 -16.13 30.33
N PHE B 187 -0.14 -16.13 31.37
CA PHE B 187 -0.51 -15.64 32.68
C PHE B 187 -0.41 -14.15 32.69
N PRO B 188 -1.28 -13.46 33.44
CA PRO B 188 -1.21 -12.00 33.46
C PRO B 188 -0.06 -11.47 34.28
N ASP B 189 0.30 -10.20 34.03
CA ASP B 189 1.26 -9.47 34.85
C ASP B 189 0.69 -9.41 36.29
N PRO B 190 1.48 -9.79 37.32
CA PRO B 190 0.94 -9.84 38.69
C PRO B 190 0.29 -8.53 39.15
N THR B 191 0.75 -7.38 38.63
CA THR B 191 0.18 -6.10 39.03
C THR B 191 -1.23 -5.96 38.45
N GLU B 192 -1.42 -6.36 37.20
CA GLU B 192 -2.75 -6.29 36.57
C GLU B 192 -3.69 -7.29 37.20
N ALA B 193 -3.20 -8.50 37.51
CA ALA B 193 -4.05 -9.50 38.17
C ALA B 193 -4.45 -9.01 39.57
N ALA B 194 -3.55 -8.38 40.32
CA ALA B 194 -3.84 -7.87 41.66
C ALA B 194 -4.92 -6.79 41.61
N ALA B 195 -4.86 -5.90 40.61
CA ALA B 195 -5.88 -4.87 40.45
C ALA B 195 -7.25 -5.49 40.13
N LEU B 196 -7.28 -6.57 39.32
CA LEU B 196 -8.51 -7.28 39.00
C LEU B 196 -9.09 -7.96 40.26
N VAL B 197 -8.22 -8.59 41.08
CA VAL B 197 -8.65 -9.22 42.34
C VAL B 197 -9.31 -8.18 43.24
N GLU B 198 -8.66 -7.02 43.37
CA GLU B 198 -9.17 -5.95 44.21
C GLU B 198 -10.51 -5.43 43.68
N ALA B 199 -10.62 -5.22 42.37
CA ALA B 199 -11.87 -4.76 41.74
C ALA B 199 -13.01 -5.77 41.98
N ILE B 200 -12.70 -7.09 41.89
CA ILE B 200 -13.73 -8.11 42.14
C ILE B 200 -14.15 -8.12 43.62
N ASN B 201 -13.18 -8.13 44.54
CA ASN B 201 -13.52 -8.21 45.97
C ASN B 201 -14.26 -6.97 46.46
N ASN B 202 -14.01 -5.81 45.85
CA ASN B 202 -14.68 -4.58 46.25
C ASN B 202 -16.07 -4.41 45.61
N ALA B 203 -16.37 -5.16 44.53
CA ALA B 203 -17.67 -5.08 43.89
C ALA B 203 -18.68 -5.94 44.64
N LYS B 204 -19.89 -5.42 44.86
CA LYS B 204 -20.93 -6.22 45.50
C LYS B 204 -21.64 -7.12 44.49
N SER B 205 -21.59 -6.73 43.20
CA SER B 205 -22.21 -7.47 42.12
C SER B 205 -21.34 -7.40 40.90
N VAL B 206 -21.16 -8.54 40.23
CA VAL B 206 -20.30 -8.62 39.07
C VAL B 206 -21.04 -9.32 37.95
N THR B 207 -20.80 -8.93 36.70
CA THR B 207 -21.32 -9.62 35.53
C THR B 207 -20.13 -10.03 34.64
N LEU B 208 -20.16 -11.23 34.07
CA LEU B 208 -19.13 -11.68 33.13
C LEU B 208 -19.70 -11.61 31.71
N PHE B 209 -18.99 -11.01 30.77
CA PHE B 209 -19.45 -10.93 29.38
C PHE B 209 -18.37 -11.60 28.55
N CYS B 210 -18.68 -12.79 28.02
CA CYS B 210 -17.71 -13.67 27.37
C CYS B 210 -17.79 -13.68 25.86
N GLY B 211 -16.64 -13.78 25.23
CA GLY B 211 -16.56 -13.94 23.79
C GLY B 211 -15.81 -15.20 23.41
N ALA B 212 -15.35 -15.30 22.16
CA ALA B 212 -14.64 -16.47 21.63
C ALA B 212 -13.37 -16.80 22.42
N GLY B 213 -12.80 -15.83 23.14
CA GLY B 213 -11.62 -16.06 23.95
C GLY B 213 -11.81 -16.98 25.14
N VAL B 214 -13.07 -17.32 25.51
CA VAL B 214 -13.29 -18.28 26.60
C VAL B 214 -13.40 -19.73 26.07
N LYS B 215 -13.08 -19.98 24.78
CA LYS B 215 -13.13 -21.31 24.18
C LYS B 215 -12.50 -22.41 25.08
N ASN B 216 -11.30 -22.17 25.62
CA ASN B 216 -10.64 -23.16 26.47
C ASN B 216 -10.73 -22.83 27.95
N ALA B 217 -11.75 -22.08 28.37
CA ALA B 217 -11.88 -21.62 29.73
C ALA B 217 -13.26 -21.82 30.33
N ARG B 218 -14.11 -22.67 29.76
CA ARG B 218 -15.45 -22.95 30.28
C ARG B 218 -15.46 -23.28 31.78
N ALA B 219 -14.60 -24.24 32.21
CA ALA B 219 -14.56 -24.68 33.58
C ALA B 219 -14.19 -23.54 34.51
N GLN B 220 -13.19 -22.73 34.11
CA GLN B 220 -12.71 -21.61 34.90
C GLN B 220 -13.78 -20.52 35.00
N VAL B 221 -14.45 -20.18 33.90
CA VAL B 221 -15.49 -19.16 33.87
C VAL B 221 -16.65 -19.57 34.80
N LEU B 222 -17.12 -20.81 34.71
CA LEU B 222 -18.21 -21.30 35.54
C LEU B 222 -17.81 -21.36 37.00
N GLU B 223 -16.56 -21.77 37.29
CA GLU B 223 -16.02 -21.83 38.64
C GLU B 223 -15.96 -20.41 39.23
N LEU B 224 -15.51 -19.41 38.46
CA LEU B 224 -15.45 -18.04 38.92
C LEU B 224 -16.88 -17.51 39.15
N ALA B 225 -17.81 -17.76 38.21
CA ALA B 225 -19.19 -17.32 38.32
C ALA B 225 -19.87 -17.90 39.55
N GLU B 226 -19.57 -19.17 39.91
CA GLU B 226 -20.16 -19.77 41.11
C GLU B 226 -19.63 -19.09 42.38
N LYS B 227 -18.35 -18.78 42.41
CA LYS B 227 -17.72 -18.15 43.57
C LYS B 227 -18.24 -16.72 43.79
N ILE B 228 -18.39 -15.90 42.71
CA ILE B 228 -18.81 -14.51 42.90
C ILE B 228 -20.28 -14.25 42.55
N LYS B 229 -21.07 -15.30 42.22
CA LYS B 229 -22.51 -15.22 41.90
C LYS B 229 -22.77 -14.18 40.81
N SER B 230 -22.07 -14.36 39.68
CA SER B 230 -22.17 -13.43 38.59
C SER B 230 -22.96 -13.98 37.42
N PRO B 231 -23.95 -13.20 36.93
CA PRO B 231 -24.58 -13.57 35.66
C PRO B 231 -23.55 -13.62 34.52
N ILE B 232 -23.79 -14.48 33.53
CA ILE B 232 -22.90 -14.59 32.39
C ILE B 232 -23.67 -14.27 31.14
N GLY B 233 -23.21 -13.26 30.42
CA GLY B 233 -23.71 -12.91 29.10
C GLY B 233 -22.64 -13.25 28.07
N HIS B 234 -23.00 -13.20 26.76
CA HIS B 234 -22.00 -13.53 25.75
C HIS B 234 -22.13 -12.74 24.47
N ALA B 235 -20.99 -12.50 23.84
CA ALA B 235 -20.95 -11.94 22.50
C ALA B 235 -21.26 -13.11 21.55
N LEU B 236 -21.63 -12.82 20.31
CA LEU B 236 -21.95 -13.88 19.33
C LEU B 236 -20.82 -14.91 19.18
N GLY B 237 -19.56 -14.46 19.15
CA GLY B 237 -18.43 -15.36 18.98
C GLY B 237 -18.20 -16.32 20.13
N GLY B 238 -18.73 -16.01 21.31
CA GLY B 238 -18.60 -16.88 22.46
C GLY B 238 -19.80 -17.79 22.72
N LYS B 239 -20.88 -17.61 21.95
CA LYS B 239 -22.12 -18.37 22.12
C LYS B 239 -21.87 -19.89 22.11
N GLN B 240 -21.08 -20.38 21.14
CA GLN B 240 -20.80 -21.81 21.01
C GLN B 240 -20.22 -22.42 22.27
N TYR B 241 -19.44 -21.63 23.01
CA TYR B 241 -18.69 -22.14 24.15
C TYR B 241 -19.35 -21.97 25.49
N ILE B 242 -20.06 -20.84 25.74
CA ILE B 242 -20.48 -20.56 27.10
C ILE B 242 -22.00 -20.58 27.30
N GLN B 243 -22.82 -20.54 26.24
CA GLN B 243 -24.26 -20.53 26.42
C GLN B 243 -24.82 -21.85 27.02
N HIS B 244 -24.32 -23.00 26.57
CA HIS B 244 -24.89 -24.27 26.99
C HIS B 244 -24.53 -24.67 28.43
N GLU B 245 -25.43 -25.44 29.10
CA GLU B 245 -25.29 -25.94 30.49
C GLU B 245 -24.71 -24.88 31.40
N ASN B 246 -25.38 -23.75 31.43
CA ASN B 246 -24.88 -22.61 32.17
C ASN B 246 -25.99 -22.02 32.99
N PRO B 247 -26.01 -22.29 34.30
CA PRO B 247 -27.10 -21.74 35.13
C PRO B 247 -27.01 -20.23 35.39
N PHE B 248 -25.99 -19.55 34.86
CA PHE B 248 -25.82 -18.11 35.05
C PHE B 248 -26.21 -17.31 33.79
N GLU B 249 -26.55 -17.98 32.67
CA GLU B 249 -26.80 -17.39 31.37
C GLU B 249 -27.88 -16.32 31.36
N VAL B 250 -27.55 -15.16 30.81
CA VAL B 250 -28.48 -14.04 30.65
C VAL B 250 -28.51 -13.52 29.19
N GLY B 251 -28.05 -14.33 28.24
CA GLY B 251 -28.16 -14.03 26.83
C GLY B 251 -27.11 -13.19 26.17
N MET B 252 -27.54 -12.44 25.15
CA MET B 252 -26.70 -11.62 24.29
C MET B 252 -27.07 -10.17 24.32
N SER B 253 -26.11 -9.36 23.95
CA SER B 253 -26.25 -7.93 23.81
C SER B 253 -26.18 -7.55 22.30
N GLY B 254 -26.38 -6.28 22.00
CA GLY B 254 -26.41 -5.81 20.62
C GLY B 254 -27.82 -5.88 20.05
N LEU B 255 -27.98 -5.48 18.78
CA LEU B 255 -29.29 -5.46 18.12
C LEU B 255 -29.90 -6.84 17.95
N LEU B 256 -29.08 -7.92 17.72
CA LEU B 256 -29.69 -9.26 17.65
C LEU B 256 -29.69 -9.97 19.03
N GLY B 257 -29.40 -9.22 20.09
CA GLY B 257 -29.37 -9.70 21.45
C GLY B 257 -30.76 -9.98 21.98
N TYR B 258 -30.81 -10.48 23.20
CA TYR B 258 -32.04 -10.84 23.85
C TYR B 258 -31.74 -11.08 25.34
N GLY B 259 -32.78 -11.05 26.14
CA GLY B 259 -32.63 -11.31 27.56
C GLY B 259 -32.08 -10.17 28.36
N ALA B 260 -31.62 -10.49 29.57
CA ALA B 260 -31.14 -9.49 30.52
C ALA B 260 -29.68 -9.19 30.40
N CYS B 261 -28.98 -9.64 29.35
CA CYS B 261 -27.54 -9.37 29.21
C CYS B 261 -27.21 -7.89 29.31
N VAL B 262 -27.93 -7.03 28.57
CA VAL B 262 -27.68 -5.60 28.60
C VAL B 262 -27.95 -5.04 30.01
N ASP B 263 -29.00 -5.50 30.71
CA ASP B 263 -29.28 -5.02 32.07
C ASP B 263 -28.20 -5.47 33.04
N ALA B 264 -27.82 -6.75 33.01
CA ALA B 264 -26.83 -7.31 33.92
C ALA B 264 -25.48 -6.62 33.72
N SER B 265 -25.11 -6.34 32.46
CA SER B 265 -23.85 -5.67 32.16
C SER B 265 -23.84 -4.23 32.65
N ASN B 266 -24.95 -3.51 32.51
CA ASN B 266 -25.01 -2.11 32.84
C ASN B 266 -25.40 -1.83 34.30
N GLU B 267 -25.92 -2.82 35.04
CA GLU B 267 -26.31 -2.59 36.44
C GLU B 267 -25.33 -3.18 37.44
N ALA B 268 -24.42 -4.07 37.03
CA ALA B 268 -23.47 -4.65 37.98
C ALA B 268 -22.48 -3.60 38.45
N ASP B 269 -21.95 -3.76 39.66
CA ASP B 269 -20.89 -2.87 40.16
C ASP B 269 -19.65 -3.01 39.30
N LEU B 270 -19.37 -4.22 38.77
CA LEU B 270 -18.21 -4.45 37.91
C LEU B 270 -18.61 -5.34 36.74
N LEU B 271 -18.25 -4.92 35.53
CA LEU B 271 -18.44 -5.73 34.33
C LEU B 271 -17.08 -6.28 33.94
N ILE B 272 -16.96 -7.59 33.72
CA ILE B 272 -15.71 -8.17 33.28
C ILE B 272 -15.86 -8.70 31.87
N LEU B 273 -15.12 -8.11 30.94
CA LEU B 273 -15.07 -8.54 29.55
C LEU B 273 -14.07 -9.66 29.48
N LEU B 274 -14.51 -10.86 29.15
CA LEU B 274 -13.58 -12.01 29.09
C LEU B 274 -13.45 -12.50 27.68
N GLY B 275 -12.28 -12.32 27.09
CA GLY B 275 -12.03 -12.78 25.73
C GLY B 275 -13.05 -12.31 24.70
N THR B 276 -13.36 -11.00 24.67
CA THR B 276 -14.33 -10.50 23.74
C THR B 276 -13.91 -9.17 23.13
N ASP B 277 -14.26 -8.96 21.88
CA ASP B 277 -13.99 -7.70 21.20
C ASP B 277 -15.33 -7.17 20.61
N PHE B 278 -16.45 -7.41 21.32
CA PHE B 278 -17.82 -7.00 20.96
C PHE B 278 -17.81 -5.53 20.57
N PRO B 279 -18.07 -5.18 19.30
CA PRO B 279 -17.80 -3.80 18.85
C PRO B 279 -18.88 -2.75 19.10
N TYR B 280 -20.07 -3.11 19.61
CA TYR B 280 -21.19 -2.13 19.73
C TYR B 280 -21.13 -1.39 21.06
N SER B 281 -20.27 -0.38 21.10
CA SER B 281 -19.98 0.46 22.27
C SER B 281 -21.20 1.01 22.98
N ASP B 282 -22.25 1.41 22.22
CA ASP B 282 -23.47 1.98 22.80
C ASP B 282 -24.18 1.02 23.76
N PHE B 283 -23.95 -0.30 23.64
CA PHE B 283 -24.56 -1.28 24.55
C PHE B 283 -23.69 -1.58 25.81
N LEU B 284 -22.43 -1.13 25.81
CA LEU B 284 -21.53 -1.41 26.93
C LEU B 284 -21.51 -0.25 27.94
N PRO B 285 -21.44 -0.56 29.23
CA PRO B 285 -21.26 0.52 30.22
C PRO B 285 -19.83 1.09 30.13
N LYS B 286 -19.64 2.24 30.75
CA LYS B 286 -18.36 2.91 30.83
C LYS B 286 -17.85 3.06 32.27
N ASP B 287 -18.73 2.90 33.26
CA ASP B 287 -18.46 3.19 34.65
C ASP B 287 -17.34 2.34 35.30
N ASN B 288 -17.43 0.99 35.31
CA ASN B 288 -16.46 0.14 36.03
C ASN B 288 -16.26 -1.16 35.30
N VAL B 289 -15.31 -1.16 34.36
CA VAL B 289 -15.13 -2.30 33.49
C VAL B 289 -13.71 -2.87 33.57
N ALA B 290 -13.62 -4.17 33.65
CA ALA B 290 -12.35 -4.87 33.56
C ALA B 290 -12.35 -5.61 32.23
N GLN B 291 -11.18 -5.85 31.66
CA GLN B 291 -11.13 -6.61 30.42
C GLN B 291 -9.91 -7.52 30.44
N VAL B 292 -10.12 -8.79 30.12
CA VAL B 292 -9.05 -9.77 30.01
C VAL B 292 -8.95 -10.16 28.56
N ASP B 293 -7.80 -9.87 27.92
CA ASP B 293 -7.60 -10.23 26.52
C ASP B 293 -6.18 -10.73 26.34
N ILE B 294 -5.99 -11.78 25.54
CA ILE B 294 -4.68 -12.34 25.25
C ILE B 294 -3.83 -11.39 24.36
N ASN B 295 -4.49 -10.46 23.64
CA ASN B 295 -3.80 -9.46 22.82
C ASN B 295 -4.02 -8.11 23.47
N GLY B 296 -2.98 -7.59 24.11
CA GLY B 296 -3.03 -6.32 24.82
C GLY B 296 -3.47 -5.16 23.96
N ALA B 297 -3.23 -5.21 22.63
CA ALA B 297 -3.65 -4.11 21.75
C ALA B 297 -5.17 -4.00 21.62
N HIS B 298 -5.91 -5.09 21.93
CA HIS B 298 -7.38 -5.11 21.82
C HIS B 298 -8.05 -4.55 23.06
N ILE B 299 -7.33 -4.37 24.18
CA ILE B 299 -7.97 -3.91 25.41
C ILE B 299 -8.41 -2.47 25.32
N GLY B 300 -9.64 -2.20 25.73
CA GLY B 300 -10.17 -0.84 25.72
C GLY B 300 -10.56 -0.31 24.38
N ARG B 301 -10.63 -1.17 23.39
CA ARG B 301 -11.06 -0.79 22.05
C ARG B 301 -12.52 -0.35 22.00
N ARG B 302 -13.37 -0.92 22.88
CA ARG B 302 -14.81 -0.75 22.77
C ARG B 302 -15.47 0.08 23.85
N THR B 303 -14.85 0.28 24.99
CA THR B 303 -15.43 1.08 26.07
C THR B 303 -14.32 1.46 27.06
N THR B 304 -14.63 2.28 28.06
CA THR B 304 -13.71 2.65 29.10
C THR B 304 -13.35 1.41 29.93
N VAL B 305 -12.08 1.06 29.98
CA VAL B 305 -11.62 -0.08 30.76
C VAL B 305 -10.75 0.47 31.88
N LYS B 306 -11.17 0.29 33.14
CA LYS B 306 -10.39 0.72 34.29
C LYS B 306 -9.41 -0.37 34.76
N TYR B 307 -9.71 -1.67 34.50
CA TYR B 307 -8.85 -2.78 34.95
C TYR B 307 -8.44 -3.62 33.77
N PRO B 308 -7.42 -3.19 33.04
CA PRO B 308 -7.00 -3.96 31.86
C PRO B 308 -6.10 -5.12 32.27
N VAL B 309 -6.28 -6.28 31.66
CA VAL B 309 -5.47 -7.43 31.96
C VAL B 309 -5.05 -8.13 30.69
N THR B 310 -3.75 -8.11 30.34
CA THR B 310 -3.28 -8.86 29.18
C THR B 310 -3.03 -10.28 29.65
N GLY B 311 -3.86 -11.21 29.21
CA GLY B 311 -3.70 -12.60 29.62
C GLY B 311 -4.76 -13.52 29.06
N ASP B 312 -4.49 -14.81 29.15
CA ASP B 312 -5.40 -15.86 28.72
C ASP B 312 -6.54 -15.93 29.73
N VAL B 313 -7.80 -16.16 29.29
CA VAL B 313 -8.92 -16.20 30.24
C VAL B 313 -8.74 -17.30 31.30
N ALA B 314 -8.49 -18.55 30.88
CA ALA B 314 -8.34 -19.67 31.83
C ALA B 314 -7.20 -19.44 32.78
N ALA B 315 -6.01 -19.05 32.29
CA ALA B 315 -4.86 -18.81 33.17
C ALA B 315 -5.08 -17.63 34.13
N THR B 316 -5.72 -16.56 33.67
CA THR B 316 -6.01 -15.40 34.53
C THR B 316 -6.97 -15.79 35.67
N ILE B 317 -8.03 -16.54 35.35
CA ILE B 317 -8.99 -16.98 36.36
C ILE B 317 -8.32 -17.93 37.35
N GLU B 318 -7.50 -18.89 36.88
CA GLU B 318 -6.77 -19.78 37.80
C GLU B 318 -5.84 -19.01 38.71
N ASN B 319 -5.20 -17.96 38.17
CA ASN B 319 -4.28 -17.12 38.94
C ASN B 319 -5.00 -16.32 40.03
N ILE B 320 -6.21 -15.77 39.75
CA ILE B 320 -6.90 -14.92 40.72
C ILE B 320 -7.82 -15.68 41.67
N LEU B 321 -8.35 -16.84 41.28
CA LEU B 321 -9.33 -17.57 42.09
C LEU B 321 -8.99 -17.73 43.55
N PRO B 322 -7.77 -18.15 43.97
CA PRO B 322 -7.51 -18.29 45.41
C PRO B 322 -7.56 -16.97 46.18
N HIS B 323 -7.43 -15.83 45.49
CA HIS B 323 -7.45 -14.49 46.13
C HIS B 323 -8.82 -13.81 46.06
N VAL B 324 -9.77 -14.38 45.34
CA VAL B 324 -11.10 -13.83 45.22
C VAL B 324 -11.94 -14.42 46.35
N LYS B 325 -12.56 -13.56 47.16
CA LYS B 325 -13.40 -14.03 48.24
C LYS B 325 -14.74 -14.49 47.72
N GLU B 326 -15.26 -15.58 48.26
CA GLU B 326 -16.57 -16.09 47.88
C GLU B 326 -17.65 -15.09 48.26
N LYS B 327 -18.55 -14.80 47.34
CA LYS B 327 -19.65 -13.90 47.63
C LYS B 327 -20.84 -14.77 48.00
N THR B 328 -21.39 -14.59 49.21
CA THR B 328 -22.56 -15.39 49.61
C THR B 328 -23.90 -14.73 49.16
N ASP B 329 -23.88 -13.42 48.86
CA ASP B 329 -25.07 -12.72 48.42
C ASP B 329 -25.34 -13.02 46.94
N ARG B 330 -26.42 -13.75 46.66
CA ARG B 330 -26.89 -14.13 45.32
C ARG B 330 -27.95 -13.19 44.76
N SER B 331 -28.34 -12.12 45.49
CA SER B 331 -29.44 -11.24 45.13
C SER B 331 -29.35 -10.72 43.70
N PHE B 332 -28.17 -10.21 43.29
CA PHE B 332 -28.03 -9.64 41.96
C PHE B 332 -28.23 -10.70 40.88
N LEU B 333 -27.60 -11.89 41.06
CA LEU B 333 -27.72 -13.00 40.13
C LEU B 333 -29.18 -13.44 39.98
N ASP B 334 -29.90 -13.62 41.10
CA ASP B 334 -31.30 -14.04 41.06
C ASP B 334 -32.16 -12.97 40.40
N ARG B 335 -31.90 -11.70 40.71
CA ARG B 335 -32.66 -10.60 40.12
C ARG B 335 -32.45 -10.54 38.59
N MET B 336 -31.22 -10.81 38.12
CA MET B 336 -30.93 -10.79 36.68
C MET B 336 -31.48 -12.03 35.98
N LEU B 337 -31.48 -13.20 36.66
CA LEU B 337 -32.07 -14.39 36.08
C LEU B 337 -33.61 -14.19 35.92
N LYS B 338 -34.25 -13.51 36.89
CA LYS B 338 -35.70 -13.24 36.81
C LYS B 338 -35.99 -12.20 35.72
N ALA B 339 -35.11 -11.18 35.59
CA ALA B 339 -35.27 -10.18 34.53
C ALA B 339 -35.14 -10.84 33.15
N HIS B 340 -34.23 -11.82 33.02
CA HIS B 340 -34.00 -12.57 31.78
C HIS B 340 -35.27 -13.29 31.38
N GLU B 341 -35.91 -13.98 32.33
CA GLU B 341 -37.15 -14.71 32.08
C GLU B 341 -38.29 -13.76 31.76
N ARG B 342 -38.40 -12.63 32.47
CA ARG B 342 -39.48 -11.66 32.21
C ARG B 342 -39.37 -11.10 30.79
N LYS B 343 -38.13 -10.82 30.34
CA LYS B 343 -37.94 -10.28 28.98
C LYS B 343 -38.26 -11.32 27.93
N LEU B 344 -37.83 -12.58 28.13
CA LEU B 344 -38.15 -13.63 27.15
C LEU B 344 -39.66 -13.99 27.18
N SER B 345 -40.31 -13.98 28.35
CA SER B 345 -41.74 -14.29 28.43
C SER B 345 -42.58 -13.19 27.77
N SER B 346 -42.15 -11.92 27.82
CA SER B 346 -42.89 -10.84 27.15
C SER B 346 -42.92 -11.07 25.62
N VAL B 347 -41.82 -11.58 25.05
CA VAL B 347 -41.76 -11.89 23.62
C VAL B 347 -42.70 -13.06 23.28
N VAL B 348 -42.64 -14.14 24.07
CA VAL B 348 -43.50 -15.30 23.86
C VAL B 348 -44.98 -14.93 24.02
N GLU B 349 -45.32 -14.09 25.00
CA GLU B 349 -46.71 -13.66 25.24
C GLU B 349 -47.24 -12.82 24.06
N THR B 350 -46.39 -11.98 23.46
CA THR B 350 -46.78 -11.12 22.36
C THR B 350 -46.83 -11.83 20.98
N TYR B 351 -45.80 -12.61 20.64
CA TYR B 351 -45.69 -13.20 19.30
C TYR B 351 -46.01 -14.68 19.12
N THR B 352 -46.04 -15.51 20.19
CA THR B 352 -46.32 -16.95 20.01
C THR B 352 -47.81 -17.17 19.92
N HIS B 353 -48.39 -16.77 18.79
CA HIS B 353 -49.82 -16.94 18.55
C HIS B 353 -50.05 -17.32 17.09
N ASN B 354 -50.47 -18.58 16.89
CA ASN B 354 -50.77 -19.20 15.59
C ASN B 354 -49.58 -19.13 14.63
N VAL B 355 -48.36 -19.45 15.15
CA VAL B 355 -47.13 -19.47 14.38
C VAL B 355 -47.14 -20.62 13.37
N GLU B 356 -47.68 -21.78 13.75
CA GLU B 356 -47.77 -22.94 12.86
C GLU B 356 -48.74 -22.71 11.66
N LYS B 357 -49.51 -21.62 11.64
CA LYS B 357 -50.39 -21.33 10.50
C LYS B 357 -49.97 -20.07 9.70
N HIS B 358 -48.91 -19.35 10.10
CA HIS B 358 -48.49 -18.13 9.40
C HIS B 358 -47.88 -18.42 8.02
N VAL B 359 -48.36 -17.68 7.03
CA VAL B 359 -47.91 -17.77 5.64
C VAL B 359 -47.53 -16.37 5.19
N PRO B 360 -46.35 -16.16 4.55
CA PRO B 360 -45.26 -17.13 4.31
C PRO B 360 -44.66 -17.66 5.63
N ILE B 361 -44.02 -18.82 5.61
CA ILE B 361 -43.45 -19.46 6.81
C ILE B 361 -42.58 -18.51 7.65
N HIS B 362 -42.78 -18.54 8.97
CA HIS B 362 -41.97 -17.72 9.89
C HIS B 362 -40.57 -18.31 9.99
N PRO B 363 -39.51 -17.54 9.67
CA PRO B 363 -38.14 -18.07 9.79
C PRO B 363 -37.75 -18.47 11.21
N GLU B 364 -38.34 -17.85 12.24
CA GLU B 364 -38.05 -18.25 13.63
C GLU B 364 -38.55 -19.66 13.92
N TYR B 365 -39.69 -20.04 13.32
CA TYR B 365 -40.25 -21.38 13.44
C TYR B 365 -39.31 -22.37 12.76
N VAL B 366 -38.80 -22.05 11.55
CA VAL B 366 -37.83 -22.89 10.85
C VAL B 366 -36.58 -23.13 11.71
N ALA B 367 -36.01 -22.04 12.29
CA ALA B 367 -34.80 -22.15 13.11
C ALA B 367 -35.06 -23.02 14.36
N SER B 368 -36.24 -22.88 15.03
CA SER B 368 -36.61 -23.75 16.18
C SER B 368 -36.60 -25.23 15.80
N ILE B 369 -37.19 -25.55 14.64
CA ILE B 369 -37.26 -26.92 14.16
C ILE B 369 -35.88 -27.43 13.82
N LEU B 370 -35.05 -26.61 13.14
CA LEU B 370 -33.69 -26.97 12.81
C LEU B 370 -32.87 -27.29 14.05
N ASN B 371 -33.03 -26.47 15.11
CA ASN B 371 -32.35 -26.71 16.37
C ASN B 371 -32.72 -28.08 16.96
N GLU B 372 -33.99 -28.45 16.87
CA GLU B 372 -34.47 -29.72 17.42
C GLU B 372 -34.08 -30.91 16.57
N LEU B 373 -34.12 -30.79 15.25
CA LEU B 373 -33.90 -31.93 14.36
C LEU B 373 -32.44 -32.23 14.04
N ALA B 374 -31.57 -31.22 14.00
CA ALA B 374 -30.16 -31.45 13.65
C ALA B 374 -29.46 -32.28 14.70
N ASP B 375 -28.45 -33.05 14.29
CA ASP B 375 -27.66 -33.87 15.21
C ASP B 375 -27.02 -33.03 16.33
N LYS B 376 -26.76 -33.66 17.47
CA LYS B 376 -26.14 -33.00 18.61
C LYS B 376 -24.69 -32.59 18.35
N ASP B 377 -24.06 -33.12 17.30
CA ASP B 377 -22.70 -32.73 16.95
C ASP B 377 -22.65 -32.08 15.55
N ALA B 378 -23.77 -31.57 15.03
CA ALA B 378 -23.78 -30.96 13.71
C ALA B 378 -22.92 -29.69 13.60
N VAL B 379 -22.45 -29.41 12.39
CA VAL B 379 -21.83 -28.14 12.11
C VAL B 379 -22.93 -27.24 11.54
N PHE B 380 -23.07 -26.02 12.04
CA PHE B 380 -23.98 -25.04 11.45
C PHE B 380 -23.14 -23.95 10.81
N THR B 381 -23.35 -23.64 9.53
CA THR B 381 -22.74 -22.48 8.90
C THR B 381 -23.87 -21.46 8.73
N VAL B 382 -23.57 -20.19 8.94
CA VAL B 382 -24.60 -19.16 8.97
C VAL B 382 -24.30 -18.02 7.97
N ASP B 383 -25.20 -17.82 6.98
CA ASP B 383 -25.08 -16.75 6.00
C ASP B 383 -25.29 -15.39 6.67
N THR B 384 -24.51 -14.36 6.28
CA THR B 384 -24.68 -13.06 6.89
C THR B 384 -26.04 -12.45 6.48
N GLY B 385 -26.76 -11.91 7.45
CA GLY B 385 -28.07 -11.32 7.24
C GLY B 385 -29.03 -11.76 8.32
N MET B 386 -30.34 -11.91 8.02
CA MET B 386 -31.30 -12.31 9.06
C MET B 386 -31.01 -13.70 9.59
N CYS B 387 -30.32 -14.58 8.83
CA CYS B 387 -29.92 -15.89 9.38
C CYS B 387 -29.05 -15.73 10.64
N ASN B 388 -28.32 -14.61 10.79
CA ASN B 388 -27.54 -14.40 12.02
C ASN B 388 -28.48 -14.25 13.23
N VAL B 389 -29.63 -13.59 13.03
CA VAL B 389 -30.61 -13.40 14.08
C VAL B 389 -31.21 -14.75 14.47
N TRP B 390 -31.57 -15.59 13.46
CA TRP B 390 -32.19 -16.88 13.72
C TRP B 390 -31.18 -17.81 14.39
N HIS B 391 -29.94 -17.80 13.95
CA HIS B 391 -28.91 -18.63 14.56
C HIS B 391 -28.66 -18.21 16.02
N ALA B 392 -28.43 -16.91 16.26
CA ALA B 392 -28.12 -16.41 17.60
C ALA B 392 -29.24 -16.70 18.61
N ARG B 393 -30.49 -16.49 18.23
CA ARG B 393 -31.61 -16.64 19.14
C ARG B 393 -32.19 -18.04 19.24
N TYR B 394 -32.00 -18.93 18.22
CA TYR B 394 -32.69 -20.23 18.26
C TYR B 394 -31.79 -21.46 18.16
N ILE B 395 -30.55 -21.37 17.66
CA ILE B 395 -29.72 -22.58 17.55
C ILE B 395 -28.91 -22.71 18.82
N GLU B 396 -29.06 -23.82 19.51
CA GLU B 396 -28.37 -24.06 20.77
C GLU B 396 -27.24 -25.08 20.57
N ASN B 397 -26.42 -25.28 21.59
CA ASN B 397 -25.32 -26.23 21.55
C ASN B 397 -25.34 -27.11 22.80
N PRO B 398 -26.39 -27.94 23.00
CA PRO B 398 -26.40 -28.82 24.17
C PRO B 398 -25.28 -29.86 24.04
N GLU B 399 -24.58 -30.13 25.13
CA GLU B 399 -23.44 -31.04 25.12
C GLU B 399 -22.16 -30.41 24.51
N GLY B 400 -22.26 -29.22 23.93
CA GLY B 400 -21.10 -28.52 23.38
C GLY B 400 -20.41 -29.17 22.21
N THR B 401 -21.06 -30.15 21.55
CA THR B 401 -20.43 -30.87 20.44
C THR B 401 -20.79 -30.28 19.05
N ARG B 402 -21.67 -29.28 18.98
CA ARG B 402 -21.96 -28.61 17.71
C ARG B 402 -20.90 -27.53 17.43
N ASP B 403 -20.64 -27.23 16.15
CA ASP B 403 -19.73 -26.16 15.77
C ASP B 403 -20.49 -25.08 15.01
N PHE B 404 -20.21 -23.79 15.29
CA PHE B 404 -20.85 -22.68 14.60
C PHE B 404 -19.81 -21.94 13.77
N VAL B 405 -20.01 -21.86 12.45
CA VAL B 405 -19.11 -21.18 11.56
C VAL B 405 -19.88 -20.11 10.82
N GLY B 406 -19.36 -18.90 10.79
CA GLY B 406 -20.01 -17.80 10.09
C GLY B 406 -19.08 -16.65 9.79
N SER B 407 -19.61 -15.60 9.17
CA SER B 407 -18.82 -14.40 8.90
C SER B 407 -19.15 -13.37 9.98
N PHE B 408 -18.89 -13.73 11.26
CA PHE B 408 -19.32 -12.89 12.39
C PHE B 408 -18.56 -11.59 12.54
N ARG B 409 -17.34 -11.48 11.98
CA ARG B 409 -16.56 -10.27 12.17
C ARG B 409 -16.43 -9.49 10.86
N HIS B 410 -16.13 -10.19 9.76
CA HIS B 410 -16.01 -9.53 8.46
C HIS B 410 -17.42 -9.20 7.90
N GLY B 411 -18.44 -9.97 8.30
CA GLY B 411 -19.83 -9.74 7.92
C GLY B 411 -20.13 -9.80 6.44
N THR B 412 -19.51 -10.74 5.71
CA THR B 412 -19.79 -10.84 4.27
C THR B 412 -20.96 -11.77 4.01
N MET B 413 -21.81 -11.41 3.03
CA MET B 413 -22.86 -12.32 2.54
C MET B 413 -22.20 -13.48 1.85
N ALA B 414 -22.96 -14.55 1.54
CA ALA B 414 -22.57 -15.70 0.70
C ALA B 414 -21.57 -16.65 1.33
N ASN B 415 -21.24 -16.53 2.61
CA ASN B 415 -20.26 -17.44 3.23
C ASN B 415 -20.81 -18.83 3.54
N ALA B 416 -22.13 -18.97 3.77
CA ALA B 416 -22.67 -20.23 4.33
C ALA B 416 -22.39 -21.47 3.49
N LEU B 417 -22.70 -21.47 2.19
CA LEU B 417 -22.45 -22.67 1.38
C LEU B 417 -20.93 -22.96 1.26
N PRO B 418 -20.07 -21.99 0.90
CA PRO B 418 -18.62 -22.29 0.85
C PRO B 418 -18.05 -22.73 2.22
N HIS B 419 -18.53 -22.13 3.33
CA HIS B 419 -18.09 -22.59 4.66
C HIS B 419 -18.51 -24.04 4.89
N ALA B 420 -19.74 -24.39 4.47
CA ALA B 420 -20.27 -25.75 4.63
C ALA B 420 -19.47 -26.74 3.77
N ILE B 421 -19.00 -26.31 2.59
CA ILE B 421 -18.20 -27.17 1.72
C ILE B 421 -16.89 -27.54 2.45
N GLY B 422 -16.24 -26.55 3.07
CA GLY B 422 -15.01 -26.78 3.79
C GLY B 422 -15.22 -27.64 5.04
N ALA B 423 -16.24 -27.31 5.84
CA ALA B 423 -16.55 -28.07 7.05
C ALA B 423 -16.93 -29.52 6.73
N GLN B 424 -17.74 -29.75 5.69
CA GLN B 424 -18.17 -31.11 5.32
C GLN B 424 -17.02 -31.96 4.80
N SER B 425 -16.08 -31.35 4.08
CA SER B 425 -14.92 -32.05 3.52
C SER B 425 -14.04 -32.68 4.62
N VAL B 426 -14.09 -32.16 5.85
CA VAL B 426 -13.29 -32.71 6.94
C VAL B 426 -13.73 -34.13 7.28
N ASP B 427 -15.04 -34.36 7.38
CA ASP B 427 -15.61 -35.64 7.78
C ASP B 427 -17.00 -35.82 7.17
N ARG B 428 -17.11 -36.69 6.16
CA ARG B 428 -18.37 -36.91 5.45
C ARG B 428 -19.44 -37.60 6.30
N ASN B 429 -19.06 -38.16 7.46
CA ASN B 429 -20.02 -38.81 8.34
C ASN B 429 -20.62 -37.85 9.38
N ARG B 430 -20.18 -36.58 9.41
CA ARG B 430 -20.69 -35.58 10.32
C ARG B 430 -21.72 -34.69 9.60
N GLN B 431 -22.87 -34.45 10.24
CA GLN B 431 -23.89 -33.60 9.64
C GLN B 431 -23.46 -32.13 9.59
N VAL B 432 -23.66 -31.50 8.43
CA VAL B 432 -23.34 -30.10 8.20
C VAL B 432 -24.59 -29.43 7.65
N ILE B 433 -25.08 -28.42 8.35
CA ILE B 433 -26.24 -27.65 7.97
C ILE B 433 -25.81 -26.25 7.59
N ALA B 434 -26.15 -25.81 6.36
CA ALA B 434 -25.85 -24.45 5.96
C ALA B 434 -27.13 -23.64 6.05
N MET B 435 -27.15 -22.62 6.88
CA MET B 435 -28.30 -21.72 6.96
C MET B 435 -28.05 -20.62 5.95
N CYS B 436 -28.59 -20.76 4.74
CA CYS B 436 -28.39 -19.84 3.63
C CYS B 436 -29.49 -18.77 3.54
N GLY B 437 -29.10 -17.62 3.06
CA GLY B 437 -30.02 -16.57 2.66
C GLY B 437 -30.21 -16.68 1.15
N ASP B 438 -31.34 -16.22 0.60
CA ASP B 438 -31.53 -16.25 -0.86
C ASP B 438 -30.53 -15.30 -1.55
N GLY B 439 -30.21 -14.19 -0.89
CA GLY B 439 -29.23 -13.24 -1.40
C GLY B 439 -27.84 -13.85 -1.38
N GLY B 440 -27.47 -14.45 -0.24
CA GLY B 440 -26.17 -15.07 -0.10
C GLY B 440 -25.94 -16.24 -1.06
N LEU B 441 -26.95 -17.12 -1.21
CA LEU B 441 -26.82 -18.26 -2.12
C LEU B 441 -26.76 -17.78 -3.58
N GLY B 442 -27.62 -16.83 -3.97
CA GLY B 442 -27.58 -16.28 -5.31
C GLY B 442 -26.24 -15.63 -5.67
N MET B 443 -25.54 -15.09 -4.67
CA MET B 443 -24.26 -14.40 -4.83
C MET B 443 -23.14 -15.36 -5.27
N LEU B 444 -23.17 -16.61 -4.76
CA LEU B 444 -22.17 -17.60 -5.17
C LEU B 444 -22.90 -18.92 -5.59
N LEU B 445 -23.94 -18.78 -6.41
CA LEU B 445 -24.82 -19.87 -6.85
C LEU B 445 -24.08 -21.04 -7.50
N GLY B 446 -22.99 -20.76 -8.19
CA GLY B 446 -22.23 -21.80 -8.86
C GLY B 446 -21.62 -22.83 -7.92
N GLU B 447 -21.53 -22.51 -6.61
CA GLU B 447 -20.98 -23.49 -5.67
C GLU B 447 -21.93 -24.67 -5.42
N LEU B 448 -23.20 -24.61 -5.94
CA LEU B 448 -24.06 -25.77 -5.94
C LEU B 448 -23.44 -26.87 -6.84
N LEU B 449 -22.73 -26.47 -7.91
CA LEU B 449 -22.04 -27.41 -8.81
C LEU B 449 -20.84 -28.07 -8.09
N THR B 450 -20.23 -27.37 -7.12
CA THR B 450 -19.12 -27.90 -6.31
C THR B 450 -19.65 -28.94 -5.34
N VAL B 451 -20.83 -28.68 -4.75
CA VAL B 451 -21.48 -29.65 -3.86
C VAL B 451 -21.80 -30.93 -4.63
N LYS B 452 -22.34 -30.79 -5.85
CA LYS B 452 -22.66 -31.93 -6.71
C LYS B 452 -21.39 -32.71 -7.10
N LEU B 453 -20.39 -32.01 -7.63
CA LEU B 453 -19.13 -32.61 -8.08
C LEU B 453 -18.46 -33.47 -7.00
N HIS B 454 -18.37 -32.98 -5.75
CA HIS B 454 -17.69 -33.69 -4.68
C HIS B 454 -18.63 -34.53 -3.82
N GLN B 455 -19.94 -34.48 -4.10
CA GLN B 455 -21.00 -35.22 -3.41
C GLN B 455 -20.90 -35.02 -1.91
N LEU B 456 -20.69 -33.78 -1.49
CA LEU B 456 -20.60 -33.45 -0.08
C LEU B 456 -22.01 -33.49 0.49
N PRO B 457 -22.27 -34.37 1.46
CA PRO B 457 -23.67 -34.59 1.89
C PRO B 457 -24.22 -33.54 2.84
N LEU B 458 -23.91 -32.25 2.60
CA LEU B 458 -24.38 -31.16 3.43
C LEU B 458 -25.86 -30.86 3.16
N LYS B 459 -26.51 -30.17 4.09
CA LYS B 459 -27.92 -29.85 3.98
C LYS B 459 -28.03 -28.35 3.90
N ALA B 460 -28.31 -27.83 2.71
CA ALA B 460 -28.43 -26.40 2.53
C ALA B 460 -29.87 -25.95 2.79
N VAL B 461 -30.12 -25.24 3.88
CA VAL B 461 -31.45 -24.74 4.21
C VAL B 461 -31.56 -23.30 3.78
N VAL B 462 -32.31 -23.04 2.71
CA VAL B 462 -32.46 -21.68 2.20
C VAL B 462 -33.64 -20.99 2.83
N PHE B 463 -33.37 -19.89 3.53
CA PHE B 463 -34.41 -19.04 4.11
C PHE B 463 -34.78 -18.09 2.98
N ASN B 464 -35.61 -18.57 2.06
CA ASN B 464 -35.96 -17.85 0.85
C ASN B 464 -37.05 -16.81 1.09
N ASN B 465 -36.67 -15.61 1.49
CA ASN B 465 -37.65 -14.55 1.74
C ASN B 465 -37.75 -13.56 0.57
N SER B 466 -37.12 -13.87 -0.60
CA SER B 466 -37.09 -13.04 -1.80
C SER B 466 -36.69 -11.61 -1.47
N SER B 467 -35.73 -11.47 -0.57
CA SER B 467 -35.39 -10.16 -0.06
C SER B 467 -34.01 -10.11 0.55
N LEU B 468 -33.46 -8.91 0.61
CA LEU B 468 -32.26 -8.62 1.39
C LEU B 468 -32.85 -8.20 2.72
N GLY B 469 -33.40 -9.20 3.44
CA GLY B 469 -34.14 -9.07 4.68
C GLY B 469 -33.58 -8.13 5.71
N MET B 470 -32.29 -8.28 6.00
CA MET B 470 -31.58 -7.45 6.97
C MET B 470 -31.62 -5.97 6.56
N VAL B 471 -31.50 -5.69 5.25
CA VAL B 471 -31.52 -4.32 4.74
C VAL B 471 -32.92 -3.72 4.87
N LYS B 472 -33.96 -4.53 4.65
CA LYS B 472 -35.36 -4.15 4.83
C LYS B 472 -35.57 -3.64 6.27
N LEU B 473 -34.99 -4.35 7.26
CA LEU B 473 -35.05 -4.01 8.67
C LEU B 473 -34.26 -2.72 8.96
N GLU B 474 -33.02 -2.59 8.41
CA GLU B 474 -32.21 -1.37 8.57
C GLU B 474 -32.98 -0.14 8.07
N MET B 475 -33.63 -0.24 6.90
CA MET B 475 -34.36 0.87 6.34
C MET B 475 -35.60 1.24 7.19
N LEU B 476 -36.27 0.24 7.78
CA LEU B 476 -37.40 0.50 8.66
C LEU B 476 -36.93 1.26 9.90
N VAL B 477 -35.81 0.83 10.51
CA VAL B 477 -35.23 1.45 11.70
C VAL B 477 -34.79 2.89 11.41
N GLU B 478 -34.15 3.13 10.25
CA GLU B 478 -33.67 4.47 9.87
C GLU B 478 -34.79 5.41 9.39
N GLY B 479 -36.01 4.93 9.24
CA GLY B 479 -37.11 5.75 8.73
C GLY B 479 -37.03 6.00 7.24
N GLN B 480 -36.43 5.06 6.50
CA GLN B 480 -36.25 5.18 5.06
C GLN B 480 -37.26 4.36 4.29
N PRO B 481 -37.94 4.94 3.27
CA PRO B 481 -38.87 4.15 2.46
C PRO B 481 -38.11 3.02 1.77
N GLU B 482 -38.64 1.81 1.86
CA GLU B 482 -38.01 0.62 1.34
C GLU B 482 -37.75 0.71 -0.15
N PHE B 483 -36.54 0.32 -0.58
CA PHE B 483 -36.17 0.37 -1.98
C PHE B 483 -35.00 -0.56 -2.25
N GLY B 484 -35.07 -1.31 -3.33
CA GLY B 484 -33.98 -2.17 -3.76
C GLY B 484 -33.72 -3.41 -2.96
N THR B 485 -34.61 -3.75 -2.02
CA THR B 485 -34.39 -4.90 -1.15
C THR B 485 -35.18 -6.12 -1.59
N ASP B 486 -36.43 -5.94 -2.08
CA ASP B 486 -37.27 -7.08 -2.43
C ASP B 486 -37.41 -7.26 -3.95
N HIS B 487 -37.29 -8.51 -4.41
CA HIS B 487 -37.31 -8.80 -5.83
C HIS B 487 -38.13 -10.06 -6.13
N GLU B 488 -38.36 -10.33 -7.42
CA GLU B 488 -39.16 -11.48 -7.80
C GLU B 488 -38.54 -12.79 -7.30
N GLU B 489 -39.44 -13.70 -6.90
CA GLU B 489 -39.12 -14.96 -6.30
C GLU B 489 -38.27 -15.84 -7.19
N VAL B 490 -37.39 -16.61 -6.57
CA VAL B 490 -36.52 -17.56 -7.25
C VAL B 490 -36.81 -18.99 -6.72
N ASN B 491 -36.85 -19.99 -7.60
CA ASN B 491 -37.04 -21.36 -7.18
C ASN B 491 -35.67 -22.06 -7.03
N PHE B 492 -35.11 -22.03 -5.84
CA PHE B 492 -33.81 -22.64 -5.59
C PHE B 492 -33.88 -24.17 -5.62
N ALA B 493 -35.03 -24.76 -5.25
CA ALA B 493 -35.22 -26.21 -5.32
C ALA B 493 -35.11 -26.69 -6.77
N GLU B 494 -35.72 -25.96 -7.72
CA GLU B 494 -35.63 -26.37 -9.14
C GLU B 494 -34.20 -26.17 -9.65
N ILE B 495 -33.51 -25.09 -9.23
CA ILE B 495 -32.13 -24.83 -9.66
C ILE B 495 -31.22 -25.94 -9.13
N ALA B 496 -31.35 -26.31 -7.85
CA ALA B 496 -30.59 -27.41 -7.26
C ALA B 496 -30.89 -28.73 -8.00
N ALA B 497 -32.16 -29.01 -8.31
CA ALA B 497 -32.53 -30.23 -9.04
C ALA B 497 -31.86 -30.25 -10.42
N ALA B 498 -31.87 -29.11 -11.13
CA ALA B 498 -31.22 -28.98 -12.43
C ALA B 498 -29.69 -29.20 -12.32
N ALA B 499 -29.10 -28.82 -11.17
CA ALA B 499 -27.68 -29.03 -10.89
C ALA B 499 -27.36 -30.46 -10.41
N GLY B 500 -28.37 -31.34 -10.29
CA GLY B 500 -28.15 -32.72 -9.88
C GLY B 500 -28.19 -32.96 -8.38
N ILE B 501 -28.74 -32.01 -7.62
CA ILE B 501 -28.84 -32.16 -6.18
C ILE B 501 -30.27 -32.46 -5.75
N LYS B 502 -30.48 -33.44 -4.85
CA LYS B 502 -31.81 -33.73 -4.31
C LYS B 502 -32.37 -32.49 -3.64
N SER B 503 -33.62 -32.11 -3.92
CA SER B 503 -34.14 -30.87 -3.33
C SER B 503 -35.60 -30.96 -2.94
N VAL B 504 -36.08 -30.02 -2.13
CA VAL B 504 -37.48 -29.97 -1.74
C VAL B 504 -37.85 -28.49 -1.56
N ARG B 505 -39.06 -28.11 -1.97
CA ARG B 505 -39.53 -26.74 -1.78
C ARG B 505 -40.62 -26.74 -0.72
N ILE B 506 -40.43 -25.98 0.36
CA ILE B 506 -41.42 -25.95 1.44
C ILE B 506 -42.13 -24.61 1.48
N THR B 507 -43.45 -24.60 1.30
CA THR B 507 -44.24 -23.37 1.38
C THR B 507 -45.32 -23.43 2.50
N ASP B 508 -45.69 -24.64 2.94
CA ASP B 508 -46.70 -24.85 3.97
C ASP B 508 -46.06 -24.98 5.36
N PRO B 509 -46.40 -24.06 6.28
CA PRO B 509 -45.84 -24.16 7.64
C PRO B 509 -46.20 -25.47 8.35
N LYS B 510 -47.33 -26.09 8.00
CA LYS B 510 -47.74 -27.36 8.60
C LYS B 510 -46.87 -28.54 8.14
N LYS B 511 -46.09 -28.38 7.05
CA LYS B 511 -45.24 -29.44 6.55
C LYS B 511 -43.75 -29.24 6.84
N VAL B 512 -43.34 -28.06 7.37
CA VAL B 512 -41.92 -27.76 7.61
C VAL B 512 -41.21 -28.84 8.42
N ARG B 513 -41.79 -29.25 9.56
CA ARG B 513 -41.13 -30.20 10.43
C ARG B 513 -40.89 -31.54 9.74
N GLU B 514 -41.93 -32.13 9.12
CA GLU B 514 -41.79 -33.44 8.51
C GLU B 514 -40.87 -33.41 7.30
N GLN B 515 -40.97 -32.38 6.45
CA GLN B 515 -40.12 -32.28 5.26
C GLN B 515 -38.66 -32.01 5.64
N LEU B 516 -38.41 -31.21 6.70
CA LEU B 516 -37.04 -30.99 7.14
C LEU B 516 -36.45 -32.28 7.68
N ALA B 517 -37.25 -33.05 8.48
CA ALA B 517 -36.81 -34.32 9.06
C ALA B 517 -36.37 -35.30 7.97
N GLU B 518 -37.17 -35.41 6.89
CA GLU B 518 -36.86 -36.32 5.78
C GLU B 518 -35.60 -35.85 5.04
N ALA B 519 -35.47 -34.54 4.81
CA ALA B 519 -34.29 -33.99 4.13
C ALA B 519 -33.01 -34.22 4.94
N LEU B 520 -33.05 -34.00 6.26
CA LEU B 520 -31.87 -34.21 7.10
C LEU B 520 -31.48 -35.69 7.19
N ALA B 521 -32.43 -36.62 7.01
CA ALA B 521 -32.13 -38.05 7.06
C ALA B 521 -31.59 -38.59 5.71
N TYR B 522 -31.77 -37.84 4.61
CA TYR B 522 -31.31 -38.30 3.31
C TYR B 522 -29.76 -38.47 3.27
N PRO B 523 -29.27 -39.62 2.79
CA PRO B 523 -27.80 -39.85 2.76
C PRO B 523 -27.14 -39.27 1.52
N GLY B 524 -27.07 -37.96 1.45
CA GLY B 524 -26.49 -37.26 0.32
C GLY B 524 -26.77 -35.77 0.39
N PRO B 525 -26.23 -34.99 -0.56
CA PRO B 525 -26.49 -33.55 -0.54
C PRO B 525 -27.97 -33.24 -0.74
N VAL B 526 -28.52 -32.27 0.00
CA VAL B 526 -29.91 -31.85 -0.16
C VAL B 526 -30.00 -30.32 -0.07
N LEU B 527 -30.81 -29.71 -0.92
CA LEU B 527 -31.10 -28.29 -0.79
C LEU B 527 -32.58 -28.18 -0.40
N ILE B 528 -32.88 -27.50 0.70
CA ILE B 528 -34.24 -27.31 1.20
C ILE B 528 -34.61 -25.86 0.99
N ASP B 529 -35.47 -25.57 0.03
CA ASP B 529 -35.86 -24.20 -0.29
C ASP B 529 -37.12 -23.83 0.48
N ILE B 530 -36.99 -23.05 1.53
CA ILE B 530 -38.14 -22.69 2.37
C ILE B 530 -38.60 -21.28 2.07
N VAL B 531 -39.85 -21.11 1.62
CA VAL B 531 -40.38 -19.79 1.33
C VAL B 531 -40.76 -19.12 2.64
N THR B 532 -39.94 -18.16 3.07
CA THR B 532 -40.15 -17.50 4.37
C THR B 532 -40.67 -16.07 4.23
N ASP B 533 -41.24 -15.54 5.31
CA ASP B 533 -41.76 -14.19 5.38
C ASP B 533 -40.65 -13.18 5.54
N PRO B 534 -40.52 -12.25 4.60
CA PRO B 534 -39.48 -11.22 4.74
C PRO B 534 -39.80 -10.19 5.85
N ASN B 535 -41.05 -10.10 6.30
CA ASN B 535 -41.48 -9.17 7.34
C ASN B 535 -41.60 -9.79 8.73
N ALA B 536 -41.14 -11.04 8.92
CA ALA B 536 -41.36 -11.72 10.21
C ALA B 536 -40.21 -11.50 11.14
N LEU B 537 -40.50 -10.94 12.34
CA LEU B 537 -39.49 -10.68 13.34
C LEU B 537 -40.12 -10.42 14.71
N SER B 538 -39.66 -11.14 15.74
CA SER B 538 -40.11 -10.97 17.12
C SER B 538 -39.25 -9.93 17.84
N ILE B 539 -39.76 -8.70 18.00
CA ILE B 539 -39.01 -7.63 18.63
C ILE B 539 -39.41 -7.51 20.09
N ALA C 4 29.56 -5.74 -20.85
CA ALA C 4 28.63 -5.74 -19.73
C ALA C 4 28.07 -7.13 -19.47
N HIS C 5 28.74 -7.89 -18.61
CA HIS C 5 28.30 -9.24 -18.30
C HIS C 5 27.26 -9.23 -17.16
N SER C 6 27.42 -8.36 -16.16
CA SER C 6 26.48 -8.33 -15.04
C SER C 6 25.36 -7.31 -15.25
N TYR C 7 24.26 -7.45 -14.49
CA TYR C 7 23.14 -6.52 -14.57
C TYR C 7 23.60 -5.12 -14.11
N ALA C 8 24.50 -5.03 -13.12
CA ALA C 8 25.01 -3.74 -12.65
C ALA C 8 25.74 -2.98 -13.80
N GLU C 9 26.51 -3.71 -14.61
CA GLU C 9 27.22 -3.12 -15.74
C GLU C 9 26.24 -2.72 -16.83
N GLN C 10 25.24 -3.56 -17.11
CA GLN C 10 24.24 -3.26 -18.13
C GLN C 10 23.43 -2.03 -17.76
N LEU C 11 23.10 -1.88 -16.46
CA LEU C 11 22.36 -0.72 -16.01
C LEU C 11 23.16 0.56 -16.25
N ILE C 12 24.44 0.56 -15.84
CA ILE C 12 25.28 1.74 -15.98
C ILE C 12 25.55 2.05 -17.46
N ASP C 13 25.80 1.02 -18.30
CA ASP C 13 25.97 1.22 -19.73
C ASP C 13 24.73 1.83 -20.37
N THR C 14 23.53 1.39 -19.96
CA THR C 14 22.28 1.94 -20.45
C THR C 14 22.14 3.41 -20.07
N LEU C 15 22.48 3.78 -18.83
CA LEU C 15 22.43 5.18 -18.39
C LEU C 15 23.43 6.05 -19.15
N GLU C 16 24.63 5.52 -19.39
CA GLU C 16 25.64 6.26 -20.14
C GLU C 16 25.16 6.45 -21.59
N ALA C 17 24.56 5.42 -22.21
CA ALA C 17 24.02 5.55 -23.57
C ALA C 17 22.88 6.61 -23.63
N GLN C 18 22.19 6.84 -22.53
CA GLN C 18 21.15 7.84 -22.44
C GLN C 18 21.69 9.26 -22.16
N GLY C 19 23.01 9.42 -22.02
CA GLY C 19 23.60 10.72 -21.77
C GLY C 19 23.74 11.12 -20.31
N VAL C 20 23.52 10.18 -19.37
CA VAL C 20 23.67 10.46 -17.95
C VAL C 20 25.16 10.72 -17.68
N LYS C 21 25.48 11.87 -17.07
CA LYS C 21 26.87 12.24 -16.80
C LYS C 21 27.27 12.05 -15.35
N ARG C 22 26.29 12.05 -14.42
CA ARG C 22 26.51 11.96 -12.98
C ARG C 22 25.47 11.12 -12.29
N ILE C 23 25.84 10.53 -11.15
CA ILE C 23 24.87 9.85 -10.29
C ILE C 23 25.11 10.38 -8.87
N TYR C 24 24.08 10.93 -8.22
CA TYR C 24 24.24 11.42 -6.85
C TYR C 24 23.89 10.29 -5.89
N GLY C 25 24.71 10.05 -4.88
CA GLY C 25 24.41 9.01 -3.91
C GLY C 25 25.44 8.82 -2.83
N LEU C 26 25.30 7.74 -2.08
CA LEU C 26 26.19 7.39 -0.98
C LEU C 26 26.35 5.89 -1.04
N VAL C 27 27.57 5.40 -1.27
CA VAL C 27 27.79 3.96 -1.46
C VAL C 27 27.54 3.13 -0.18
N GLY C 28 27.25 1.85 -0.35
CA GLY C 28 27.04 0.93 0.76
C GLY C 28 26.42 -0.37 0.32
N ASP C 29 26.73 -1.46 1.02
CA ASP C 29 26.22 -2.83 0.86
C ASP C 29 25.78 -3.18 -0.61
N SER C 30 24.47 -3.32 -0.87
CA SER C 30 23.89 -3.72 -2.13
C SER C 30 24.17 -2.78 -3.31
N LEU C 31 24.60 -1.55 -3.04
CA LEU C 31 24.93 -0.58 -4.07
C LEU C 31 26.41 -0.76 -4.55
N ASN C 32 27.24 -1.50 -3.81
CA ASN C 32 28.66 -1.70 -4.17
C ASN C 32 28.87 -2.24 -5.60
N PRO C 33 28.16 -3.29 -6.09
CA PRO C 33 28.39 -3.71 -7.48
C PRO C 33 28.02 -2.62 -8.49
N ILE C 34 27.01 -1.81 -8.17
CA ILE C 34 26.60 -0.73 -9.05
C ILE C 34 27.68 0.37 -9.09
N VAL C 35 28.24 0.77 -7.94
CA VAL C 35 29.30 1.79 -7.94
C VAL C 35 30.60 1.23 -8.58
N ASP C 36 30.81 -0.11 -8.58
CA ASP C 36 31.93 -0.70 -9.28
C ASP C 36 31.76 -0.49 -10.80
N ALA C 37 30.52 -0.59 -11.29
CA ALA C 37 30.22 -0.36 -12.71
C ALA C 37 30.34 1.14 -13.02
N VAL C 38 29.92 2.03 -12.10
CA VAL C 38 30.09 3.48 -12.29
C VAL C 38 31.60 3.80 -12.40
N ARG C 39 32.43 3.16 -11.57
CA ARG C 39 33.89 3.35 -11.59
C ARG C 39 34.47 3.05 -12.97
N GLN C 40 34.00 1.97 -13.62
CA GLN C 40 34.47 1.58 -14.94
C GLN C 40 33.76 2.30 -16.10
N SER C 41 32.98 3.35 -15.82
CA SER C 41 32.26 4.08 -16.86
C SER C 41 32.72 5.56 -16.93
N ASP C 42 32.10 6.35 -17.84
CA ASP C 42 32.32 7.80 -17.95
C ASP C 42 31.41 8.59 -16.99
N ILE C 43 30.55 7.94 -16.19
CA ILE C 43 29.65 8.64 -15.30
C ILE C 43 30.40 9.05 -14.03
N GLU C 44 30.21 10.28 -13.58
CA GLU C 44 30.80 10.76 -12.35
C GLU C 44 29.98 10.30 -11.12
N TRP C 45 30.66 9.88 -10.05
CA TRP C 45 29.96 9.51 -8.82
C TRP C 45 30.00 10.73 -7.89
N VAL C 46 28.84 11.28 -7.51
CA VAL C 46 28.80 12.47 -6.67
C VAL C 46 28.38 12.08 -5.26
N HIS C 47 29.36 11.92 -4.35
CA HIS C 47 29.10 11.53 -2.97
C HIS C 47 28.39 12.66 -2.21
N VAL C 48 27.28 12.34 -1.55
CA VAL C 48 26.53 13.28 -0.72
C VAL C 48 26.63 12.83 0.74
N ARG C 49 26.27 13.70 1.70
CA ARG C 49 26.33 13.32 3.11
C ARG C 49 25.06 12.61 3.56
N ASN C 50 23.92 12.93 2.95
CA ASN C 50 22.62 12.37 3.28
C ASN C 50 21.89 12.09 1.95
N GLU C 51 21.41 10.86 1.73
CA GLU C 51 20.78 10.47 0.46
C GLU C 51 19.59 11.36 0.11
N GLU C 52 18.96 12.04 1.08
CA GLU C 52 17.88 13.00 0.78
C GLU C 52 18.35 14.08 -0.21
N ALA C 53 19.60 14.53 -0.02
CA ALA C 53 20.23 15.53 -0.86
C ALA C 53 20.48 15.01 -2.25
N ALA C 54 20.80 13.72 -2.41
CA ALA C 54 21.03 13.14 -3.73
C ALA C 54 19.74 13.19 -4.57
N ALA C 55 18.59 12.93 -3.92
CA ALA C 55 17.30 12.96 -4.61
C ALA C 55 16.94 14.41 -5.02
N PHE C 56 17.15 15.41 -4.13
CA PHE C 56 16.91 16.82 -4.48
C PHE C 56 17.86 17.28 -5.64
N ALA C 57 19.14 16.88 -5.56
CA ALA C 57 20.13 17.28 -6.56
C ALA C 57 19.76 16.73 -7.93
N ALA C 58 19.34 15.46 -7.99
CA ALA C 58 18.92 14.86 -9.26
C ALA C 58 17.69 15.60 -9.83
N GLY C 59 16.71 15.89 -8.98
CA GLY C 59 15.53 16.65 -9.40
C GLY C 59 15.88 18.01 -9.98
N ALA C 60 16.80 18.75 -9.31
CA ALA C 60 17.20 20.06 -9.79
C ALA C 60 18.00 19.97 -11.07
N GLU C 61 18.93 19.00 -11.19
CA GLU C 61 19.71 18.82 -12.44
C GLU C 61 18.76 18.61 -13.64
N SER C 62 17.73 17.76 -13.43
CA SER C 62 16.75 17.46 -14.44
C SER C 62 15.95 18.70 -14.82
N LEU C 63 15.55 19.54 -13.83
CA LEU C 63 14.80 20.75 -14.16
C LEU C 63 15.65 21.73 -14.97
N ILE C 64 16.96 21.73 -14.78
CA ILE C 64 17.87 22.64 -15.48
C ILE C 64 18.20 22.14 -16.88
N THR C 65 18.43 20.83 -17.06
CA THR C 65 18.82 20.28 -18.36
C THR C 65 17.65 19.85 -19.24
N GLY C 66 16.50 19.50 -18.63
CA GLY C 66 15.37 18.91 -19.35
C GLY C 66 15.63 17.45 -19.70
N GLU C 67 16.66 16.83 -19.09
CA GLU C 67 17.06 15.47 -19.38
C GLU C 67 17.00 14.59 -18.13
N LEU C 68 17.24 13.29 -18.32
CA LEU C 68 17.25 12.32 -17.22
C LEU C 68 18.34 12.67 -16.17
N ALA C 69 17.99 12.59 -14.90
CA ALA C 69 18.95 12.72 -13.81
C ALA C 69 18.81 11.50 -12.90
N VAL C 70 19.90 11.06 -12.25
CA VAL C 70 19.87 9.82 -11.48
C VAL C 70 20.41 9.97 -10.07
N CYS C 71 19.73 9.35 -9.10
CA CYS C 71 20.23 9.25 -7.72
C CYS C 71 20.26 7.77 -7.34
N ALA C 72 21.07 7.42 -6.36
CA ALA C 72 21.25 6.01 -5.98
C ALA C 72 21.49 5.92 -4.50
N ALA C 73 20.95 4.85 -3.88
CA ALA C 73 21.14 4.67 -2.45
C ALA C 73 21.18 3.19 -2.08
N SER C 74 21.83 2.89 -0.95
CA SER C 74 22.01 1.52 -0.45
C SER C 74 20.68 0.95 0.11
N CYS C 75 20.68 -0.30 0.56
CA CYS C 75 19.45 -0.97 0.96
C CYS C 75 18.83 -0.39 2.22
N GLY C 76 17.55 -0.67 2.43
CA GLY C 76 16.80 -0.29 3.61
C GLY C 76 16.90 1.17 3.96
N PRO C 77 17.61 1.50 5.06
CA PRO C 77 17.71 2.89 5.49
C PRO C 77 18.33 3.82 4.45
N GLY C 78 19.23 3.32 3.61
CA GLY C 78 19.87 4.14 2.58
C GLY C 78 18.85 4.71 1.61
N ASN C 79 18.08 3.85 0.94
CA ASN C 79 17.10 4.33 -0.03
C ASN C 79 15.91 5.02 0.68
N THR C 80 15.64 4.70 1.96
CA THR C 80 14.56 5.34 2.70
C THR C 80 14.81 6.86 2.78
N HIS C 81 16.07 7.28 2.90
CA HIS C 81 16.46 8.69 2.97
C HIS C 81 16.16 9.45 1.67
N LEU C 82 15.98 8.76 0.52
CA LEU C 82 15.67 9.45 -0.73
C LEU C 82 14.29 10.09 -0.74
N ILE C 83 13.34 9.53 0.04
CA ILE C 83 11.92 9.83 0.01
C ILE C 83 11.56 11.32 -0.07
N GLN C 84 12.06 12.22 0.81
CA GLN C 84 11.69 13.63 0.72
C GLN C 84 12.03 14.24 -0.65
N GLY C 85 13.23 13.93 -1.13
CA GLY C 85 13.68 14.46 -2.40
C GLY C 85 12.92 13.88 -3.57
N LEU C 86 12.46 12.60 -3.43
CA LEU C 86 11.67 11.98 -4.49
C LEU C 86 10.25 12.60 -4.55
N TYR C 87 9.63 12.90 -3.38
CA TYR C 87 8.33 13.59 -3.40
C TYR C 87 8.43 14.94 -4.10
N ASP C 88 9.50 15.69 -3.80
CA ASP C 88 9.73 17.01 -4.37
C ASP C 88 9.96 16.89 -5.88
N SER C 89 10.88 15.99 -6.30
CA SER C 89 11.16 15.80 -7.73
C SER C 89 9.88 15.34 -8.48
N HIS C 90 9.08 14.49 -7.88
CA HIS C 90 7.84 13.98 -8.47
C HIS C 90 6.82 15.10 -8.66
N ARG C 91 6.58 15.92 -7.61
CA ARG C 91 5.63 17.03 -7.71
C ARG C 91 6.12 18.05 -8.74
N ASN C 92 7.44 18.23 -8.88
CA ASN C 92 7.98 19.20 -9.85
C ASN C 92 8.03 18.64 -11.29
N GLY C 93 7.61 17.41 -11.52
CA GLY C 93 7.64 16.81 -12.85
C GLY C 93 9.07 16.61 -13.35
N ALA C 94 10.04 16.41 -12.44
CA ALA C 94 11.42 16.18 -12.86
C ALA C 94 11.56 14.79 -13.53
N LYS C 95 12.58 14.62 -14.37
CA LYS C 95 12.81 13.34 -15.03
C LYS C 95 13.90 12.64 -14.26
N VAL C 96 13.51 11.88 -13.24
CA VAL C 96 14.48 11.28 -12.34
C VAL C 96 14.30 9.77 -12.26
N LEU C 97 15.45 9.08 -12.25
CA LEU C 97 15.50 7.66 -12.01
C LEU C 97 16.19 7.47 -10.67
N ALA C 98 15.53 6.83 -9.72
CA ALA C 98 16.13 6.54 -8.42
C ALA C 98 16.53 5.06 -8.39
N ILE C 99 17.80 4.77 -8.16
CA ILE C 99 18.27 3.40 -8.04
C ILE C 99 18.21 3.04 -6.58
N ALA C 100 17.20 2.29 -6.19
CA ALA C 100 17.04 1.92 -4.79
C ALA C 100 17.58 0.53 -4.58
N SER C 101 18.85 0.38 -4.13
CA SER C 101 19.41 -0.93 -3.83
C SER C 101 18.62 -1.57 -2.71
N HIS C 102 18.56 -2.89 -2.72
CA HIS C 102 17.70 -3.61 -1.80
C HIS C 102 18.47 -4.74 -1.14
N ILE C 103 17.91 -5.32 -0.07
CA ILE C 103 18.59 -6.42 0.64
C ILE C 103 18.78 -7.63 -0.30
N PRO C 104 19.70 -8.55 0.00
CA PRO C 104 19.87 -9.73 -0.86
C PRO C 104 18.55 -10.47 -1.05
N SER C 105 18.24 -10.89 -2.28
CA SER C 105 16.97 -11.51 -2.62
C SER C 105 16.65 -12.75 -1.76
N ALA C 106 17.67 -13.53 -1.31
CA ALA C 106 17.37 -14.72 -0.49
C ALA C 106 16.79 -14.36 0.89
N GLN C 107 17.00 -13.10 1.35
CA GLN C 107 16.55 -12.67 2.67
C GLN C 107 15.21 -11.93 2.64
N ILE C 108 14.66 -11.64 1.45
CA ILE C 108 13.39 -10.95 1.37
C ILE C 108 12.29 -11.80 1.99
N GLY C 109 11.56 -11.20 2.92
CA GLY C 109 10.47 -11.88 3.59
C GLY C 109 10.87 -12.52 4.89
N SER C 110 12.15 -12.41 5.29
CA SER C 110 12.60 -13.00 6.53
C SER C 110 12.84 -11.96 7.61
N THR C 111 12.31 -10.70 7.48
CA THR C 111 12.53 -9.63 8.51
C THR C 111 14.05 -9.52 8.77
N PHE C 112 14.82 -9.45 7.68
CA PHE C 112 16.27 -9.42 7.76
C PHE C 112 16.74 -8.07 8.29
N PHE C 113 18.04 -8.00 8.62
CA PHE C 113 18.74 -6.78 8.98
C PHE C 113 18.53 -5.73 7.87
N GLN C 114 18.07 -4.52 8.22
CA GLN C 114 17.81 -3.44 7.24
C GLN C 114 16.64 -3.66 6.30
N GLU C 115 15.81 -4.71 6.47
CA GLU C 115 14.71 -4.96 5.54
C GLU C 115 13.62 -3.89 5.61
N THR C 116 13.26 -3.38 4.42
CA THR C 116 12.13 -2.51 4.10
C THR C 116 11.50 -3.09 2.80
N HIS C 117 10.38 -2.51 2.31
CA HIS C 117 9.77 -2.85 1.01
C HIS C 117 9.70 -1.56 0.18
N PRO C 118 10.84 -1.14 -0.38
CA PRO C 118 10.85 0.14 -1.13
C PRO C 118 9.90 0.14 -2.33
N GLU C 119 9.76 -1.03 -2.97
CA GLU C 119 8.85 -1.22 -4.11
C GLU C 119 7.38 -0.95 -3.69
N ILE C 120 7.07 -0.89 -2.39
CA ILE C 120 5.75 -0.49 -1.89
C ILE C 120 5.82 0.95 -1.38
N LEU C 121 6.83 1.27 -0.57
CA LEU C 121 7.00 2.59 0.04
C LEU C 121 6.98 3.77 -0.98
N PHE C 122 7.64 3.61 -2.12
CA PHE C 122 7.80 4.70 -3.06
C PHE C 122 6.66 4.83 -4.10
N LYS C 123 5.55 4.09 -3.95
CA LYS C 123 4.45 4.15 -4.92
C LYS C 123 3.81 5.54 -4.98
N GLU C 124 3.68 6.27 -3.86
CA GLU C 124 3.03 7.61 -3.93
C GLU C 124 3.95 8.68 -4.52
N CYS C 125 5.28 8.56 -4.35
CA CYS C 125 6.18 9.60 -4.87
C CYS C 125 6.83 9.17 -6.18
N SER C 126 6.12 8.41 -7.01
CA SER C 126 6.64 8.02 -8.31
C SER C 126 5.52 7.71 -9.30
N GLY C 127 5.83 7.74 -10.58
CA GLY C 127 4.92 7.32 -11.64
C GLY C 127 5.18 5.86 -12.02
N TYR C 128 6.35 5.30 -11.60
CA TYR C 128 6.75 3.94 -11.89
C TYR C 128 7.67 3.46 -10.76
N CYS C 129 7.40 2.27 -10.20
CA CYS C 129 8.19 1.76 -9.09
C CYS C 129 8.08 0.23 -9.07
N GLU C 130 9.14 -0.48 -9.45
CA GLU C 130 9.12 -1.94 -9.51
C GLU C 130 10.45 -2.53 -9.04
N MET C 131 10.45 -3.82 -8.67
CA MET C 131 11.61 -4.52 -8.18
C MET C 131 12.22 -5.46 -9.22
N VAL C 132 13.53 -5.47 -9.30
CA VAL C 132 14.28 -6.35 -10.18
C VAL C 132 14.34 -7.73 -9.57
N ASN C 133 14.03 -8.80 -10.34
CA ASN C 133 14.12 -10.16 -9.78
C ASN C 133 15.08 -11.06 -10.62
N GLY C 134 15.63 -10.53 -11.69
CA GLY C 134 16.55 -11.23 -12.59
C GLY C 134 17.12 -10.28 -13.62
N GLY C 135 18.09 -10.75 -14.38
CA GLY C 135 18.77 -9.94 -15.39
C GLY C 135 17.89 -9.42 -16.51
N GLU C 136 17.18 -10.31 -17.21
CA GLU C 136 16.32 -9.91 -18.32
C GLU C 136 15.16 -9.06 -17.82
N GLN C 137 14.57 -9.42 -16.68
CA GLN C 137 13.47 -8.63 -16.16
C GLN C 137 14.00 -7.24 -15.68
N GLY C 138 15.21 -7.20 -15.13
CA GLY C 138 15.80 -5.95 -14.67
C GLY C 138 16.04 -4.98 -15.80
N GLU C 139 16.43 -5.51 -16.94
CA GLU C 139 16.68 -4.73 -18.14
C GLU C 139 15.34 -4.13 -18.63
N ARG C 140 14.27 -4.94 -18.61
CA ARG C 140 12.93 -4.50 -18.97
C ARG C 140 12.47 -3.35 -18.08
N ILE C 141 12.50 -3.55 -16.75
CA ILE C 141 11.93 -2.52 -15.86
C ILE C 141 12.83 -1.28 -15.84
N LEU C 142 14.13 -1.39 -16.14
CA LEU C 142 14.98 -0.21 -16.25
C LEU C 142 14.51 0.64 -17.46
N HIS C 143 14.24 -0.03 -18.61
CA HIS C 143 13.72 0.67 -19.77
C HIS C 143 12.38 1.35 -19.44
N HIS C 144 11.44 0.58 -18.83
CA HIS C 144 10.10 1.09 -18.54
C HIS C 144 10.18 2.27 -17.58
N ALA C 145 11.10 2.22 -16.59
CA ALA C 145 11.29 3.31 -15.63
C ALA C 145 11.80 4.55 -16.33
N ILE C 146 12.81 4.41 -17.21
CA ILE C 146 13.35 5.58 -17.93
C ILE C 146 12.29 6.15 -18.86
N GLN C 147 11.59 5.29 -19.62
CA GLN C 147 10.59 5.75 -20.56
C GLN C 147 9.42 6.43 -19.86
N SER C 148 9.00 5.92 -18.69
CA SER C 148 7.92 6.54 -17.94
C SER C 148 8.32 7.96 -17.47
N THR C 149 9.53 8.12 -16.90
CA THR C 149 9.94 9.43 -16.43
C THR C 149 10.21 10.41 -17.62
N MET C 150 10.79 9.92 -18.72
CA MET C 150 11.04 10.78 -19.89
C MET C 150 9.75 11.21 -20.57
N ALA C 151 8.65 10.46 -20.40
CA ALA C 151 7.35 10.83 -20.95
C ALA C 151 6.57 11.81 -20.03
N GLY C 152 7.17 12.26 -18.93
CA GLY C 152 6.53 13.19 -18.01
C GLY C 152 5.62 12.59 -16.95
N LYS C 153 5.80 11.30 -16.63
CA LYS C 153 4.97 10.67 -15.58
C LYS C 153 5.55 10.84 -14.17
N GLY C 154 6.65 11.55 -14.02
CA GLY C 154 7.24 11.78 -12.70
C GLY C 154 8.40 10.86 -12.39
N VAL C 155 8.75 10.76 -11.12
CA VAL C 155 9.90 9.94 -10.70
C VAL C 155 9.70 8.46 -11.03
N SER C 156 10.77 7.78 -11.41
CA SER C 156 10.76 6.33 -11.54
C SER C 156 11.74 5.74 -10.54
N VAL C 157 11.37 4.64 -9.90
CA VAL C 157 12.19 3.94 -8.94
C VAL C 157 12.41 2.53 -9.39
N VAL C 158 13.66 2.09 -9.37
CA VAL C 158 13.99 0.71 -9.70
C VAL C 158 14.62 0.11 -8.45
N VAL C 159 14.02 -0.94 -7.89
CA VAL C 159 14.51 -1.54 -6.67
C VAL C 159 15.36 -2.75 -7.01
N ILE C 160 16.64 -2.75 -6.61
CA ILE C 160 17.55 -3.82 -7.04
C ILE C 160 18.21 -4.56 -5.90
N PRO C 161 17.80 -5.82 -5.62
CA PRO C 161 18.53 -6.63 -4.62
C PRO C 161 20.00 -6.77 -5.02
N GLY C 162 20.90 -6.53 -4.07
CA GLY C 162 22.34 -6.54 -4.31
C GLY C 162 22.92 -7.74 -5.01
N ASP C 163 22.46 -8.94 -4.68
CA ASP C 163 22.95 -10.17 -5.30
C ASP C 163 22.54 -10.23 -6.78
N ILE C 164 21.33 -9.77 -7.11
CA ILE C 164 20.84 -9.78 -8.49
C ILE C 164 21.62 -8.79 -9.36
N ALA C 165 22.10 -7.67 -8.79
CA ALA C 165 22.96 -6.74 -9.54
C ALA C 165 24.24 -7.45 -10.05
N LYS C 166 24.73 -8.46 -9.31
CA LYS C 166 25.94 -9.21 -9.71
C LYS C 166 25.64 -10.37 -10.69
N GLU C 167 24.36 -10.73 -10.89
CA GLU C 167 24.01 -11.83 -11.80
C GLU C 167 24.11 -11.37 -13.28
N ASP C 168 23.99 -12.33 -14.21
CA ASP C 168 24.06 -12.07 -15.64
C ASP C 168 23.06 -11.03 -16.10
N ALA C 169 23.50 -10.18 -17.01
CA ALA C 169 22.67 -9.15 -17.64
C ALA C 169 21.68 -9.79 -18.61
N GLY C 170 20.64 -9.05 -18.99
CA GLY C 170 19.72 -9.50 -20.02
C GLY C 170 20.41 -9.48 -21.40
N ASP C 171 19.68 -9.87 -22.44
CA ASP C 171 20.25 -9.96 -23.79
C ASP C 171 20.35 -8.63 -24.57
N GLY C 172 19.96 -7.51 -23.96
CA GLY C 172 20.04 -6.22 -24.63
C GLY C 172 18.80 -5.70 -25.35
N THR C 173 17.78 -6.55 -25.52
CA THR C 173 16.53 -6.18 -26.22
C THR C 173 15.93 -4.82 -25.76
N TYR C 174 15.78 -4.61 -24.46
CA TYR C 174 15.14 -3.39 -23.93
C TYR C 174 16.14 -2.25 -23.73
N SER C 175 17.41 -2.58 -23.46
CA SER C 175 18.46 -1.55 -23.34
C SER C 175 18.80 -0.94 -24.71
N ASN C 176 18.57 -1.66 -25.81
CA ASN C 176 18.85 -1.14 -27.15
C ASN C 176 17.81 -0.15 -27.65
N SER C 177 16.69 0.05 -26.93
CA SER C 177 15.65 0.95 -27.40
C SER C 177 15.97 2.41 -27.32
N THR C 178 15.44 3.18 -28.26
CA THR C 178 15.47 4.63 -28.22
C THR C 178 14.31 5.05 -27.31
N ILE C 179 14.57 6.02 -26.43
CA ILE C 179 13.57 6.50 -25.52
C ILE C 179 12.84 7.68 -26.16
N SER C 180 11.50 7.67 -26.09
CA SER C 180 10.73 8.81 -26.57
C SER C 180 10.77 9.91 -25.53
N SER C 181 11.44 11.01 -25.85
CA SER C 181 11.49 12.16 -24.96
C SER C 181 10.90 13.43 -25.61
N GLY C 182 10.30 13.32 -26.80
CA GLY C 182 9.77 14.49 -27.50
C GLY C 182 8.55 15.09 -26.83
N THR C 183 8.23 16.30 -27.19
CA THR C 183 7.05 16.99 -26.69
C THR C 183 5.98 16.96 -27.77
N PRO C 184 4.91 16.18 -27.57
CA PRO C 184 3.83 16.18 -28.57
C PRO C 184 3.05 17.52 -28.54
N VAL C 185 2.30 17.79 -29.61
CA VAL C 185 1.51 19.02 -29.76
C VAL C 185 0.04 18.64 -29.61
N VAL C 186 -0.55 19.00 -28.46
CA VAL C 186 -1.90 18.56 -28.13
C VAL C 186 -2.95 19.63 -28.50
N PHE C 187 -3.63 19.43 -29.61
CA PHE C 187 -4.72 20.31 -30.02
C PHE C 187 -5.98 19.91 -29.28
N PRO C 188 -6.85 20.88 -28.94
CA PRO C 188 -8.05 20.54 -28.20
C PRO C 188 -9.14 19.89 -29.06
N ASP C 189 -10.12 19.28 -28.40
CA ASP C 189 -11.30 18.75 -29.06
C ASP C 189 -12.06 19.97 -29.64
N PRO C 190 -12.43 19.95 -30.92
CA PRO C 190 -13.08 21.14 -31.52
C PRO C 190 -14.31 21.61 -30.77
N THR C 191 -15.05 20.71 -30.10
CA THR C 191 -16.26 21.10 -29.35
C THR C 191 -15.87 21.92 -28.12
N GLU C 192 -14.79 21.52 -27.43
CA GLU C 192 -14.32 22.27 -26.25
C GLU C 192 -13.75 23.61 -26.68
N ALA C 193 -12.99 23.63 -27.79
CA ALA C 193 -12.42 24.89 -28.30
C ALA C 193 -13.56 25.85 -28.71
N ALA C 194 -14.63 25.34 -29.35
CA ALA C 194 -15.78 26.16 -29.76
C ALA C 194 -16.48 26.78 -28.54
N ALA C 195 -16.62 26.02 -27.44
CA ALA C 195 -17.25 26.57 -26.24
C ALA C 195 -16.38 27.68 -25.63
N LEU C 196 -15.05 27.54 -25.70
CA LEU C 196 -14.12 28.55 -25.20
C LEU C 196 -14.22 29.81 -26.07
N VAL C 197 -14.31 29.66 -27.39
CA VAL C 197 -14.45 30.80 -28.31
C VAL C 197 -15.75 31.57 -27.97
N GLU C 198 -16.85 30.85 -27.76
CA GLU C 198 -18.13 31.46 -27.44
C GLU C 198 -18.04 32.22 -26.10
N ALA C 199 -17.39 31.63 -25.09
CA ALA C 199 -17.21 32.26 -23.79
C ALA C 199 -16.37 33.54 -23.89
N ILE C 200 -15.31 33.51 -24.71
CA ILE C 200 -14.47 34.69 -24.88
C ILE C 200 -15.23 35.78 -25.62
N ASN C 201 -15.92 35.44 -26.73
CA ASN C 201 -16.64 36.45 -27.52
C ASN C 201 -17.81 37.03 -26.76
N ASN C 202 -18.44 36.28 -25.84
CA ASN C 202 -19.55 36.81 -25.05
C ASN C 202 -19.10 37.65 -23.86
N ALA C 203 -17.83 37.50 -23.40
CA ALA C 203 -17.33 38.27 -22.27
C ALA C 203 -16.91 39.65 -22.70
N LYS C 204 -17.22 40.69 -21.91
CA LYS C 204 -16.79 42.05 -22.27
C LYS C 204 -15.37 42.31 -21.75
N SER C 205 -14.91 41.56 -20.73
CA SER C 205 -13.58 41.71 -20.14
C SER C 205 -13.07 40.32 -19.75
N VAL C 206 -11.78 40.06 -19.99
CA VAL C 206 -11.17 38.77 -19.71
C VAL C 206 -9.86 38.95 -18.99
N THR C 207 -9.49 38.03 -18.10
CA THR C 207 -8.20 38.00 -17.42
C THR C 207 -7.57 36.63 -17.67
N LEU C 208 -6.26 36.58 -17.94
CA LEU C 208 -5.56 35.30 -18.10
C LEU C 208 -4.74 35.03 -16.85
N PHE C 209 -4.83 33.82 -16.28
CA PHE C 209 -4.03 33.48 -15.10
C PHE C 209 -3.19 32.29 -15.49
N CYS C 210 -1.88 32.48 -15.62
CA CYS C 210 -0.96 31.51 -16.17
C CYS C 210 -0.08 30.80 -15.16
N GLY C 211 0.20 29.55 -15.44
CA GLY C 211 1.10 28.77 -14.60
C GLY C 211 2.23 28.17 -15.41
N ALA C 212 2.93 27.19 -14.85
CA ALA C 212 4.07 26.52 -15.50
C ALA C 212 3.74 25.92 -16.88
N GLY C 213 2.46 25.61 -17.12
CA GLY C 213 2.01 25.09 -18.42
C GLY C 213 2.14 26.04 -19.60
N VAL C 214 2.43 27.33 -19.34
CA VAL C 214 2.63 28.29 -20.45
C VAL C 214 4.13 28.44 -20.80
N LYS C 215 5.01 27.58 -20.26
CA LYS C 215 6.44 27.56 -20.55
C LYS C 215 6.75 27.69 -22.06
N ASN C 216 6.07 26.93 -22.94
CA ASN C 216 6.33 27.03 -24.38
C ASN C 216 5.20 27.75 -25.14
N ALA C 217 4.48 28.64 -24.46
CA ALA C 217 3.36 29.35 -25.04
C ALA C 217 3.39 30.85 -24.80
N ARG C 218 4.55 31.43 -24.44
CA ARG C 218 4.66 32.88 -24.23
C ARG C 218 4.08 33.73 -25.35
N ALA C 219 4.48 33.43 -26.61
CA ALA C 219 4.07 34.21 -27.76
C ALA C 219 2.56 34.14 -27.93
N GLN C 220 1.97 32.96 -27.74
CA GLN C 220 0.55 32.73 -27.90
C GLN C 220 -0.26 33.41 -26.81
N VAL C 221 0.22 33.35 -25.57
CA VAL C 221 -0.45 34.01 -24.45
C VAL C 221 -0.50 35.54 -24.69
N LEU C 222 0.63 36.16 -25.08
CA LEU C 222 0.71 37.60 -25.37
C LEU C 222 -0.16 37.98 -26.57
N GLU C 223 -0.20 37.12 -27.58
CA GLU C 223 -0.98 37.30 -28.80
C GLU C 223 -2.49 37.30 -28.45
N LEU C 224 -2.91 36.35 -27.59
CA LEU C 224 -4.30 36.30 -27.17
C LEU C 224 -4.64 37.51 -26.30
N ALA C 225 -3.73 37.88 -25.40
CA ALA C 225 -3.92 39.02 -24.50
C ALA C 225 -4.07 40.33 -25.27
N GLU C 226 -3.35 40.50 -26.37
CA GLU C 226 -3.46 41.72 -27.16
C GLU C 226 -4.82 41.78 -27.87
N LYS C 227 -5.29 40.65 -28.39
CA LYS C 227 -6.55 40.59 -29.11
C LYS C 227 -7.75 40.86 -28.21
N ILE C 228 -7.78 40.28 -26.98
CA ILE C 228 -8.93 40.47 -26.11
C ILE C 228 -8.68 41.49 -24.99
N LYS C 229 -7.54 42.22 -24.99
CA LYS C 229 -7.21 43.27 -24.00
C LYS C 229 -7.33 42.72 -22.58
N SER C 230 -6.61 41.64 -22.30
CA SER C 230 -6.70 40.98 -21.01
C SER C 230 -5.47 41.14 -20.16
N PRO C 231 -5.63 41.58 -18.90
CA PRO C 231 -4.50 41.54 -17.96
C PRO C 231 -4.00 40.08 -17.77
N ILE C 232 -2.71 39.89 -17.49
CA ILE C 232 -2.13 38.57 -17.28
C ILE C 232 -1.56 38.50 -15.88
N GLY C 233 -2.07 37.59 -15.08
CA GLY C 233 -1.53 37.27 -13.77
C GLY C 233 -0.84 35.92 -13.84
N HIS C 234 -0.11 35.54 -12.77
CA HIS C 234 0.53 34.23 -12.79
C HIS C 234 0.63 33.56 -11.44
N ALA C 235 0.58 32.24 -11.48
CA ALA C 235 0.85 31.41 -10.32
C ALA C 235 2.37 31.37 -10.16
N LEU C 236 2.87 31.03 -8.98
CA LEU C 236 4.31 30.97 -8.72
C LEU C 236 5.08 30.09 -9.75
N GLY C 237 4.50 28.96 -10.16
CA GLY C 237 5.14 28.07 -11.12
C GLY C 237 5.32 28.67 -12.50
N GLY C 238 4.51 29.66 -12.86
CA GLY C 238 4.59 30.32 -14.15
C GLY C 238 5.40 31.60 -14.19
N LYS C 239 5.83 32.09 -13.01
CA LYS C 239 6.57 33.33 -12.88
C LYS C 239 7.80 33.37 -13.80
N GLN C 240 8.61 32.31 -13.82
CA GLN C 240 9.82 32.25 -14.63
C GLN C 240 9.54 32.52 -16.12
N TYR C 241 8.39 32.11 -16.60
CA TYR C 241 8.08 32.15 -18.02
C TYR C 241 7.25 33.34 -18.50
N ILE C 242 6.27 33.83 -17.71
CA ILE C 242 5.37 34.84 -18.25
C ILE C 242 5.52 36.23 -17.64
N GLN C 243 6.20 36.37 -16.49
CA GLN C 243 6.34 37.70 -15.86
C GLN C 243 7.19 38.69 -16.69
N HIS C 244 8.31 38.24 -17.27
CA HIS C 244 9.22 39.17 -17.97
C HIS C 244 8.69 39.66 -19.33
N GLU C 245 9.09 40.90 -19.73
CA GLU C 245 8.72 41.57 -20.99
C GLU C 245 7.24 41.34 -21.33
N ASN C 246 6.38 41.72 -20.39
CA ASN C 246 4.95 41.46 -20.52
C ASN C 246 4.19 42.70 -20.16
N PRO C 247 3.67 43.42 -21.16
CA PRO C 247 2.97 44.68 -20.87
C PRO C 247 1.58 44.50 -20.26
N PHE C 248 1.11 43.26 -20.07
CA PHE C 248 -0.19 42.99 -19.47
C PHE C 248 -0.07 42.49 -18.02
N GLU C 249 1.16 42.30 -17.50
CA GLU C 249 1.44 41.73 -16.18
C GLU C 249 0.77 42.47 -15.03
N VAL C 250 0.02 41.73 -14.21
CA VAL C 250 -0.63 42.28 -13.03
C VAL C 250 -0.24 41.46 -11.76
N GLY C 251 0.87 40.74 -11.79
CA GLY C 251 1.38 40.06 -10.60
C GLY C 251 0.86 38.69 -10.24
N MET C 252 0.84 38.42 -8.95
CA MET C 252 0.49 37.13 -8.37
C MET C 252 -0.66 37.21 -7.40
N SER C 253 -1.25 36.05 -7.18
CA SER C 253 -2.34 35.82 -6.27
C SER C 253 -1.85 34.91 -5.10
N GLY C 254 -2.72 34.68 -4.13
CA GLY C 254 -2.36 33.91 -2.94
C GLY C 254 -1.77 34.81 -1.87
N LEU C 255 -1.36 34.22 -0.75
CA LEU C 255 -0.83 34.97 0.37
C LEU C 255 0.50 35.66 0.07
N LEU C 256 1.37 35.11 -0.81
CA LEU C 256 2.60 35.84 -1.16
C LEU C 256 2.41 36.68 -2.46
N GLY C 257 1.16 36.86 -2.89
CA GLY C 257 0.79 37.61 -4.05
C GLY C 257 0.94 39.10 -3.85
N TYR C 258 0.79 39.86 -4.93
CA TYR C 258 0.95 41.29 -4.94
C TYR C 258 0.34 41.84 -6.25
N GLY C 259 0.13 43.16 -6.28
CA GLY C 259 -0.40 43.80 -7.48
C GLY C 259 -1.88 43.59 -7.69
N ALA C 260 -2.36 43.87 -8.90
CA ALA C 260 -3.79 43.82 -9.19
C ALA C 260 -4.28 42.42 -9.65
N CYS C 261 -3.47 41.37 -9.55
CA CYS C 261 -3.86 40.03 -9.99
C CYS C 261 -5.18 39.55 -9.36
N VAL C 262 -5.35 39.63 -8.04
CA VAL C 262 -6.59 39.17 -7.39
C VAL C 262 -7.80 39.97 -7.88
N ASP C 263 -7.62 41.30 -8.06
CA ASP C 263 -8.70 42.16 -8.54
C ASP C 263 -9.07 41.84 -9.99
N ALA C 264 -8.07 41.75 -10.86
CA ALA C 264 -8.27 41.46 -12.27
C ALA C 264 -8.94 40.10 -12.45
N SER C 265 -8.52 39.09 -11.67
CA SER C 265 -9.09 37.74 -11.79
C SER C 265 -10.55 37.69 -11.36
N ASN C 266 -10.90 38.44 -10.31
CA ASN C 266 -12.24 38.36 -9.77
C ASN C 266 -13.21 39.38 -10.37
N GLU C 267 -12.71 40.42 -11.06
CA GLU C 267 -13.62 41.42 -11.65
C GLU C 267 -13.87 41.21 -13.13
N ALA C 268 -13.05 40.40 -13.82
CA ALA C 268 -13.27 40.15 -15.24
C ALA C 268 -14.55 39.36 -15.47
N ASP C 269 -15.21 39.56 -16.61
CA ASP C 269 -16.38 38.74 -16.97
C ASP C 269 -15.99 37.28 -17.14
N LEU C 270 -14.76 37.02 -17.62
CA LEU C 270 -14.27 35.67 -17.81
C LEU C 270 -12.83 35.55 -17.34
N LEU C 271 -12.54 34.55 -16.51
CA LEU C 271 -11.18 34.24 -16.10
C LEU C 271 -10.73 33.00 -16.86
N ILE C 272 -9.56 33.03 -17.50
CA ILE C 272 -9.04 31.87 -18.18
C ILE C 272 -7.79 31.35 -17.47
N LEU C 273 -7.89 30.17 -16.87
CA LEU C 273 -6.77 29.48 -16.23
C LEU C 273 -5.97 28.80 -17.32
N LEU C 274 -4.73 29.23 -17.53
CA LEU C 274 -3.91 28.65 -18.60
C LEU C 274 -2.74 27.91 -17.99
N GLY C 275 -2.72 26.61 -18.16
CA GLY C 275 -1.64 25.78 -17.64
C GLY C 275 -1.27 26.02 -16.19
N THR C 276 -2.28 26.02 -15.30
CA THR C 276 -2.02 26.25 -13.88
C THR C 276 -2.85 25.31 -13.01
N ASP C 277 -2.30 24.94 -11.87
CA ASP C 277 -3.02 24.14 -10.89
C ASP C 277 -2.93 24.85 -9.52
N PHE C 278 -2.95 26.21 -9.52
CA PHE C 278 -2.89 27.09 -8.33
C PHE C 278 -3.91 26.61 -7.31
N PRO C 279 -3.47 26.16 -6.13
CA PRO C 279 -4.40 25.45 -5.23
C PRO C 279 -5.25 26.28 -4.29
N TYR C 280 -5.03 27.59 -4.19
CA TYR C 280 -5.73 28.42 -3.20
C TYR C 280 -7.07 28.94 -3.74
N SER C 281 -8.08 28.07 -3.67
CA SER C 281 -9.44 28.27 -4.14
C SER C 281 -10.09 29.55 -3.66
N ASP C 282 -9.83 29.97 -2.41
CA ASP C 282 -10.43 31.19 -1.86
C ASP C 282 -10.04 32.44 -2.63
N PHE C 283 -8.94 32.42 -3.39
CA PHE C 283 -8.53 33.59 -4.20
C PHE C 283 -9.11 33.56 -5.64
N LEU C 284 -9.73 32.45 -6.06
CA LEU C 284 -10.25 32.30 -7.41
C LEU C 284 -11.75 32.56 -7.48
N PRO C 285 -12.23 33.20 -8.56
CA PRO C 285 -13.67 33.35 -8.73
C PRO C 285 -14.35 32.02 -9.12
N LYS C 286 -15.68 31.98 -9.00
CA LYS C 286 -16.46 30.81 -9.32
C LYS C 286 -17.47 31.03 -10.44
N ASP C 287 -17.84 32.27 -10.72
CA ASP C 287 -18.93 32.55 -11.64
C ASP C 287 -18.65 32.19 -13.12
N ASN C 288 -17.50 32.55 -13.72
CA ASN C 288 -17.30 32.29 -15.15
C ASN C 288 -15.84 32.04 -15.43
N VAL C 289 -15.43 30.77 -15.37
CA VAL C 289 -14.04 30.39 -15.50
C VAL C 289 -13.85 29.35 -16.60
N ALA C 290 -12.84 29.59 -17.44
CA ALA C 290 -12.38 28.61 -18.40
C ALA C 290 -11.06 28.04 -17.90
N GLN C 291 -10.69 26.84 -18.33
CA GLN C 291 -9.40 26.28 -17.94
C GLN C 291 -8.83 25.44 -19.07
N VAL C 292 -7.59 25.70 -19.43
CA VAL C 292 -6.89 24.92 -20.43
C VAL C 292 -5.78 24.15 -19.73
N ASP C 293 -5.80 22.81 -19.79
CA ASP C 293 -4.75 22.01 -19.18
C ASP C 293 -4.47 20.80 -20.04
N ILE C 294 -3.19 20.46 -20.22
CA ILE C 294 -2.77 19.32 -21.02
C ILE C 294 -3.20 17.98 -20.37
N ASN C 295 -3.39 17.97 -19.06
CA ASN C 295 -3.85 16.76 -18.36
C ASN C 295 -5.32 17.02 -17.95
N GLY C 296 -6.25 16.38 -18.66
CA GLY C 296 -7.68 16.55 -18.41
C GLY C 296 -8.10 16.29 -16.97
N ALA C 297 -7.40 15.40 -16.26
CA ALA C 297 -7.73 15.08 -14.86
C ALA C 297 -7.54 16.29 -13.92
N HIS C 298 -6.69 17.26 -14.30
CA HIS C 298 -6.40 18.41 -13.44
C HIS C 298 -7.46 19.53 -13.57
N ILE C 299 -8.32 19.48 -14.59
CA ILE C 299 -9.25 20.57 -14.83
C ILE C 299 -10.33 20.61 -13.79
N GLY C 300 -10.61 21.82 -13.27
CA GLY C 300 -11.66 22.00 -12.26
C GLY C 300 -11.33 21.47 -10.89
N ARG C 301 -10.04 21.23 -10.63
CA ARG C 301 -9.59 20.82 -9.33
C ARG C 301 -9.76 21.93 -8.29
N ARG C 302 -9.67 23.22 -8.73
CA ARG C 302 -9.54 24.34 -7.80
C ARG C 302 -10.69 25.32 -7.72
N THR C 303 -11.59 25.31 -8.67
CA THR C 303 -12.74 26.23 -8.68
C THR C 303 -13.74 25.72 -9.72
N THR C 304 -14.94 26.34 -9.78
CA THR C 304 -15.95 26.03 -10.78
C THR C 304 -15.40 26.35 -12.17
N VAL C 305 -15.33 25.35 -13.04
CA VAL C 305 -14.87 25.58 -14.42
C VAL C 305 -16.03 25.29 -15.32
N LYS C 306 -16.49 26.30 -16.05
CA LYS C 306 -17.59 26.15 -16.97
C LYS C 306 -17.13 25.81 -18.39
N TYR C 307 -15.88 26.18 -18.75
CA TYR C 307 -15.37 25.92 -20.10
C TYR C 307 -14.05 25.16 -19.99
N PRO C 308 -14.15 23.83 -19.83
CA PRO C 308 -12.93 23.02 -19.69
C PRO C 308 -12.34 22.68 -21.06
N VAL C 309 -11.02 22.74 -21.17
CA VAL C 309 -10.36 22.43 -22.43
C VAL C 309 -9.14 21.56 -22.17
N THR C 310 -9.19 20.29 -22.62
CA THR C 310 -7.99 19.46 -22.52
C THR C 310 -7.15 19.76 -23.74
N GLY C 311 -6.00 20.38 -23.51
CA GLY C 311 -5.11 20.72 -24.60
C GLY C 311 -3.91 21.50 -24.14
N ASP C 312 -2.95 21.59 -25.01
CA ASP C 312 -1.74 22.36 -24.82
C ASP C 312 -2.10 23.83 -24.92
N VAL C 313 -1.49 24.72 -24.08
CA VAL C 313 -1.83 26.14 -24.12
C VAL C 313 -1.54 26.76 -25.50
N ALA C 314 -0.32 26.58 -26.03
CA ALA C 314 0.05 27.18 -27.32
C ALA C 314 -0.85 26.69 -28.45
N ALA C 315 -1.06 25.37 -28.57
CA ALA C 315 -1.87 24.81 -29.65
C ALA C 315 -3.36 25.23 -29.51
N THR C 316 -3.89 25.33 -28.28
CA THR C 316 -5.29 25.74 -28.07
C THR C 316 -5.49 27.19 -28.52
N ILE C 317 -4.57 28.07 -28.12
CA ILE C 317 -4.67 29.48 -28.50
C ILE C 317 -4.55 29.63 -30.02
N GLU C 318 -3.60 28.93 -30.66
CA GLU C 318 -3.47 28.99 -32.13
C GLU C 318 -4.76 28.51 -32.82
N ASN C 319 -5.41 27.51 -32.25
CA ASN C 319 -6.65 26.93 -32.79
C ASN C 319 -7.84 27.91 -32.67
N ILE C 320 -7.96 28.64 -31.54
CA ILE C 320 -9.12 29.50 -31.34
C ILE C 320 -8.96 30.93 -31.89
N LEU C 321 -7.72 31.43 -31.99
CA LEU C 321 -7.46 32.82 -32.35
C LEU C 321 -8.22 33.32 -33.59
N PRO C 322 -8.28 32.60 -34.74
CA PRO C 322 -9.03 33.15 -35.89
C PRO C 322 -10.52 33.31 -35.63
N HIS C 323 -11.07 32.60 -34.62
CA HIS C 323 -12.51 32.69 -34.30
C HIS C 323 -12.83 33.69 -33.17
N VAL C 324 -11.80 34.23 -32.51
CA VAL C 324 -11.98 35.17 -31.42
C VAL C 324 -12.00 36.57 -31.99
N LYS C 325 -13.08 37.31 -31.71
CA LYS C 325 -13.21 38.66 -32.20
C LYS C 325 -12.31 39.58 -31.40
N GLU C 326 -11.68 40.54 -32.10
CA GLU C 326 -10.84 41.52 -31.44
C GLU C 326 -11.70 42.41 -30.54
N LYS C 327 -11.28 42.61 -29.30
CA LYS C 327 -12.01 43.48 -28.39
C LYS C 327 -11.42 44.85 -28.47
N THR C 328 -12.25 45.84 -28.79
CA THR C 328 -11.77 47.22 -28.94
C THR C 328 -11.76 47.97 -27.59
N ASP C 329 -12.57 47.52 -26.61
CA ASP C 329 -12.63 48.19 -25.33
C ASP C 329 -11.46 47.79 -24.44
N ARG C 330 -10.56 48.75 -24.16
CA ARG C 330 -9.38 48.58 -23.31
C ARG C 330 -9.59 49.06 -21.87
N SER C 331 -10.79 49.59 -21.52
CA SER C 331 -11.07 50.17 -20.19
C SER C 331 -10.65 49.24 -19.04
N PHE C 332 -11.03 47.96 -19.09
CA PHE C 332 -10.73 47.02 -18.04
C PHE C 332 -9.21 46.85 -17.89
N LEU C 333 -8.50 46.63 -19.02
CA LEU C 333 -7.05 46.43 -19.02
C LEU C 333 -6.34 47.65 -18.43
N ASP C 334 -6.70 48.85 -18.86
CA ASP C 334 -6.08 50.07 -18.40
C ASP C 334 -6.34 50.29 -16.93
N ARG C 335 -7.55 50.04 -16.47
CA ARG C 335 -7.91 50.18 -15.07
C ARG C 335 -7.06 49.23 -14.19
N MET C 336 -6.87 47.98 -14.65
CA MET C 336 -6.10 46.98 -13.90
C MET C 336 -4.59 47.31 -13.94
N LEU C 337 -4.08 47.80 -15.07
CA LEU C 337 -2.67 48.18 -15.19
C LEU C 337 -2.37 49.39 -14.33
N LYS C 338 -3.32 50.33 -14.19
CA LYS C 338 -3.11 51.49 -13.34
C LYS C 338 -3.12 51.08 -11.89
N ALA C 339 -4.04 50.17 -11.51
CA ALA C 339 -4.12 49.66 -10.15
C ALA C 339 -2.82 48.92 -9.79
N HIS C 340 -2.32 48.11 -10.72
CA HIS C 340 -1.08 47.37 -10.50
C HIS C 340 0.11 48.31 -10.32
N GLU C 341 0.24 49.31 -11.19
CA GLU C 341 1.34 50.25 -11.12
C GLU C 341 1.28 51.06 -9.84
N ARG C 342 0.09 51.49 -9.42
CA ARG C 342 -0.06 52.29 -8.23
C ARG C 342 0.30 51.46 -7.00
N LYS C 343 -0.09 50.17 -6.96
CA LYS C 343 0.22 49.31 -5.82
C LYS C 343 1.73 49.10 -5.69
N LEU C 344 2.42 48.80 -6.80
CA LEU C 344 3.85 48.58 -6.75
C LEU C 344 4.63 49.85 -6.45
N SER C 345 4.29 50.97 -7.11
CA SER C 345 5.00 52.22 -6.91
C SER C 345 4.81 52.79 -5.50
N SER C 346 3.61 52.61 -4.94
CA SER C 346 3.32 53.09 -3.60
C SER C 346 4.21 52.40 -2.58
N VAL C 347 4.46 51.10 -2.74
CA VAL C 347 5.30 50.34 -1.84
C VAL C 347 6.76 50.79 -1.96
N VAL C 348 7.28 50.90 -3.18
CA VAL C 348 8.65 51.34 -3.43
C VAL C 348 8.88 52.76 -2.86
N GLU C 349 7.95 53.69 -3.10
CA GLU C 349 8.10 55.06 -2.62
C GLU C 349 8.06 55.15 -1.10
N THR C 350 7.21 54.35 -0.46
CA THR C 350 7.03 54.38 0.99
C THR C 350 8.13 53.65 1.78
N TYR C 351 8.51 52.44 1.34
CA TYR C 351 9.41 51.60 2.14
C TYR C 351 10.88 51.51 1.70
N THR C 352 11.26 51.92 0.47
CA THR C 352 12.65 51.73 0.02
C THR C 352 13.72 52.24 1.03
N HIS C 353 13.53 53.43 1.63
CA HIS C 353 14.51 53.96 2.58
C HIS C 353 14.54 53.20 3.91
N ASN C 354 13.37 52.85 4.50
CA ASN C 354 13.35 52.12 5.77
C ASN C 354 13.90 50.71 5.61
N VAL C 355 13.60 50.05 4.51
CA VAL C 355 14.07 48.68 4.27
C VAL C 355 15.59 48.67 4.00
N GLU C 356 16.10 49.61 3.17
CA GLU C 356 17.52 49.65 2.84
C GLU C 356 18.42 49.99 4.03
N LYS C 357 17.88 50.68 5.06
CA LYS C 357 18.72 51.03 6.22
C LYS C 357 18.42 50.26 7.51
N HIS C 358 17.37 49.46 7.51
CA HIS C 358 16.88 48.74 8.66
C HIS C 358 17.91 47.77 9.25
N VAL C 359 17.96 47.68 10.57
CA VAL C 359 18.79 46.72 11.30
C VAL C 359 17.88 45.94 12.25
N PRO C 360 17.86 44.58 12.29
CA PRO C 360 18.62 43.64 11.42
C PRO C 360 18.23 43.81 9.96
N ILE C 361 19.13 43.43 9.05
CA ILE C 361 18.94 43.59 7.61
C ILE C 361 17.58 43.08 7.12
N HIS C 362 16.90 43.90 6.32
CA HIS C 362 15.60 43.54 5.79
C HIS C 362 15.79 42.52 4.65
N PRO C 363 15.16 41.35 4.76
CA PRO C 363 15.29 40.34 3.69
C PRO C 363 14.85 40.81 2.30
N GLU C 364 13.89 41.75 2.24
CA GLU C 364 13.45 42.31 0.95
C GLU C 364 14.57 43.09 0.29
N TYR C 365 15.40 43.79 1.09
CA TYR C 365 16.56 44.53 0.58
C TYR C 365 17.56 43.52 0.01
N VAL C 366 17.83 42.42 0.71
CA VAL C 366 18.74 41.37 0.25
C VAL C 366 18.27 40.79 -1.11
N ALA C 367 16.97 40.49 -1.21
CA ALA C 367 16.42 39.94 -2.44
C ALA C 367 16.55 40.95 -3.61
N SER C 368 16.31 42.26 -3.36
CA SER C 368 16.47 43.31 -4.41
C SER C 368 17.91 43.37 -4.90
N ILE C 369 18.88 43.27 -3.99
CA ILE C 369 20.30 43.32 -4.32
C ILE C 369 20.64 42.09 -5.13
N LEU C 370 20.20 40.90 -4.70
CA LEU C 370 20.43 39.66 -5.43
C LEU C 370 19.87 39.75 -6.88
N ASN C 371 18.67 40.32 -7.02
CA ASN C 371 18.08 40.50 -8.34
C ASN C 371 18.98 41.38 -9.25
N GLU C 372 19.53 42.44 -8.68
CA GLU C 372 20.36 43.40 -9.40
C GLU C 372 21.76 42.86 -9.72
N LEU C 373 22.38 42.16 -8.78
CA LEU C 373 23.76 41.72 -8.93
C LEU C 373 23.94 40.38 -9.62
N ALA C 374 22.95 39.46 -9.51
CA ALA C 374 23.12 38.15 -10.10
C ALA C 374 23.13 38.21 -11.63
N ASP C 375 23.87 37.31 -12.24
CA ASP C 375 23.94 37.21 -13.71
C ASP C 375 22.53 37.05 -14.32
N LYS C 376 22.38 37.51 -15.57
CA LYS C 376 21.11 37.40 -16.27
C LYS C 376 20.72 35.95 -16.58
N ASP C 377 21.64 34.99 -16.45
CA ASP C 377 21.34 33.59 -16.67
C ASP C 377 21.55 32.77 -15.38
N ALA C 378 21.55 33.38 -14.19
CA ALA C 378 21.80 32.64 -12.94
C ALA C 378 20.69 31.65 -12.64
N VAL C 379 21.03 30.60 -11.89
CA VAL C 379 20.05 29.69 -11.34
C VAL C 379 19.77 30.19 -9.93
N PHE C 380 18.51 30.31 -9.55
CA PHE C 380 18.15 30.63 -8.18
C PHE C 380 17.44 29.43 -7.57
N THR C 381 17.91 28.91 -6.44
CA THR C 381 17.18 27.85 -5.73
C THR C 381 16.58 28.54 -4.50
N VAL C 382 15.37 28.14 -4.11
CA VAL C 382 14.64 28.85 -3.07
C VAL C 382 14.19 27.91 -1.97
N ASP C 383 14.67 28.12 -0.73
CA ASP C 383 14.27 27.29 0.43
C ASP C 383 12.83 27.59 0.80
N THR C 384 12.05 26.56 1.16
CA THR C 384 10.65 26.77 1.55
C THR C 384 10.57 27.59 2.84
N GLY C 385 9.72 28.61 2.82
CA GLY C 385 9.51 29.49 3.96
C GLY C 385 9.39 30.92 3.47
N MET C 386 9.83 31.90 4.29
CA MET C 386 9.76 33.31 3.87
C MET C 386 10.61 33.57 2.62
N CYS C 387 11.65 32.75 2.33
CA CYS C 387 12.44 32.94 1.10
C CYS C 387 11.55 32.83 -0.15
N ASN C 388 10.42 32.09 -0.07
CA ASN C 388 9.50 32.03 -1.22
C ASN C 388 8.87 33.38 -1.49
N VAL C 389 8.58 34.16 -0.44
CA VAL C 389 8.00 35.48 -0.56
C VAL C 389 9.02 36.42 -1.21
N TRP C 390 10.28 36.36 -0.75
CA TRP C 390 11.31 37.27 -1.27
C TRP C 390 11.62 36.93 -2.72
N HIS C 391 11.69 35.64 -3.04
CA HIS C 391 11.92 35.23 -4.42
C HIS C 391 10.74 35.69 -5.33
N ALA C 392 9.50 35.36 -4.95
CA ALA C 392 8.31 35.68 -5.76
C ALA C 392 8.18 37.17 -6.03
N ARG C 393 8.40 38.02 -5.03
CA ARG C 393 8.21 39.45 -5.20
C ARG C 393 9.41 40.22 -5.73
N TYR C 394 10.67 39.73 -5.56
CA TYR C 394 11.81 40.55 -5.96
C TYR C 394 12.75 39.95 -6.99
N ILE C 395 12.73 38.64 -7.24
CA ILE C 395 13.65 38.09 -8.24
C ILE C 395 12.95 38.09 -9.59
N GLU C 396 13.52 38.80 -10.57
CA GLU C 396 12.92 38.87 -11.89
C GLU C 396 13.73 38.00 -12.88
N ASN C 397 13.20 37.80 -14.09
CA ASN C 397 13.86 37.00 -15.11
C ASN C 397 13.93 37.79 -16.43
N PRO C 398 14.67 38.90 -16.46
CA PRO C 398 14.77 39.66 -17.73
C PRO C 398 15.53 38.81 -18.76
N GLU C 399 15.08 38.84 -20.00
CA GLU C 399 15.66 38.00 -21.05
C GLU C 399 15.28 36.51 -20.94
N GLY C 400 14.60 36.11 -19.87
CA GLY C 400 14.14 34.74 -19.69
C GLY C 400 15.20 33.67 -19.56
N THR C 401 16.47 34.04 -19.28
CA THR C 401 17.55 33.07 -19.22
C THR C 401 17.89 32.58 -17.79
N ARG C 402 17.26 33.15 -16.76
CA ARG C 402 17.42 32.65 -15.39
C ARG C 402 16.53 31.42 -15.16
N ASP C 403 16.96 30.52 -14.26
CA ASP C 403 16.14 29.37 -13.88
C ASP C 403 15.77 29.48 -12.42
N PHE C 404 14.52 29.14 -12.07
CA PHE C 404 14.06 29.17 -10.69
C PHE C 404 13.72 27.75 -10.27
N VAL C 405 14.40 27.24 -9.24
CA VAL C 405 14.17 25.89 -8.73
C VAL C 405 13.77 25.98 -7.29
N GLY C 406 12.69 25.33 -6.93
CA GLY C 406 12.23 25.34 -5.54
C GLY C 406 11.31 24.19 -5.21
N SER C 407 10.83 24.15 -3.98
CA SER C 407 9.88 23.12 -3.59
C SER C 407 8.50 23.77 -3.60
N PHE C 408 8.07 24.26 -4.76
CA PHE C 408 6.84 25.03 -4.87
C PHE C 408 5.57 24.21 -4.67
N ARG C 409 5.60 22.89 -4.89
CA ARG C 409 4.38 22.08 -4.80
C ARG C 409 4.42 21.15 -3.60
N HIS C 410 5.55 20.45 -3.39
CA HIS C 410 5.68 19.59 -2.23
C HIS C 410 5.90 20.44 -0.94
N GLY C 411 6.48 21.63 -1.07
CA GLY C 411 6.69 22.56 0.02
C GLY C 411 7.52 22.05 1.17
N THR C 412 8.61 21.34 0.85
CA THR C 412 9.51 20.87 1.90
C THR C 412 10.60 21.91 2.21
N MET C 413 10.95 22.02 3.50
CA MET C 413 12.10 22.83 3.91
C MET C 413 13.37 22.14 3.42
N ALA C 414 14.51 22.84 3.45
CA ALA C 414 15.86 22.30 3.24
C ALA C 414 16.18 21.91 1.80
N ASN C 415 15.36 22.30 0.83
CA ASN C 415 15.64 21.95 -0.56
C ASN C 415 16.72 22.85 -1.22
N ALA C 416 16.89 24.10 -0.78
CA ALA C 416 17.72 25.06 -1.50
C ALA C 416 19.18 24.65 -1.72
N LEU C 417 19.92 24.23 -0.68
CA LEU C 417 21.32 23.87 -0.86
C LEU C 417 21.42 22.58 -1.70
N PRO C 418 20.68 21.48 -1.41
CA PRO C 418 20.75 20.29 -2.29
C PRO C 418 20.32 20.57 -3.73
N HIS C 419 19.30 21.41 -3.96
CA HIS C 419 18.90 21.81 -5.32
C HIS C 419 20.06 22.56 -6.00
N ALA C 420 20.75 23.46 -5.24
CA ALA C 420 21.86 24.22 -5.79
C ALA C 420 23.02 23.30 -6.15
N ILE C 421 23.26 22.24 -5.36
CA ILE C 421 24.34 21.29 -5.63
C ILE C 421 24.07 20.59 -6.99
N GLY C 422 22.82 20.17 -7.24
CA GLY C 422 22.46 19.55 -8.50
C GLY C 422 22.54 20.52 -9.67
N ALA C 423 21.99 21.72 -9.51
CA ALA C 423 22.02 22.73 -10.57
C ALA C 423 23.46 23.15 -10.92
N GLN C 424 24.32 23.32 -9.91
CA GLN C 424 25.69 23.75 -10.12
C GLN C 424 26.54 22.67 -10.80
N SER C 425 26.25 21.41 -10.50
CA SER C 425 26.97 20.28 -11.07
C SER C 425 26.81 20.20 -12.58
N VAL C 426 25.72 20.74 -13.14
CA VAL C 426 25.49 20.72 -14.58
C VAL C 426 26.58 21.52 -15.33
N ASP C 427 26.89 22.73 -14.83
CA ASP C 427 27.84 23.64 -15.48
C ASP C 427 28.49 24.52 -14.42
N ARG C 428 29.77 24.27 -14.12
CA ARG C 428 30.50 25.03 -13.10
C ARG C 428 30.76 26.49 -13.50
N ASN C 429 30.58 26.85 -14.77
CA ASN C 429 30.76 28.22 -15.22
C ASN C 429 29.46 29.06 -15.12
N ARG C 430 28.34 28.46 -14.69
CA ARG C 430 27.08 29.16 -14.53
C ARG C 430 26.85 29.52 -13.08
N GLN C 431 26.45 30.76 -12.81
CA GLN C 431 26.20 31.20 -11.45
C GLN C 431 24.95 30.55 -10.87
N VAL C 432 25.09 30.00 -9.66
CA VAL C 432 24.00 29.37 -8.93
C VAL C 432 23.92 30.02 -7.56
N ILE C 433 22.76 30.59 -7.25
CA ILE C 433 22.49 31.25 -5.99
C ILE C 433 21.47 30.44 -5.22
N ALA C 434 21.80 30.02 -4.00
CA ALA C 434 20.86 29.31 -3.17
C ALA C 434 20.29 30.28 -2.13
N MET C 435 19.00 30.55 -2.13
CA MET C 435 18.39 31.40 -1.13
C MET C 435 17.95 30.47 0.00
N CYS C 436 18.79 30.30 1.02
CA CYS C 436 18.58 29.40 2.14
C CYS C 436 17.89 30.08 3.30
N GLY C 437 17.13 29.30 4.05
CA GLY C 437 16.61 29.71 5.34
C GLY C 437 17.54 29.13 6.40
N ASP C 438 17.58 29.72 7.60
CA ASP C 438 18.41 29.16 8.67
C ASP C 438 17.82 27.79 9.12
N GLY C 439 16.49 27.67 9.11
CA GLY C 439 15.82 26.41 9.43
C GLY C 439 16.13 25.35 8.38
N GLY C 440 16.00 25.72 7.11
CA GLY C 440 16.26 24.79 6.02
C GLY C 440 17.71 24.34 5.95
N LEU C 441 18.68 25.27 6.15
CA LEU C 441 20.08 24.90 6.09
C LEU C 441 20.44 24.01 7.28
N GLY C 442 19.98 24.37 8.48
CA GLY C 442 20.23 23.56 9.66
C GLY C 442 19.69 22.14 9.55
N MET C 443 18.59 21.97 8.81
CA MET C 443 17.93 20.67 8.58
C MET C 443 18.84 19.69 7.79
N LEU C 444 19.62 20.19 6.84
CA LEU C 444 20.53 19.34 6.07
C LEU C 444 21.94 19.98 6.05
N LEU C 445 22.42 20.41 7.23
CA LEU C 445 23.67 21.12 7.43
C LEU C 445 24.90 20.39 6.89
N GLY C 446 24.88 19.07 6.94
CA GLY C 446 25.99 18.27 6.46
C GLY C 446 26.27 18.41 4.98
N GLU C 447 25.33 18.97 4.20
CA GLU C 447 25.57 19.17 2.77
C GLU C 447 26.56 20.30 2.48
N LEU C 448 26.93 21.10 3.49
CA LEU C 448 28.06 22.04 3.36
C LEU C 448 29.35 21.25 3.08
N LEU C 449 29.47 20.04 3.67
CA LEU C 449 30.64 19.16 3.44
C LEU C 449 30.65 18.64 1.99
N THR C 450 29.47 18.49 1.35
CA THR C 450 29.35 18.07 -0.05
C THR C 450 29.81 19.21 -0.97
N VAL C 451 29.44 20.45 -0.63
CA VAL C 451 29.83 21.62 -1.40
C VAL C 451 31.37 21.74 -1.39
N LYS C 452 31.97 21.55 -0.19
CA LYS C 452 33.41 21.60 -0.03
C LYS C 452 34.09 20.46 -0.82
N LEU C 453 33.63 19.22 -0.62
CA LEU C 453 34.20 18.05 -1.27
C LEU C 453 34.27 18.20 -2.81
N HIS C 454 33.18 18.65 -3.43
CA HIS C 454 33.12 18.76 -4.89
C HIS C 454 33.51 20.14 -5.41
N GLN C 455 33.80 21.11 -4.51
CA GLN C 455 34.21 22.48 -4.84
C GLN C 455 33.22 23.12 -5.82
N LEU C 456 31.93 22.90 -5.59
CA LEU C 456 30.88 23.47 -6.43
C LEU C 456 30.79 24.94 -6.12
N PRO C 457 31.05 25.81 -7.10
CA PRO C 457 31.17 27.24 -6.79
C PRO C 457 29.85 27.98 -6.60
N LEU C 458 28.86 27.36 -5.93
CA LEU C 458 27.58 27.99 -5.70
C LEU C 458 27.69 29.05 -4.60
N LYS C 459 26.71 29.94 -4.55
CA LYS C 459 26.70 31.03 -3.59
C LYS C 459 25.52 30.82 -2.68
N ALA C 460 25.78 30.31 -1.46
CA ALA C 460 24.69 30.03 -0.53
C ALA C 460 24.37 31.27 0.29
N VAL C 461 23.23 31.92 0.02
CA VAL C 461 22.85 33.11 0.76
C VAL C 461 21.88 32.71 1.87
N VAL C 462 22.35 32.75 3.11
CA VAL C 462 21.50 32.38 4.25
C VAL C 462 20.75 33.59 4.77
N PHE C 463 19.43 33.54 4.73
CA PHE C 463 18.56 34.56 5.32
C PHE C 463 18.41 34.15 6.76
N ASN C 464 19.41 34.47 7.56
CA ASN C 464 19.51 34.03 8.95
C ASN C 464 18.68 34.89 9.90
N ASN C 465 17.40 34.56 10.05
CA ASN C 465 16.54 35.29 10.95
C ASN C 465 16.34 34.58 12.28
N SER C 466 17.13 33.53 12.61
CA SER C 466 17.03 32.77 13.89
C SER C 466 15.59 32.39 14.20
N SER C 467 14.84 32.00 13.16
CA SER C 467 13.43 31.74 13.30
C SER C 467 12.87 30.87 12.18
N LEU C 468 11.75 30.19 12.50
CA LEU C 468 10.95 29.52 11.49
C LEU C 468 9.96 30.60 11.11
N GLY C 469 10.47 31.59 10.35
CA GLY C 469 9.78 32.81 9.97
C GLY C 469 8.35 32.64 9.48
N MET C 470 8.16 31.74 8.52
CA MET C 470 6.86 31.46 7.94
C MET C 470 5.86 30.96 9.02
N VAL C 471 6.33 30.18 10.00
CA VAL C 471 5.49 29.67 11.09
C VAL C 471 5.07 30.82 12.02
N LYS C 472 5.99 31.77 12.28
CA LYS C 472 5.75 32.98 13.07
C LYS C 472 4.57 33.75 12.44
N LEU C 473 4.55 33.85 11.09
CA LEU C 473 3.49 34.51 10.31
C LEU C 473 2.17 33.72 10.43
N GLU C 474 2.21 32.39 10.29
CA GLU C 474 1.01 31.55 10.42
C GLU C 474 0.34 31.76 11.80
N MET C 475 1.15 31.78 12.87
CA MET C 475 0.66 31.94 14.23
C MET C 475 0.07 33.33 14.46
N LEU C 476 0.66 34.36 13.85
CA LEU C 476 0.14 35.72 13.97
C LEU C 476 -1.23 35.81 13.29
N VAL C 477 -1.37 35.23 12.09
CA VAL C 477 -2.61 35.24 11.32
C VAL C 477 -3.72 34.47 12.06
N GLU C 478 -3.38 33.31 12.67
CA GLU C 478 -4.35 32.49 13.39
C GLU C 478 -4.70 33.04 14.79
N GLY C 479 -4.00 34.04 15.27
CA GLY C 479 -4.24 34.58 16.60
C GLY C 479 -3.67 33.70 17.70
N GLN C 480 -2.62 32.94 17.39
CA GLN C 480 -2.00 32.02 18.33
C GLN C 480 -0.75 32.62 18.96
N PRO C 481 -0.62 32.55 20.30
CA PRO C 481 0.62 33.04 20.93
C PRO C 481 1.83 32.28 20.39
N GLU C 482 2.86 33.01 19.99
CA GLU C 482 4.03 32.43 19.37
C GLU C 482 4.73 31.42 20.29
N PHE C 483 5.09 30.27 19.72
CA PHE C 483 5.76 29.24 20.48
C PHE C 483 6.51 28.32 19.54
N GLY C 484 7.74 27.98 19.93
CA GLY C 484 8.58 27.02 19.22
C GLY C 484 9.14 27.48 17.90
N THR C 485 9.03 28.77 17.56
CA THR C 485 9.53 29.24 16.27
C THR C 485 10.89 29.94 16.32
N ASP C 486 11.16 30.70 17.40
CA ASP C 486 12.41 31.47 17.49
C ASP C 486 13.38 30.84 18.48
N HIS C 487 14.65 30.72 18.08
CA HIS C 487 15.66 30.10 18.93
C HIS C 487 16.98 30.91 18.90
N GLU C 488 17.95 30.55 19.74
CA GLU C 488 19.19 31.28 19.83
C GLU C 488 19.94 31.29 18.51
N GLU C 489 20.60 32.40 18.24
CA GLU C 489 21.31 32.67 16.99
C GLU C 489 22.41 31.65 16.71
N VAL C 490 22.55 31.29 15.43
CA VAL C 490 23.57 30.36 14.95
C VAL C 490 24.52 31.14 14.00
N ASN C 491 25.83 30.91 14.08
CA ASN C 491 26.78 31.55 13.18
C ASN C 491 27.13 30.59 12.04
N PHE C 492 26.37 30.65 10.94
CA PHE C 492 26.59 29.78 9.80
C PHE C 492 27.90 30.12 9.08
N ALA C 493 28.36 31.39 9.14
CA ALA C 493 29.64 31.76 8.50
C ALA C 493 30.80 31.03 9.20
N GLU C 494 30.76 30.93 10.54
CA GLU C 494 31.83 30.22 11.26
C GLU C 494 31.74 28.72 10.97
N ILE C 495 30.52 28.15 10.92
CA ILE C 495 30.33 26.73 10.60
C ILE C 495 30.87 26.44 9.20
N ALA C 496 30.52 27.26 8.19
CA ALA C 496 31.03 27.11 6.83
C ALA C 496 32.56 27.23 6.77
N ALA C 497 33.14 28.20 7.51
CA ALA C 497 34.59 28.35 7.56
C ALA C 497 35.25 27.11 8.17
N ALA C 498 34.65 26.56 9.25
CA ALA C 498 35.14 25.34 9.88
C ALA C 498 35.05 24.14 8.91
N ALA C 499 34.06 24.15 8.00
CA ALA C 499 33.90 23.12 6.97
C ALA C 499 34.80 23.36 5.73
N GLY C 500 35.59 24.42 5.71
CA GLY C 500 36.50 24.69 4.61
C GLY C 500 35.92 25.51 3.48
N ILE C 501 34.81 26.18 3.71
CA ILE C 501 34.19 27.01 2.69
C ILE C 501 34.44 28.50 2.98
N LYS C 502 34.76 29.29 1.95
CA LYS C 502 34.91 30.73 2.09
C LYS C 502 33.58 31.33 2.55
N SER C 503 33.59 32.16 3.60
CA SER C 503 32.34 32.66 4.13
C SER C 503 32.45 34.10 4.61
N VAL C 504 31.30 34.76 4.75
CA VAL C 504 31.24 36.11 5.25
C VAL C 504 29.95 36.26 6.06
N ARG C 505 30.02 36.99 7.17
CA ARG C 505 28.85 37.26 7.99
C ARG C 505 28.44 38.70 7.79
N ILE C 506 27.22 38.95 7.29
CA ILE C 506 26.78 40.32 7.03
C ILE C 506 25.73 40.73 8.05
N THR C 507 26.02 41.78 8.82
CA THR C 507 25.08 42.33 9.81
C THR C 507 24.72 43.79 9.51
N ASP C 508 25.57 44.53 8.75
CA ASP C 508 25.35 45.93 8.44
C ASP C 508 24.66 46.12 7.10
N PRO C 509 23.45 46.72 7.07
CA PRO C 509 22.77 46.95 5.79
C PRO C 509 23.55 47.89 4.84
N LYS C 510 24.43 48.74 5.37
CA LYS C 510 25.27 49.61 4.53
C LYS C 510 26.36 48.81 3.79
N LYS C 511 26.66 47.57 4.22
CA LYS C 511 27.68 46.74 3.60
C LYS C 511 27.10 45.59 2.77
N VAL C 512 25.78 45.32 2.83
CA VAL C 512 25.18 44.17 2.10
C VAL C 512 25.50 44.17 0.62
N ARG C 513 25.29 45.30 -0.07
CA ARG C 513 25.48 45.35 -1.51
C ARG C 513 26.93 45.06 -1.90
N GLU C 514 27.90 45.75 -1.26
CA GLU C 514 29.33 45.59 -1.52
C GLU C 514 29.79 44.17 -1.19
N GLN C 515 29.40 43.63 -0.02
CA GLN C 515 29.85 42.30 0.38
C GLN C 515 29.21 41.21 -0.46
N LEU C 516 27.95 41.40 -0.91
CA LEU C 516 27.32 40.43 -1.80
C LEU C 516 28.01 40.46 -3.16
N ALA C 517 28.36 41.66 -3.67
CA ALA C 517 29.06 41.79 -4.94
C ALA C 517 30.40 41.06 -4.92
N GLU C 518 31.16 41.20 -3.82
CA GLU C 518 32.45 40.52 -3.67
C GLU C 518 32.26 39.01 -3.62
N ALA C 519 31.27 38.54 -2.83
CA ALA C 519 30.97 37.12 -2.70
C ALA C 519 30.53 36.50 -4.04
N LEU C 520 29.69 37.19 -4.82
CA LEU C 520 29.24 36.65 -6.11
C LEU C 520 30.39 36.61 -7.13
N ALA C 521 31.40 37.47 -6.99
CA ALA C 521 32.56 37.50 -7.89
C ALA C 521 33.66 36.50 -7.49
N TYR C 522 33.61 35.94 -6.27
CA TYR C 522 34.62 34.99 -5.79
C TYR C 522 34.59 33.70 -6.63
N PRO C 523 35.74 33.25 -7.13
CA PRO C 523 35.75 32.04 -7.97
C PRO C 523 35.81 30.74 -7.15
N GLY C 524 34.73 30.44 -6.47
CA GLY C 524 34.64 29.26 -5.63
C GLY C 524 33.39 29.26 -4.77
N PRO C 525 33.18 28.20 -3.99
CA PRO C 525 31.98 28.17 -3.12
C PRO C 525 32.04 29.26 -2.07
N VAL C 526 30.93 29.92 -1.79
CA VAL C 526 30.86 30.96 -0.77
C VAL C 526 29.58 30.79 0.02
N LEU C 527 29.65 30.90 1.35
CA LEU C 527 28.44 30.93 2.16
C LEU C 527 28.33 32.35 2.71
N ILE C 528 27.23 33.02 2.44
CA ILE C 528 26.99 34.37 2.91
C ILE C 528 25.95 34.31 4.00
N ASP C 529 26.35 34.51 5.24
CA ASP C 529 25.45 34.43 6.38
C ASP C 529 24.91 35.81 6.67
N ILE C 530 23.67 36.10 6.26
CA ILE C 530 23.11 37.43 6.47
C ILE C 530 22.16 37.43 7.65
N VAL C 531 22.46 38.25 8.68
CA VAL C 531 21.58 38.34 9.85
C VAL C 531 20.40 39.20 9.47
N THR C 532 19.25 38.57 9.27
CA THR C 532 18.06 39.27 8.82
C THR C 532 17.04 39.41 9.93
N ASP C 533 16.11 40.36 9.76
CA ASP C 533 15.06 40.64 10.72
C ASP C 533 14.05 39.52 10.80
N PRO C 534 13.87 38.87 11.97
CA PRO C 534 12.84 37.83 12.10
C PRO C 534 11.42 38.37 12.08
N ASN C 535 11.23 39.67 12.32
CA ASN C 535 9.90 40.30 12.29
C ASN C 535 9.52 40.85 10.91
N ALA C 536 10.33 40.62 9.88
CA ALA C 536 9.99 41.02 8.54
C ALA C 536 9.16 39.88 7.98
N LEU C 537 7.84 39.97 8.14
CA LEU C 537 6.95 38.90 7.72
C LEU C 537 6.06 39.28 6.53
N SER C 538 6.46 40.30 5.75
CA SER C 538 5.75 40.79 4.58
C SER C 538 4.37 41.36 4.93
N ALA D 4 -10.42 20.98 28.36
CA ALA D 4 -9.96 20.55 27.04
C ALA D 4 -11.12 20.52 26.09
N HIS D 5 -11.39 21.63 25.39
CA HIS D 5 -12.49 21.72 24.47
C HIS D 5 -12.13 21.17 23.09
N SER D 6 -10.92 21.43 22.58
CA SER D 6 -10.54 20.96 21.24
C SER D 6 -9.87 19.58 21.27
N TYR D 7 -9.82 18.91 20.13
CA TYR D 7 -9.16 17.61 20.03
C TYR D 7 -7.66 17.75 20.33
N ALA D 8 -7.02 18.85 19.89
CA ALA D 8 -5.59 19.13 20.21
C ALA D 8 -5.35 19.16 21.72
N GLU D 9 -6.25 19.81 22.48
CA GLU D 9 -6.12 19.87 23.93
C GLU D 9 -6.37 18.51 24.57
N GLN D 10 -7.37 17.77 24.08
CA GLN D 10 -7.67 16.45 24.61
C GLN D 10 -6.51 15.48 24.37
N LEU D 11 -5.87 15.57 23.21
CA LEU D 11 -4.74 14.72 22.89
C LEU D 11 -3.57 14.98 23.86
N ILE D 12 -3.22 16.25 24.07
CA ILE D 12 -2.13 16.63 24.94
C ILE D 12 -2.48 16.28 26.40
N ASP D 13 -3.72 16.51 26.83
CA ASP D 13 -4.12 16.15 28.20
C ASP D 13 -4.05 14.65 28.42
N THR D 14 -4.40 13.85 27.41
CA THR D 14 -4.31 12.39 27.51
C THR D 14 -2.84 11.96 27.63
N LEU D 15 -1.92 12.57 26.84
CA LEU D 15 -0.50 12.22 26.92
C LEU D 15 0.08 12.61 28.28
N GLU D 16 -0.31 13.79 28.79
CA GLU D 16 0.16 14.24 30.10
C GLU D 16 -0.35 13.30 31.19
N ALA D 17 -1.63 12.86 31.10
CA ALA D 17 -2.19 11.92 32.09
C ALA D 17 -1.47 10.58 32.05
N GLN D 18 -0.89 10.18 30.91
CA GLN D 18 -0.12 8.95 30.77
C GLN D 18 1.36 9.11 31.25
N GLY D 19 1.77 10.29 31.72
CA GLY D 19 3.14 10.51 32.17
C GLY D 19 4.12 11.01 31.12
N VAL D 20 3.66 11.40 29.92
CA VAL D 20 4.57 11.96 28.90
C VAL D 20 5.09 13.30 29.40
N LYS D 21 6.42 13.49 29.42
CA LYS D 21 7.04 14.71 29.92
C LYS D 21 7.57 15.63 28.81
N ARG D 22 7.85 15.07 27.63
CA ARG D 22 8.46 15.78 26.50
C ARG D 22 7.89 15.33 25.17
N ILE D 23 7.88 16.22 24.18
CA ILE D 23 7.53 15.85 22.82
C ILE D 23 8.65 16.38 21.93
N TYR D 24 9.27 15.53 21.10
CA TYR D 24 10.32 15.98 20.20
C TYR D 24 9.68 16.34 18.88
N GLY D 25 10.04 17.48 18.29
CA GLY D 25 9.46 17.86 17.01
C GLY D 25 9.91 19.18 16.45
N LEU D 26 9.23 19.62 15.39
CA LEU D 26 9.51 20.91 14.74
C LEU D 26 8.14 21.46 14.33
N VAL D 27 7.76 22.59 14.89
CA VAL D 27 6.44 23.18 14.68
C VAL D 27 6.23 23.67 13.23
N GLY D 28 4.98 23.74 12.82
CA GLY D 28 4.60 24.23 11.49
C GLY D 28 3.18 23.87 11.15
N ASP D 29 2.55 24.71 10.34
CA ASP D 29 1.20 24.63 9.77
C ASP D 29 0.19 23.81 10.67
N SER D 30 -0.20 22.60 10.28
CA SER D 30 -1.21 21.77 10.93
C SER D 30 -0.83 21.31 12.34
N LEU D 31 0.45 21.41 12.73
CA LEU D 31 0.90 21.06 14.07
C LEU D 31 0.73 22.26 15.05
N ASN D 32 0.52 23.49 14.55
CA ASN D 32 0.37 24.68 15.41
C ASN D 32 -0.72 24.53 16.49
N PRO D 33 -1.95 24.03 16.23
CA PRO D 33 -2.92 23.89 17.35
C PRO D 33 -2.42 22.89 18.41
N ILE D 34 -1.68 21.86 17.99
CA ILE D 34 -1.15 20.89 18.92
C ILE D 34 -0.06 21.52 19.78
N VAL D 35 0.86 22.32 19.19
CA VAL D 35 1.88 22.95 20.00
C VAL D 35 1.28 24.06 20.88
N ASP D 36 0.13 24.64 20.51
CA ASP D 36 -0.56 25.58 21.38
C ASP D 36 -1.06 24.86 22.64
N ALA D 37 -1.52 23.61 22.49
CA ALA D 37 -1.95 22.79 23.61
C ALA D 37 -0.73 22.35 24.45
N VAL D 38 0.41 22.04 23.81
CA VAL D 38 1.66 21.72 24.54
C VAL D 38 2.07 22.95 25.38
N ARG D 39 1.98 24.16 24.82
CA ARG D 39 2.32 25.41 25.51
C ARG D 39 1.53 25.56 26.82
N GLN D 40 0.25 25.22 26.81
CA GLN D 40 -0.61 25.30 27.99
C GLN D 40 -0.56 24.05 28.88
N SER D 41 0.38 23.15 28.67
CA SER D 41 0.52 21.95 29.48
C SER D 41 1.89 21.93 30.20
N ASP D 42 2.14 20.89 31.03
CA ASP D 42 3.43 20.67 31.65
C ASP D 42 4.39 19.85 30.75
N ILE D 43 4.01 19.52 29.50
CA ILE D 43 4.89 18.79 28.61
C ILE D 43 5.90 19.77 27.97
N GLU D 44 7.18 19.38 27.95
CA GLU D 44 8.23 20.23 27.37
C GLU D 44 8.27 20.02 25.85
N TRP D 45 8.42 21.10 25.07
CA TRP D 45 8.57 21.00 23.62
C TRP D 45 10.07 20.98 23.30
N VAL D 46 10.57 19.92 22.69
CA VAL D 46 12.00 19.82 22.36
C VAL D 46 12.22 20.03 20.86
N HIS D 47 12.57 21.26 20.47
CA HIS D 47 12.77 21.59 19.06
C HIS D 47 14.02 20.93 18.51
N VAL D 48 13.86 20.21 17.38
CA VAL D 48 14.96 19.57 16.66
C VAL D 48 15.18 20.31 15.31
N ARG D 49 16.31 20.08 14.66
CA ARG D 49 16.59 20.73 13.37
C ARG D 49 16.00 19.91 12.20
N ASN D 50 15.90 18.59 12.35
CA ASN D 50 15.34 17.69 11.33
C ASN D 50 14.41 16.72 12.07
N GLU D 51 13.15 16.56 11.62
CA GLU D 51 12.16 15.70 12.29
C GLU D 51 12.64 14.24 12.39
N GLU D 52 13.58 13.80 11.55
CA GLU D 52 14.15 12.45 11.66
C GLU D 52 14.76 12.22 13.05
N ALA D 53 15.43 13.26 13.57
CA ALA D 53 16.04 13.25 14.88
C ALA D 53 14.99 13.13 15.99
N ALA D 54 13.82 13.74 15.81
CA ALA D 54 12.74 13.66 16.80
C ALA D 54 12.25 12.22 16.96
N ALA D 55 12.12 11.49 15.84
CA ALA D 55 11.69 10.09 15.88
C ALA D 55 12.74 9.20 16.53
N PHE D 56 14.03 9.41 16.24
CA PHE D 56 15.11 8.66 16.91
C PHE D 56 15.15 8.98 18.41
N ALA D 57 15.02 10.28 18.77
CA ALA D 57 15.07 10.69 20.18
C ALA D 57 13.93 10.06 20.97
N ALA D 58 12.70 10.04 20.40
CA ALA D 58 11.56 9.41 21.07
C ALA D 58 11.81 7.90 21.27
N GLY D 59 12.31 7.22 20.24
CA GLY D 59 12.64 5.81 20.36
C GLY D 59 13.67 5.52 21.43
N ALA D 60 14.72 6.34 21.51
CA ALA D 60 15.76 6.18 22.53
C ALA D 60 15.24 6.47 23.92
N GLU D 61 14.41 7.53 24.08
CA GLU D 61 13.84 7.85 25.40
C GLU D 61 13.03 6.67 25.92
N SER D 62 12.23 6.06 25.01
CA SER D 62 11.39 4.94 25.37
C SER D 62 12.25 3.74 25.77
N LEU D 63 13.34 3.46 25.04
CA LEU D 63 14.19 2.30 25.42
C LEU D 63 14.80 2.49 26.80
N ILE D 64 15.10 3.74 27.18
CA ILE D 64 15.72 4.06 28.49
C ILE D 64 14.69 4.05 29.62
N THR D 65 13.45 4.53 29.37
CA THR D 65 12.45 4.61 30.44
C THR D 65 11.53 3.41 30.55
N GLY D 66 11.36 2.67 29.46
CA GLY D 66 10.37 1.60 29.40
C GLY D 66 8.95 2.12 29.26
N GLU D 67 8.77 3.42 28.98
CA GLU D 67 7.48 4.07 28.92
C GLU D 67 7.24 4.71 27.54
N LEU D 68 6.02 5.26 27.33
CA LEU D 68 5.64 5.92 26.11
C LEU D 68 6.52 7.15 25.83
N ALA D 69 6.97 7.29 24.59
CA ALA D 69 7.68 8.50 24.16
C ALA D 69 6.98 9.06 22.91
N VAL D 70 7.02 10.38 22.71
CA VAL D 70 6.26 10.99 21.63
C VAL D 70 7.08 11.90 20.73
N CYS D 71 6.86 11.78 19.40
CA CYS D 71 7.45 12.73 18.46
C CYS D 71 6.30 13.36 17.65
N ALA D 72 6.51 14.54 17.09
CA ALA D 72 5.43 15.22 16.37
C ALA D 72 6.00 15.99 15.19
N ALA D 73 5.24 16.04 14.08
CA ALA D 73 5.71 16.74 12.90
C ALA D 73 4.57 17.31 12.09
N SER D 74 4.85 18.36 11.32
CA SER D 74 3.89 19.09 10.51
C SER D 74 3.48 18.26 9.27
N CYS D 75 2.56 18.81 8.46
CA CYS D 75 1.97 18.05 7.35
C CYS D 75 2.97 17.74 6.22
N GLY D 76 2.64 16.74 5.41
CA GLY D 76 3.42 16.37 4.23
C GLY D 76 4.88 16.11 4.50
N PRO D 77 5.74 17.02 3.99
CA PRO D 77 7.18 16.87 4.19
C PRO D 77 7.63 16.80 5.65
N GLY D 78 6.92 17.48 6.55
CA GLY D 78 7.28 17.43 7.98
C GLY D 78 7.26 16.03 8.55
N ASN D 79 6.09 15.36 8.46
CA ASN D 79 5.97 14.01 9.00
C ASN D 79 6.73 12.99 8.11
N THR D 80 6.96 13.29 6.83
CA THR D 80 7.75 12.40 5.95
C THR D 80 9.16 12.22 6.52
N HIS D 81 9.74 13.27 7.14
CA HIS D 81 11.06 13.19 7.75
C HIS D 81 11.14 12.24 8.96
N LEU D 82 10.02 11.93 9.62
CA LEU D 82 10.04 10.99 10.75
C LEU D 82 10.38 9.56 10.34
N ILE D 83 10.15 9.19 9.06
CA ILE D 83 10.22 7.81 8.57
C ILE D 83 11.45 7.03 9.01
N GLN D 84 12.68 7.49 8.80
CA GLN D 84 13.86 6.71 9.21
C GLN D 84 13.86 6.36 10.70
N GLY D 85 13.54 7.36 11.53
CA GLY D 85 13.50 7.18 12.96
C GLY D 85 12.38 6.27 13.39
N LEU D 86 11.25 6.29 12.64
CA LEU D 86 10.12 5.41 12.97
C LEU D 86 10.46 3.97 12.63
N TYR D 87 11.13 3.70 11.50
CA TYR D 87 11.56 2.33 11.18
C TYR D 87 12.50 1.79 12.27
N ASP D 88 13.43 2.65 12.72
CA ASP D 88 14.39 2.25 13.74
C ASP D 88 13.68 1.97 15.07
N SER D 89 12.79 2.89 15.51
CA SER D 89 12.06 2.71 16.77
C SER D 89 11.16 1.47 16.71
N HIS D 90 10.56 1.21 15.55
CA HIS D 90 9.68 0.07 15.32
C HIS D 90 10.48 -1.23 15.42
N ARG D 91 11.62 -1.33 14.72
CA ARG D 91 12.45 -2.54 14.77
C ARG D 91 12.98 -2.79 16.18
N ASN D 92 13.25 -1.72 16.95
CA ASN D 92 13.75 -1.84 18.31
C ASN D 92 12.64 -2.15 19.36
N GLY D 93 11.39 -2.21 18.93
CA GLY D 93 10.30 -2.48 19.87
C GLY D 93 10.06 -1.33 20.84
N ALA D 94 10.40 -0.08 20.43
CA ALA D 94 10.20 1.07 21.30
C ALA D 94 8.70 1.38 21.44
N LYS D 95 8.32 2.08 22.52
CA LYS D 95 6.93 2.43 22.76
C LYS D 95 6.78 3.87 22.34
N VAL D 96 6.47 4.07 21.08
CA VAL D 96 6.45 5.42 20.50
C VAL D 96 5.14 5.75 19.85
N LEU D 97 4.65 6.96 20.11
CA LEU D 97 3.51 7.52 19.43
C LEU D 97 4.03 8.64 18.56
N ALA D 98 3.75 8.58 17.26
CA ALA D 98 4.15 9.65 16.34
C ALA D 98 2.93 10.44 15.97
N ILE D 99 2.94 11.74 16.23
CA ILE D 99 1.85 12.62 15.88
C ILE D 99 2.16 13.16 14.51
N ALA D 100 1.51 12.62 13.47
CA ALA D 100 1.76 13.07 12.11
C ALA D 100 0.67 14.03 11.70
N SER D 101 0.87 15.34 11.86
CA SER D 101 -0.07 16.36 11.37
C SER D 101 -0.24 16.23 9.88
N HIS D 102 -1.42 16.57 9.39
CA HIS D 102 -1.81 16.32 8.03
C HIS D 102 -2.43 17.57 7.42
N ILE D 103 -2.58 17.60 6.08
CA ILE D 103 -3.16 18.77 5.42
C ILE D 103 -4.62 18.97 5.88
N PRO D 104 -5.19 20.18 5.71
CA PRO D 104 -6.61 20.38 6.09
C PRO D 104 -7.50 19.33 5.39
N SER D 105 -8.44 18.74 6.14
CA SER D 105 -9.29 17.67 5.67
C SER D 105 -10.07 18.06 4.38
N ALA D 106 -10.48 19.31 4.20
CA ALA D 106 -11.19 19.74 2.98
C ALA D 106 -10.33 19.60 1.70
N GLN D 107 -9.00 19.59 1.84
CA GLN D 107 -8.10 19.52 0.68
C GLN D 107 -7.61 18.10 0.37
N ILE D 108 -7.92 17.11 1.24
CA ILE D 108 -7.51 15.73 0.99
C ILE D 108 -8.14 15.23 -0.33
N GLY D 109 -7.29 14.68 -1.19
CA GLY D 109 -7.76 14.16 -2.47
C GLY D 109 -7.72 15.17 -3.60
N SER D 110 -7.29 16.43 -3.33
CA SER D 110 -7.22 17.45 -4.36
C SER D 110 -5.80 17.73 -4.85
N THR D 111 -4.81 16.86 -4.54
CA THR D 111 -3.39 17.06 -4.91
C THR D 111 -2.95 18.45 -4.42
N PHE D 112 -3.26 18.74 -3.15
CA PHE D 112 -2.99 20.05 -2.57
C PHE D 112 -1.49 20.26 -2.34
N PHE D 113 -1.12 21.51 -2.02
CA PHE D 113 0.21 21.90 -1.57
C PHE D 113 0.63 21.02 -0.40
N GLN D 114 1.80 20.35 -0.50
CA GLN D 114 2.31 19.48 0.55
C GLN D 114 1.55 18.16 0.76
N GLU D 115 0.55 17.82 -0.05
CA GLU D 115 -0.21 16.59 0.16
C GLU D 115 0.63 15.32 0.02
N THR D 116 0.51 14.45 1.04
CA THR D 116 1.00 13.09 1.11
C THR D 116 -0.15 12.23 1.73
N HIS D 117 0.01 10.90 1.83
CA HIS D 117 -0.93 10.01 2.50
C HIS D 117 -0.15 9.27 3.59
N PRO D 118 0.13 9.95 4.71
CA PRO D 118 0.95 9.30 5.77
C PRO D 118 0.29 8.08 6.36
N GLU D 119 -1.05 8.08 6.41
CA GLU D 119 -1.84 6.95 6.91
C GLU D 119 -1.59 5.70 6.03
N ILE D 120 -1.02 5.85 4.81
CA ILE D 120 -0.60 4.75 3.96
C ILE D 120 0.91 4.56 4.06
N LEU D 121 1.67 5.65 3.92
CA LEU D 121 3.14 5.60 3.96
C LEU D 121 3.72 4.88 5.18
N PHE D 122 3.17 5.14 6.38
CA PHE D 122 3.75 4.60 7.61
C PHE D 122 3.25 3.21 8.05
N LYS D 123 2.54 2.50 7.17
CA LYS D 123 2.04 1.16 7.51
C LYS D 123 3.15 0.15 7.75
N GLU D 124 4.28 0.21 7.00
CA GLU D 124 5.35 -0.79 7.22
C GLU D 124 6.17 -0.50 8.49
N CYS D 125 6.30 0.77 8.90
CA CYS D 125 7.12 1.10 10.08
C CYS D 125 6.26 1.34 11.31
N SER D 126 5.14 0.64 11.45
CA SER D 126 4.29 0.78 12.62
C SER D 126 3.42 -0.47 12.85
N GLY D 127 2.92 -0.64 14.06
CA GLY D 127 1.96 -1.70 14.38
C GLY D 127 0.53 -1.16 14.32
N TYR D 128 0.37 0.19 14.26
CA TYR D 128 -0.90 0.87 14.23
C TYR D 128 -0.71 2.21 13.52
N CYS D 129 -1.56 2.54 12.56
CA CYS D 129 -1.43 3.76 11.80
C CYS D 129 -2.80 4.12 11.18
N GLU D 130 -3.46 5.16 11.74
CA GLU D 130 -4.80 5.52 11.28
C GLU D 130 -4.95 7.03 11.25
N MET D 131 -5.94 7.51 10.49
CA MET D 131 -6.17 8.94 10.35
C MET D 131 -7.35 9.38 11.17
N VAL D 132 -7.24 10.55 11.82
CA VAL D 132 -8.30 11.15 12.58
C VAL D 132 -9.26 11.83 11.61
N ASN D 133 -10.58 11.57 11.72
CA ASN D 133 -11.55 12.25 10.86
C ASN D 133 -12.58 13.08 11.66
N GLY D 134 -12.50 13.08 12.99
CA GLY D 134 -13.37 13.82 13.89
C GLY D 134 -12.92 13.67 15.32
N GLY D 135 -13.56 14.40 16.24
CA GLY D 135 -13.18 14.43 17.65
C GLY D 135 -13.32 13.11 18.39
N GLU D 136 -14.51 12.52 18.36
CA GLU D 136 -14.75 11.24 19.01
C GLU D 136 -13.93 10.13 18.41
N GLN D 137 -13.81 10.11 17.07
CA GLN D 137 -13.03 9.04 16.45
C GLN D 137 -11.51 9.27 16.74
N GLY D 138 -11.09 10.54 16.82
CA GLY D 138 -9.70 10.88 17.13
C GLY D 138 -9.32 10.41 18.51
N GLU D 139 -10.24 10.53 19.44
CA GLU D 139 -10.02 10.07 20.82
C GLU D 139 -9.88 8.54 20.84
N ARG D 140 -10.75 7.83 20.11
CA ARG D 140 -10.65 6.37 19.98
C ARG D 140 -9.31 5.96 19.41
N ILE D 141 -8.89 6.54 18.25
CA ILE D 141 -7.67 6.03 17.63
C ILE D 141 -6.44 6.47 18.41
N LEU D 142 -6.50 7.55 19.20
CA LEU D 142 -5.39 7.91 20.07
C LEU D 142 -5.25 6.83 21.14
N HIS D 143 -6.37 6.40 21.76
CA HIS D 143 -6.31 5.29 22.73
C HIS D 143 -5.73 4.04 22.08
N HIS D 144 -6.26 3.65 20.91
CA HIS D 144 -5.82 2.42 20.26
C HIS D 144 -4.36 2.47 19.90
N ALA D 145 -3.87 3.63 19.47
CA ALA D 145 -2.46 3.81 19.13
C ALA D 145 -1.59 3.63 20.36
N ILE D 146 -1.97 4.27 21.50
CA ILE D 146 -1.21 4.18 22.71
C ILE D 146 -1.24 2.74 23.23
N GLN D 147 -2.42 2.10 23.27
CA GLN D 147 -2.54 0.74 23.78
C GLN D 147 -1.76 -0.26 22.90
N SER D 148 -1.74 -0.04 21.59
CA SER D 148 -1.03 -0.93 20.68
C SER D 148 0.48 -0.85 20.94
N THR D 149 1.03 0.36 21.09
CA THR D 149 2.46 0.49 21.31
C THR D 149 2.84 0.02 22.75
N MET D 150 2.00 0.31 23.75
CA MET D 150 2.29 -0.13 25.12
C MET D 150 2.20 -1.66 25.26
N ALA D 151 1.44 -2.36 24.40
CA ALA D 151 1.38 -3.82 24.39
C ALA D 151 2.57 -4.48 23.59
N GLY D 152 3.49 -3.67 23.08
CA GLY D 152 4.66 -4.20 22.37
C GLY D 152 4.47 -4.47 20.90
N LYS D 153 3.47 -3.85 20.26
CA LYS D 153 3.28 -4.03 18.82
C LYS D 153 4.11 -3.07 17.96
N GLY D 154 4.95 -2.23 18.57
CA GLY D 154 5.77 -1.32 17.81
C GLY D 154 5.25 0.09 17.75
N VAL D 155 5.76 0.87 16.81
CA VAL D 155 5.39 2.29 16.69
C VAL D 155 3.91 2.43 16.38
N SER D 156 3.29 3.48 16.92
CA SER D 156 1.94 3.85 16.51
C SER D 156 1.97 5.24 15.88
N VAL D 157 1.20 5.45 14.84
CA VAL D 157 1.11 6.73 14.16
C VAL D 157 -0.32 7.19 14.18
N VAL D 158 -0.55 8.43 14.58
CA VAL D 158 -1.88 9.03 14.53
C VAL D 158 -1.78 10.21 13.56
N VAL D 159 -2.55 10.17 12.47
CA VAL D 159 -2.48 11.18 11.44
C VAL D 159 -3.57 12.18 11.66
N ILE D 160 -3.23 13.46 11.90
CA ILE D 160 -4.24 14.45 12.28
C ILE D 160 -4.31 15.66 11.34
N PRO D 161 -5.39 15.76 10.55
CA PRO D 161 -5.59 16.97 9.72
C PRO D 161 -5.69 18.19 10.64
N GLY D 162 -4.97 19.26 10.32
CA GLY D 162 -4.89 20.45 11.15
C GLY D 162 -6.19 21.08 11.56
N ASP D 163 -7.17 21.10 10.66
CA ASP D 163 -8.47 21.70 10.96
C ASP D 163 -9.22 20.86 12.02
N ILE D 164 -9.08 19.54 11.96
CA ILE D 164 -9.77 18.64 12.90
C ILE D 164 -9.14 18.74 14.29
N ALA D 165 -7.83 19.04 14.39
CA ALA D 165 -7.21 19.27 15.71
C ALA D 165 -7.89 20.44 16.43
N LYS D 166 -8.42 21.43 15.69
CA LYS D 166 -9.11 22.59 16.27
C LYS D 166 -10.60 22.33 16.56
N GLU D 167 -11.18 21.21 16.07
CA GLU D 167 -12.60 20.91 16.33
C GLU D 167 -12.80 20.34 17.73
N ASP D 168 -14.07 20.26 18.18
CA ASP D 168 -14.45 19.76 19.50
C ASP D 168 -13.88 18.36 19.78
N ALA D 169 -13.44 18.17 21.02
CA ALA D 169 -12.91 16.91 21.53
C ALA D 169 -14.03 15.86 21.66
N GLY D 170 -13.65 14.59 21.78
CA GLY D 170 -14.60 13.53 22.08
C GLY D 170 -15.11 13.65 23.51
N ASP D 171 -16.02 12.77 23.92
CA ASP D 171 -16.61 12.84 25.25
C ASP D 171 -15.77 12.24 26.39
N GLY D 172 -14.57 11.75 26.12
CA GLY D 172 -13.70 11.21 27.16
C GLY D 172 -13.74 9.72 27.40
N THR D 173 -14.70 8.99 26.80
CA THR D 173 -14.84 7.54 26.97
C THR D 173 -13.52 6.75 26.80
N TYR D 174 -12.74 7.03 25.76
CA TYR D 174 -11.54 6.27 25.45
C TYR D 174 -10.33 6.85 26.14
N SER D 175 -10.28 8.18 26.36
CA SER D 175 -9.19 8.80 27.09
C SER D 175 -9.24 8.41 28.59
N ASN D 176 -10.42 8.08 29.14
CA ASN D 176 -10.55 7.67 30.54
C ASN D 176 -10.02 6.26 30.83
N SER D 177 -9.71 5.46 29.79
CA SER D 177 -9.25 4.10 30.03
C SER D 177 -7.84 4.02 30.59
N THR D 178 -7.61 3.02 31.42
CA THR D 178 -6.30 2.67 31.90
C THR D 178 -5.64 1.87 30.77
N ILE D 179 -4.39 2.16 30.48
CA ILE D 179 -3.66 1.45 29.44
C ILE D 179 -2.99 0.21 30.04
N SER D 180 -3.09 -0.95 29.39
CA SER D 180 -2.39 -2.14 29.84
C SER D 180 -0.94 -2.02 29.41
N SER D 181 -0.04 -1.86 30.38
CA SER D 181 1.39 -1.81 30.05
C SER D 181 2.19 -2.92 30.76
N GLY D 182 1.53 -3.83 31.45
CA GLY D 182 2.19 -4.92 32.15
C GLY D 182 2.78 -5.97 31.22
N THR D 183 3.69 -6.74 31.74
CA THR D 183 4.32 -7.80 31.00
C THR D 183 3.67 -9.11 31.38
N PRO D 184 2.94 -9.76 30.46
CA PRO D 184 2.39 -11.08 30.80
C PRO D 184 3.50 -12.14 30.95
N VAL D 185 3.19 -13.25 31.58
CA VAL D 185 4.12 -14.35 31.79
C VAL D 185 3.68 -15.52 30.89
N VAL D 186 4.39 -15.73 29.78
CA VAL D 186 3.98 -16.73 28.80
C VAL D 186 4.66 -18.10 29.03
N PHE D 187 3.91 -19.05 29.62
CA PHE D 187 4.40 -20.40 29.83
C PHE D 187 4.23 -21.19 28.55
N PRO D 188 5.15 -22.11 28.25
CA PRO D 188 5.05 -22.86 26.99
C PRO D 188 3.97 -23.92 27.02
N ASP D 189 3.56 -24.37 25.81
CA ASP D 189 2.66 -25.51 25.67
C ASP D 189 3.41 -26.75 26.24
N PRO D 190 2.78 -27.52 27.13
CA PRO D 190 3.49 -28.64 27.77
C PRO D 190 4.11 -29.63 26.79
N THR D 191 3.51 -29.81 25.60
CA THR D 191 4.05 -30.74 24.62
C THR D 191 5.38 -30.21 24.06
N GLU D 192 5.44 -28.90 23.77
CA GLU D 192 6.67 -28.28 23.26
C GLU D 192 7.75 -28.28 24.34
N ALA D 193 7.36 -27.99 25.60
CA ALA D 193 8.30 -28.01 26.70
C ALA D 193 8.88 -29.41 26.90
N ALA D 194 8.04 -30.46 26.80
CA ALA D 194 8.49 -31.86 26.96
C ALA D 194 9.49 -32.23 25.87
N ALA D 195 9.26 -31.78 24.64
CA ALA D 195 10.20 -32.07 23.54
C ALA D 195 11.56 -31.38 23.81
N LEU D 196 11.54 -30.16 24.36
CA LEU D 196 12.78 -29.45 24.70
C LEU D 196 13.51 -30.18 25.83
N VAL D 197 12.78 -30.65 26.85
CA VAL D 197 13.37 -31.42 27.96
C VAL D 197 14.05 -32.69 27.41
N GLU D 198 13.36 -33.40 26.51
CA GLU D 198 13.89 -34.62 25.90
C GLU D 198 15.17 -34.32 25.11
N ALA D 199 15.16 -33.23 24.34
CA ALA D 199 16.33 -32.83 23.56
C ALA D 199 17.51 -32.50 24.46
N ILE D 200 17.26 -31.81 25.60
CA ILE D 200 18.34 -31.45 26.53
C ILE D 200 18.90 -32.71 27.21
N ASN D 201 18.02 -33.58 27.71
CA ASN D 201 18.47 -34.79 28.42
C ASN D 201 19.19 -35.76 27.47
N ASN D 202 18.83 -35.80 26.17
CA ASN D 202 19.51 -36.69 25.22
C ASN D 202 20.84 -36.09 24.68
N ALA D 203 21.07 -34.79 24.86
CA ALA D 203 22.30 -34.18 24.41
C ALA D 203 23.38 -34.34 25.46
N LYS D 204 24.60 -34.69 25.04
CA LYS D 204 25.71 -34.81 25.99
C LYS D 204 26.35 -33.43 26.26
N SER D 205 26.14 -32.45 25.34
CA SER D 205 26.65 -31.10 25.42
C SER D 205 25.65 -30.15 24.82
N VAL D 206 25.44 -29.02 25.50
CA VAL D 206 24.47 -28.02 25.08
C VAL D 206 25.11 -26.64 25.11
N THR D 207 24.71 -25.78 24.19
CA THR D 207 25.14 -24.38 24.16
C THR D 207 23.89 -23.50 24.19
N LEU D 208 23.92 -22.40 24.94
CA LEU D 208 22.81 -21.46 24.95
C LEU D 208 23.23 -20.23 24.15
N PHE D 209 22.40 -19.76 23.21
CA PHE D 209 22.72 -18.56 22.45
C PHE D 209 21.56 -17.58 22.70
N CYS D 210 21.84 -16.51 23.44
CA CYS D 210 20.84 -15.57 23.97
C CYS D 210 20.74 -14.25 23.25
N GLY D 211 19.52 -13.74 23.13
CA GLY D 211 19.28 -12.43 22.56
C GLY D 211 18.58 -11.51 23.54
N ALA D 212 17.99 -10.43 23.03
CA ALA D 212 17.29 -9.43 23.83
C ALA D 212 16.13 -10.03 24.67
N GLY D 213 15.60 -11.18 24.24
CA GLY D 213 14.52 -11.86 24.94
C GLY D 213 14.86 -12.41 26.31
N VAL D 214 16.17 -12.45 26.68
CA VAL D 214 16.55 -12.92 28.02
C VAL D 214 16.70 -11.76 29.04
N LYS D 215 16.27 -10.55 28.66
CA LYS D 215 16.33 -9.34 29.52
C LYS D 215 15.85 -9.60 30.96
N ASN D 216 14.70 -10.27 31.14
CA ASN D 216 14.20 -10.54 32.50
C ASN D 216 14.42 -12.00 32.93
N ALA D 217 15.40 -12.69 32.35
CA ALA D 217 15.62 -14.09 32.60
C ALA D 217 17.06 -14.44 32.95
N ARG D 218 17.88 -13.45 33.39
CA ARG D 218 19.27 -13.71 33.77
C ARG D 218 19.41 -14.83 34.80
N ALA D 219 18.62 -14.79 35.88
CA ALA D 219 18.74 -15.80 36.94
C ALA D 219 18.43 -17.20 36.40
N GLN D 220 17.41 -17.30 35.58
CA GLN D 220 16.97 -18.57 34.97
C GLN D 220 17.97 -19.10 33.97
N VAL D 221 18.54 -18.24 33.13
CA VAL D 221 19.52 -18.65 32.14
C VAL D 221 20.78 -19.19 32.85
N LEU D 222 21.29 -18.47 33.88
CA LEU D 222 22.48 -18.87 34.63
C LEU D 222 22.24 -20.16 35.39
N GLU D 223 21.06 -20.29 35.97
CA GLU D 223 20.64 -21.48 36.70
C GLU D 223 20.58 -22.70 35.75
N LEU D 224 20.06 -22.51 34.53
CA LEU D 224 20.01 -23.61 33.55
C LEU D 224 21.41 -23.97 33.10
N ALA D 225 22.24 -22.94 32.82
CA ALA D 225 23.61 -23.16 32.39
C ALA D 225 24.43 -23.93 33.43
N GLU D 226 24.19 -23.68 34.72
CA GLU D 226 24.92 -24.39 35.77
C GLU D 226 24.52 -25.85 35.80
N LYS D 227 23.22 -26.13 35.63
CA LYS D 227 22.71 -27.49 35.67
C LYS D 227 23.20 -28.35 34.50
N ILE D 228 23.18 -27.81 33.27
CA ILE D 228 23.59 -28.61 32.10
C ILE D 228 25.02 -28.33 31.62
N LYS D 229 25.78 -27.47 32.33
CA LYS D 229 27.17 -27.15 32.01
C LYS D 229 27.27 -26.62 30.58
N SER D 230 26.47 -25.60 30.27
CA SER D 230 26.44 -25.08 28.91
C SER D 230 27.10 -23.75 28.77
N PRO D 231 28.00 -23.60 27.80
CA PRO D 231 28.52 -22.27 27.49
C PRO D 231 27.38 -21.34 27.04
N ILE D 232 27.48 -20.04 27.33
CA ILE D 232 26.48 -19.06 26.94
C ILE D 232 27.09 -18.05 25.99
N GLY D 233 26.55 -17.98 24.79
CA GLY D 233 26.91 -16.98 23.81
C GLY D 233 25.75 -16.00 23.65
N HIS D 234 25.97 -14.87 22.93
CA HIS D 234 24.90 -13.90 22.79
C HIS D 234 24.90 -13.16 21.48
N ALA D 235 23.68 -12.83 21.02
CA ALA D 235 23.50 -11.98 19.87
C ALA D 235 23.72 -10.54 20.37
N LEU D 236 24.00 -9.61 19.48
CA LEU D 236 24.22 -8.21 19.85
C LEU D 236 23.10 -7.61 20.72
N GLY D 237 21.86 -7.93 20.44
CA GLY D 237 20.72 -7.41 21.19
C GLY D 237 20.63 -7.91 22.63
N GLY D 238 21.30 -9.01 22.93
CA GLY D 238 21.31 -9.58 24.28
C GLY D 238 22.55 -9.25 25.08
N LYS D 239 23.55 -8.62 24.45
CA LYS D 239 24.82 -8.27 25.10
C LYS D 239 24.62 -7.50 26.41
N GLN D 240 23.77 -6.47 26.40
CA GLN D 240 23.51 -5.65 27.57
C GLN D 240 23.07 -6.47 28.78
N TYR D 241 22.33 -7.55 28.55
CA TYR D 241 21.72 -8.31 29.61
C TYR D 241 22.47 -9.55 30.09
N ILE D 242 23.11 -10.30 29.19
CA ILE D 242 23.66 -11.59 29.60
C ILE D 242 25.19 -11.66 29.63
N GLN D 243 25.91 -10.68 29.04
CA GLN D 243 27.38 -10.74 29.04
C GLN D 243 27.99 -10.56 30.44
N HIS D 244 27.46 -9.63 31.25
CA HIS D 244 28.06 -9.31 32.54
C HIS D 244 27.85 -10.37 33.62
N GLU D 245 28.82 -10.50 34.57
CA GLU D 245 28.81 -11.46 35.70
C GLU D 245 28.28 -12.82 35.27
N ASN D 246 28.88 -13.36 34.23
CA ASN D 246 28.46 -14.61 33.64
C ASN D 246 29.69 -15.49 33.47
N PRO D 247 29.85 -16.50 34.33
CA PRO D 247 31.03 -17.37 34.21
C PRO D 247 30.95 -18.36 33.03
N PHE D 248 29.83 -18.38 32.28
CA PHE D 248 29.69 -19.27 31.12
C PHE D 248 29.88 -18.54 29.78
N GLU D 249 30.12 -17.21 29.81
CA GLU D 249 30.26 -16.35 28.64
C GLU D 249 31.30 -16.86 27.64
N VAL D 250 30.89 -17.00 26.38
CA VAL D 250 31.78 -17.38 25.28
C VAL D 250 31.70 -16.38 24.11
N GLY D 251 31.18 -15.18 24.34
CA GLY D 251 31.15 -14.13 23.35
C GLY D 251 30.01 -14.08 22.36
N MET D 252 30.31 -13.54 21.18
CA MET D 252 29.37 -13.30 20.11
C MET D 252 29.69 -14.04 18.84
N SER D 253 28.68 -14.17 17.99
CA SER D 253 28.76 -14.78 16.67
C SER D 253 28.56 -13.69 15.59
N GLY D 254 28.65 -14.07 14.32
CA GLY D 254 28.55 -13.11 13.23
C GLY D 254 29.89 -12.50 12.87
N LEU D 255 29.90 -11.58 11.89
CA LEU D 255 31.14 -10.94 11.44
C LEU D 255 31.78 -10.07 12.51
N LEU D 256 30.99 -9.41 13.40
CA LEU D 256 31.63 -8.65 14.48
C LEU D 256 31.80 -9.49 15.79
N GLY D 257 31.56 -10.81 15.70
CA GLY D 257 31.69 -11.72 16.82
C GLY D 257 33.13 -11.97 17.21
N TYR D 258 33.33 -12.71 18.29
CA TYR D 258 34.63 -12.99 18.86
C TYR D 258 34.51 -14.13 19.88
N GLY D 259 35.63 -14.72 20.27
CA GLY D 259 35.64 -15.79 21.25
C GLY D 259 35.15 -17.12 20.72
N ALA D 260 34.80 -18.03 21.62
CA ALA D 260 34.42 -19.38 21.23
C ALA D 260 32.94 -19.55 20.92
N CYS D 261 32.16 -18.47 20.81
CA CYS D 261 30.72 -18.60 20.56
C CYS D 261 30.41 -19.40 19.29
N VAL D 262 31.02 -19.09 18.15
CA VAL D 262 30.75 -19.83 16.90
C VAL D 262 31.10 -21.32 17.06
N ASP D 263 32.23 -21.63 17.73
CA ASP D 263 32.63 -23.01 17.96
C ASP D 263 31.64 -23.73 18.87
N ALA D 264 31.31 -23.11 20.01
CA ALA D 264 30.40 -23.71 20.99
C ALA D 264 29.03 -23.96 20.38
N SER D 265 28.55 -23.04 19.55
CA SER D 265 27.24 -23.20 18.92
C SER D 265 27.22 -24.33 17.91
N ASN D 266 28.28 -24.46 17.12
CA ASN D 266 28.31 -25.44 16.05
C ASN D 266 28.84 -26.81 16.49
N GLU D 267 29.48 -26.92 17.65
CA GLU D 267 30.02 -28.22 18.10
C GLU D 267 29.19 -28.89 19.18
N ALA D 268 28.26 -28.17 19.83
CA ALA D 268 27.43 -28.79 20.86
C ALA D 268 26.48 -29.80 20.24
N ASP D 269 26.07 -30.82 21.01
CA ASP D 269 25.07 -31.78 20.55
C ASP D 269 23.73 -31.06 20.31
N LEU D 270 23.41 -30.04 21.15
CA LEU D 270 22.19 -29.27 21.03
C LEU D 270 22.48 -27.79 21.22
N LEU D 271 21.98 -26.96 20.30
CA LEU D 271 22.06 -25.52 20.43
C LEU D 271 20.68 -25.00 20.82
N ILE D 272 20.59 -24.16 21.85
CA ILE D 272 19.32 -23.58 22.24
C ILE D 272 19.34 -22.09 22.00
N LEU D 273 18.50 -21.63 21.08
CA LEU D 273 18.30 -20.23 20.78
C LEU D 273 17.31 -19.67 21.80
N LEU D 274 17.75 -18.77 22.68
CA LEU D 274 16.89 -18.21 23.71
C LEU D 274 16.63 -16.75 23.44
N GLY D 275 15.39 -16.40 23.14
CA GLY D 275 14.98 -15.02 22.88
C GLY D 275 15.87 -14.27 21.90
N THR D 276 16.13 -14.85 20.72
CA THR D 276 17.00 -14.22 19.74
C THR D 276 16.44 -14.39 18.33
N ASP D 277 16.69 -13.40 17.49
CA ASP D 277 16.30 -13.48 16.09
C ASP D 277 17.53 -13.13 15.23
N PHE D 278 18.75 -13.57 15.69
CA PHE D 278 20.06 -13.38 15.03
C PHE D 278 19.94 -13.80 13.58
N PRO D 279 20.07 -12.87 12.64
CA PRO D 279 19.74 -13.20 11.23
C PRO D 279 20.82 -13.86 10.36
N TYR D 280 22.07 -14.05 10.87
CA TYR D 280 23.15 -14.54 10.00
C TYR D 280 23.24 -16.06 10.03
N SER D 281 22.37 -16.70 9.24
CA SER D 281 22.19 -18.15 9.11
C SER D 281 23.45 -18.94 8.86
N ASP D 282 24.40 -18.40 8.09
CA ASP D 282 25.64 -19.11 7.79
C ASP D 282 26.46 -19.45 9.04
N PHE D 283 26.26 -18.69 10.14
CA PHE D 283 26.95 -18.93 11.42
C PHE D 283 26.20 -19.90 12.34
N LEU D 284 24.97 -20.29 11.99
CA LEU D 284 24.18 -21.19 12.84
C LEU D 284 24.19 -22.63 12.34
N PRO D 285 24.25 -23.61 13.24
CA PRO D 285 24.14 -25.01 12.80
C PRO D 285 22.71 -25.35 12.37
N LYS D 286 22.55 -26.46 11.66
CA LYS D 286 21.24 -26.93 11.19
C LYS D 286 20.84 -28.28 11.78
N ASP D 287 21.80 -29.04 12.31
CA ASP D 287 21.58 -30.40 12.78
C ASP D 287 20.61 -30.56 13.96
N ASN D 288 20.78 -29.85 15.09
CA ASN D 288 19.97 -30.10 16.27
C ASN D 288 19.81 -28.81 17.07
N VAL D 289 18.76 -28.05 16.74
CA VAL D 289 18.53 -26.74 17.32
C VAL D 289 17.16 -26.62 17.94
N ALA D 290 17.12 -26.01 19.12
CA ALA D 290 15.89 -25.65 19.80
C ALA D 290 15.77 -24.15 19.78
N GLN D 291 14.55 -23.62 19.86
CA GLN D 291 14.37 -22.17 19.91
C GLN D 291 13.21 -21.82 20.80
N VAL D 292 13.45 -20.92 21.75
CA VAL D 292 12.40 -20.40 22.61
C VAL D 292 12.13 -18.96 22.24
N ASP D 293 10.92 -18.62 21.81
CA ASP D 293 10.59 -17.24 21.46
C ASP D 293 9.17 -16.93 21.88
N ILE D 294 8.94 -15.73 22.45
CA ILE D 294 7.62 -15.30 22.91
C ILE D 294 6.66 -15.10 21.71
N ASN D 295 7.20 -14.79 20.52
CA ASN D 295 6.38 -14.64 19.34
C ASN D 295 6.60 -15.88 18.45
N GLY D 296 5.60 -16.74 18.40
CA GLY D 296 5.66 -17.98 17.63
C GLY D 296 6.00 -17.79 16.17
N ALA D 297 5.60 -16.65 15.57
CA ALA D 297 5.90 -16.38 14.16
C ALA D 297 7.41 -16.20 13.89
N HIS D 298 8.21 -15.90 14.92
CA HIS D 298 9.66 -15.71 14.74
C HIS D 298 10.45 -17.01 14.79
N ILE D 299 9.85 -18.11 15.26
CA ILE D 299 10.58 -19.38 15.40
C ILE D 299 10.92 -19.98 14.04
N GLY D 300 12.17 -20.42 13.87
CA GLY D 300 12.61 -21.05 12.65
C GLY D 300 12.87 -20.10 11.50
N ARG D 301 12.97 -18.81 11.80
CA ARG D 301 13.24 -17.83 10.77
C ARG D 301 14.66 -17.95 10.23
N ARG D 302 15.61 -18.39 11.07
CA ARG D 302 17.04 -18.30 10.78
C ARG D 302 17.79 -19.61 10.53
N THR D 303 17.26 -20.74 10.95
CA THR D 303 17.91 -22.04 10.73
C THR D 303 16.87 -23.14 10.98
N THR D 304 17.27 -24.43 10.76
CA THR D 304 16.43 -25.57 11.04
C THR D 304 16.20 -25.64 12.53
N VAL D 305 14.95 -25.59 12.96
CA VAL D 305 14.63 -25.70 14.38
C VAL D 305 13.83 -26.98 14.53
N LYS D 306 14.35 -27.93 15.29
CA LYS D 306 13.67 -29.20 15.51
C LYS D 306 12.81 -29.15 16.79
N TYR D 307 13.14 -28.26 17.76
CA TYR D 307 12.41 -28.17 19.03
C TYR D 307 11.92 -26.74 19.23
N PRO D 308 10.80 -26.38 18.55
CA PRO D 308 10.30 -25.02 18.68
C PRO D 308 9.49 -24.83 19.94
N VAL D 309 9.66 -23.71 20.64
CA VAL D 309 8.91 -23.46 21.86
C VAL D 309 8.38 -22.04 21.88
N THR D 310 7.04 -21.87 21.84
CA THR D 310 6.49 -20.51 21.97
C THR D 310 6.37 -20.24 23.45
N GLY D 311 7.18 -19.34 23.97
CA GLY D 311 7.13 -19.04 25.39
C GLY D 311 8.14 -17.98 25.80
N ASP D 312 7.96 -17.46 26.97
CA ASP D 312 8.87 -16.50 27.57
C ASP D 312 10.13 -17.27 28.02
N VAL D 313 11.33 -16.69 27.92
CA VAL D 313 12.55 -17.39 28.33
C VAL D 313 12.49 -17.79 29.83
N ALA D 314 12.26 -16.83 30.74
CA ALA D 314 12.26 -17.12 32.18
C ALA D 314 11.21 -18.16 32.54
N ALA D 315 9.96 -18.01 32.07
CA ALA D 315 8.90 -18.97 32.37
C ALA D 315 9.16 -20.37 31.77
N THR D 316 9.71 -20.44 30.55
CA THR D 316 10.04 -21.73 29.91
C THR D 316 11.15 -22.43 30.68
N ILE D 317 12.20 -21.71 31.07
CA ILE D 317 13.30 -22.31 31.84
C ILE D 317 12.79 -22.78 33.21
N GLU D 318 11.96 -21.98 33.91
CA GLU D 318 11.40 -22.40 35.20
C GLU D 318 10.55 -23.64 35.05
N ASN D 319 9.82 -23.74 33.95
CA ASN D 319 8.96 -24.88 33.66
C ASN D 319 9.77 -26.15 33.39
N ILE D 320 10.87 -26.06 32.61
CA ILE D 320 11.63 -27.26 32.26
C ILE D 320 12.71 -27.67 33.27
N LEU D 321 13.26 -26.72 34.06
CA LEU D 321 14.36 -26.99 34.96
C LEU D 321 14.19 -28.25 35.84
N PRO D 322 13.06 -28.47 36.55
CA PRO D 322 12.97 -29.69 37.39
C PRO D 322 13.02 -30.98 36.58
N HIS D 323 12.70 -30.95 35.27
CA HIS D 323 12.71 -32.16 34.44
C HIS D 323 14.05 -32.37 33.69
N VAL D 324 14.94 -31.37 33.72
CA VAL D 324 16.24 -31.46 33.08
C VAL D 324 17.20 -32.12 34.06
N LYS D 325 17.83 -33.20 33.65
CA LYS D 325 18.76 -33.92 34.53
C LYS D 325 20.06 -33.15 34.64
N GLU D 326 20.64 -33.07 35.85
CA GLU D 326 21.91 -32.40 36.04
C GLU D 326 23.01 -33.12 35.29
N LYS D 327 23.81 -32.38 34.52
CA LYS D 327 24.90 -32.99 33.78
C LYS D 327 26.14 -32.83 34.60
N THR D 328 26.79 -33.94 34.96
CA THR D 328 28.01 -33.88 35.75
C THR D 328 29.26 -33.73 34.86
N ASP D 329 29.16 -34.08 33.57
CA ASP D 329 30.27 -33.94 32.64
C ASP D 329 30.45 -32.47 32.22
N ARG D 330 31.54 -31.85 32.68
CA ARG D 330 31.88 -30.46 32.36
C ARG D 330 32.85 -30.32 31.20
N SER D 331 33.30 -31.44 30.58
CA SER D 331 34.31 -31.42 29.50
C SER D 331 34.04 -30.37 28.42
N PHE D 332 32.82 -30.36 27.85
CA PHE D 332 32.50 -29.43 26.78
C PHE D 332 32.59 -27.99 27.27
N LEU D 333 32.01 -27.68 28.45
CA LEU D 333 32.04 -26.32 29.00
C LEU D 333 33.47 -25.85 29.21
N ASP D 334 34.31 -26.68 29.85
CA ASP D 334 35.69 -26.32 30.12
C ASP D 334 36.47 -26.15 28.84
N ARG D 335 36.24 -27.01 27.85
CA ARG D 335 36.90 -26.92 26.56
C ARG D 335 36.55 -25.59 25.86
N MET D 336 35.27 -25.19 25.91
CA MET D 336 34.83 -23.95 25.28
C MET D 336 35.27 -22.71 26.07
N LEU D 337 35.33 -22.80 27.40
CA LEU D 337 35.81 -21.68 28.21
C LEU D 337 37.30 -21.48 28.02
N LYS D 338 38.06 -22.58 27.87
CA LYS D 338 39.51 -22.47 27.64
C LYS D 338 39.77 -21.93 26.26
N ALA D 339 38.96 -22.34 25.25
CA ALA D 339 39.10 -21.83 23.90
C ALA D 339 38.80 -20.34 23.87
N HIS D 340 37.76 -19.91 24.60
CA HIS D 340 37.38 -18.51 24.70
C HIS D 340 38.50 -17.70 25.33
N GLU D 341 39.06 -18.17 26.45
CA GLU D 341 40.15 -17.47 27.13
C GLU D 341 41.40 -17.41 26.27
N ARG D 342 41.73 -18.49 25.55
CA ARG D 342 42.93 -18.50 24.71
C ARG D 342 42.73 -17.57 23.52
N LYS D 343 41.52 -17.49 22.95
CA LYS D 343 41.26 -16.59 21.82
C LYS D 343 41.36 -15.15 22.26
N LEU D 344 40.76 -14.78 23.40
CA LEU D 344 40.83 -13.40 23.88
C LEU D 344 42.24 -13.02 24.31
N SER D 345 42.93 -13.90 25.05
CA SER D 345 44.28 -13.59 25.53
C SER D 345 45.28 -13.50 24.38
N SER D 346 45.12 -14.34 23.34
CA SER D 346 46.03 -14.32 22.19
C SER D 346 45.95 -12.98 21.48
N VAL D 347 44.74 -12.42 21.36
CA VAL D 347 44.51 -11.12 20.74
C VAL D 347 45.16 -10.02 21.58
N VAL D 348 44.87 -9.99 22.89
CA VAL D 348 45.43 -8.99 23.80
C VAL D 348 46.98 -9.04 23.80
N GLU D 349 47.57 -10.24 23.87
CA GLU D 349 49.03 -10.37 23.91
C GLU D 349 49.67 -9.92 22.59
N THR D 350 49.04 -10.25 21.47
CA THR D 350 49.60 -9.94 20.16
C THR D 350 49.37 -8.49 19.69
N TYR D 351 48.14 -7.98 19.86
CA TYR D 351 47.78 -6.68 19.33
C TYR D 351 47.63 -5.53 20.32
N THR D 352 47.72 -5.69 21.67
CA THR D 352 47.59 -4.52 22.57
C THR D 352 48.65 -3.46 22.25
N HIS D 353 49.87 -3.92 21.93
CA HIS D 353 50.97 -3.08 21.51
C HIS D 353 50.70 -2.45 20.13
N ASN D 354 50.29 -3.23 19.12
CA ASN D 354 50.01 -2.69 17.78
C ASN D 354 48.82 -1.72 17.75
N VAL D 355 47.75 -2.01 18.51
CA VAL D 355 46.54 -1.19 18.59
C VAL D 355 46.84 0.13 19.32
N GLU D 356 47.45 0.06 20.51
CA GLU D 356 47.77 1.29 21.26
C GLU D 356 48.88 2.11 20.59
N LYS D 357 49.62 1.52 19.65
CA LYS D 357 50.73 2.14 18.95
C LYS D 357 50.47 2.17 17.43
N HIS D 358 49.36 2.76 17.01
CA HIS D 358 49.06 2.88 15.58
C HIS D 358 49.05 4.36 15.16
N VAL D 359 49.54 4.66 13.91
CA VAL D 359 49.67 5.99 13.24
C VAL D 359 48.42 6.79 13.47
N PRO D 360 47.29 6.78 12.68
CA PRO D 360 46.07 7.39 13.23
C PRO D 360 45.56 6.46 14.36
N ILE D 361 44.99 7.05 15.39
CA ILE D 361 44.50 6.34 16.57
C ILE D 361 43.64 5.12 16.25
N HIS D 362 43.94 4.00 16.89
CA HIS D 362 43.17 2.78 16.69
C HIS D 362 41.83 2.93 17.39
N PRO D 363 40.73 2.73 16.65
CA PRO D 363 39.40 2.87 17.25
C PRO D 363 39.15 1.86 18.39
N GLU D 364 39.78 0.69 18.35
CA GLU D 364 39.66 -0.31 19.43
C GLU D 364 40.25 0.23 20.74
N TYR D 365 41.31 1.03 20.64
CA TYR D 365 41.95 1.63 21.80
C TYR D 365 41.00 2.67 22.41
N VAL D 366 40.36 3.49 21.57
CA VAL D 366 39.38 4.48 22.01
C VAL D 366 38.21 3.79 22.77
N ALA D 367 37.69 2.70 22.19
CA ALA D 367 36.58 1.98 22.80
C ALA D 367 36.99 1.37 24.17
N SER D 368 38.22 0.82 24.30
CA SER D 368 38.72 0.29 25.57
C SER D 368 38.76 1.38 26.63
N ILE D 369 39.25 2.58 26.26
CA ILE D 369 39.35 3.70 27.18
C ILE D 369 37.96 4.15 27.59
N LEU D 370 37.03 4.28 26.63
CA LEU D 370 35.65 4.64 26.93
C LEU D 370 35.02 3.66 27.93
N ASN D 371 35.24 2.37 27.73
CA ASN D 371 34.74 1.35 28.64
C ASN D 371 35.24 1.56 30.07
N GLU D 372 36.52 1.90 30.22
CA GLU D 372 37.14 2.10 31.53
C GLU D 372 36.72 3.41 32.19
N LEU D 373 36.64 4.50 31.42
CA LEU D 373 36.38 5.83 31.97
C LEU D 373 34.90 6.16 32.18
N ALA D 374 34.00 5.61 31.37
CA ALA D 374 32.59 5.96 31.49
C ALA D 374 31.99 5.43 32.78
N ASP D 375 30.97 6.13 33.30
CA ASP D 375 30.27 5.75 34.51
C ASP D 375 29.69 4.34 34.40
N LYS D 376 29.50 3.69 35.54
CA LYS D 376 28.95 2.34 35.59
C LYS D 376 27.47 2.31 35.18
N ASP D 377 26.79 3.46 35.11
CA ASP D 377 25.40 3.54 34.68
C ASP D 377 25.26 4.41 33.42
N ALA D 378 26.33 4.63 32.65
CA ALA D 378 26.24 5.48 31.45
C ALA D 378 25.33 4.88 30.36
N VAL D 379 24.77 5.74 29.51
CA VAL D 379 24.07 5.31 28.34
C VAL D 379 25.06 5.39 27.20
N PHE D 380 25.18 4.36 26.38
CA PHE D 380 26.02 4.40 25.18
C PHE D 380 25.11 4.33 23.96
N THR D 381 25.21 5.29 23.04
CA THR D 381 24.48 5.22 21.79
C THR D 381 25.50 4.88 20.72
N VAL D 382 25.13 4.03 19.74
CA VAL D 382 26.12 3.54 18.79
C VAL D 382 25.70 3.79 17.33
N ASP D 383 26.49 4.57 16.57
CA ASP D 383 26.22 4.85 15.16
C ASP D 383 26.46 3.57 14.35
N THR D 384 25.59 3.30 13.37
CA THR D 384 25.76 2.12 12.53
C THR D 384 27.02 2.24 11.67
N GLY D 385 27.81 1.18 11.65
CA GLY D 385 29.05 1.10 10.89
C GLY D 385 30.11 0.41 11.73
N MET D 386 31.40 0.81 11.56
CA MET D 386 32.46 0.20 12.37
C MET D 386 32.27 0.44 13.88
N CYS D 387 31.54 1.51 14.28
CA CYS D 387 31.31 1.75 15.72
C CYS D 387 30.57 0.57 16.37
N ASN D 388 29.78 -0.19 15.59
CA ASN D 388 29.11 -1.38 16.13
C ASN D 388 30.12 -2.42 16.54
N VAL D 389 31.23 -2.55 15.78
CA VAL D 389 32.28 -3.52 16.09
C VAL D 389 32.96 -3.11 17.39
N TRP D 390 33.29 -1.83 17.53
CA TRP D 390 34.00 -1.35 18.72
C TRP D 390 33.11 -1.46 19.97
N HIS D 391 31.83 -1.15 19.82
CA HIS D 391 30.90 -1.25 20.94
C HIS D 391 30.73 -2.72 21.37
N ALA D 392 30.45 -3.61 20.41
CA ALA D 392 30.20 -5.02 20.69
C ALA D 392 31.38 -5.70 21.38
N ARG D 393 32.60 -5.42 20.91
CA ARG D 393 33.78 -6.10 21.45
C ARG D 393 34.40 -5.45 22.69
N TYR D 394 34.22 -4.14 22.90
CA TYR D 394 34.94 -3.47 23.99
C TYR D 394 34.10 -2.80 25.06
N ILE D 395 32.84 -2.46 24.81
CA ILE D 395 32.03 -1.81 25.85
C ILE D 395 31.34 -2.88 26.67
N GLU D 396 31.60 -2.93 27.97
CA GLU D 396 31.00 -3.92 28.86
C GLU D 396 29.88 -3.28 29.71
N ASN D 397 29.14 -4.11 30.47
CA ASN D 397 28.07 -3.62 31.31
C ASN D 397 28.20 -4.23 32.71
N PRO D 398 29.30 -3.93 33.45
CA PRO D 398 29.43 -4.47 34.81
C PRO D 398 28.33 -3.89 35.70
N GLU D 399 27.72 -4.71 36.54
CA GLU D 399 26.61 -4.28 37.41
C GLU D 399 25.30 -4.14 36.66
N GLY D 400 25.29 -4.28 35.33
CA GLY D 400 24.08 -4.21 34.52
C GLY D 400 23.34 -2.90 34.52
N THR D 401 23.98 -1.80 34.93
CA THR D 401 23.31 -0.50 35.02
C THR D 401 23.56 0.40 33.80
N ARG D 402 24.42 0.00 32.86
CA ARG D 402 24.59 0.75 31.61
C ARG D 402 23.48 0.40 30.61
N ASP D 403 23.14 1.32 29.71
CA ASP D 403 22.17 1.07 28.67
C ASP D 403 22.81 1.20 27.31
N PHE D 404 22.49 0.31 26.37
CA PHE D 404 23.06 0.37 25.04
C PHE D 404 21.95 0.64 24.05
N VAL D 405 22.03 1.74 23.30
CA VAL D 405 20.99 2.10 22.32
C VAL D 405 21.65 2.21 20.96
N GLY D 406 21.11 1.54 19.97
CA GLY D 406 21.65 1.60 18.62
C GLY D 406 20.63 1.21 17.58
N SER D 407 21.06 1.24 16.31
CA SER D 407 20.19 0.81 15.23
C SER D 407 20.59 -0.61 14.88
N PHE D 408 20.45 -1.53 15.83
CA PHE D 408 20.94 -2.90 15.67
C PHE D 408 20.17 -3.74 14.65
N ARG D 409 18.88 -3.41 14.40
CA ARG D 409 18.06 -4.22 13.51
C ARG D 409 17.76 -3.51 12.22
N HIS D 410 17.36 -2.23 12.29
CA HIS D 410 17.11 -1.45 11.08
C HIS D 410 18.43 -1.07 10.38
N GLY D 411 19.52 -0.96 11.16
CA GLY D 411 20.86 -0.67 10.66
C GLY D 411 21.01 0.63 9.89
N THR D 412 20.39 1.71 10.39
CA THR D 412 20.54 3.01 9.73
C THR D 412 21.73 3.77 10.28
N MET D 413 22.47 4.47 9.42
CA MET D 413 23.51 5.40 9.86
C MET D 413 22.84 6.58 10.58
N ALA D 414 23.63 7.43 11.22
CA ALA D 414 23.23 8.72 11.82
C ALA D 414 22.32 8.63 13.04
N ASN D 415 22.13 7.45 13.63
CA ASN D 415 21.25 7.33 14.79
C ASN D 415 21.89 7.81 16.10
N ALA D 416 23.22 7.76 16.23
CA ALA D 416 23.89 7.97 17.52
C ALA D 416 23.60 9.30 18.19
N LEU D 417 23.82 10.45 17.53
CA LEU D 417 23.57 11.73 18.16
C LEU D 417 22.06 11.92 18.45
N PRO D 418 21.13 11.68 17.51
CA PRO D 418 19.69 11.80 17.85
C PRO D 418 19.27 10.83 18.98
N HIS D 419 19.77 9.60 18.99
CA HIS D 419 19.50 8.67 20.12
C HIS D 419 20.02 9.25 21.45
N ALA D 420 21.24 9.85 21.41
CA ALA D 420 21.82 10.45 22.61
C ALA D 420 21.01 11.65 23.09
N ILE D 421 20.42 12.42 22.17
CA ILE D 421 19.58 13.55 22.54
C ILE D 421 18.36 13.06 23.32
N GLY D 422 17.71 12.00 22.84
CA GLY D 422 16.57 11.43 23.54
C GLY D 422 16.94 10.83 24.89
N ALA D 423 18.02 10.02 24.91
CA ALA D 423 18.45 9.39 26.15
C ALA D 423 18.86 10.43 27.20
N GLN D 424 19.59 11.49 26.79
CA GLN D 424 20.06 12.51 27.73
C GLN D 424 18.92 13.33 28.31
N SER D 425 17.89 13.60 27.49
CA SER D 425 16.73 14.37 27.90
C SER D 425 15.99 13.71 29.08
N VAL D 426 16.10 12.39 29.24
CA VAL D 426 15.43 11.68 30.34
C VAL D 426 15.96 12.12 31.72
N ASP D 427 17.28 12.24 31.84
CA ASP D 427 17.91 12.62 33.10
C ASP D 427 19.23 13.33 32.79
N ARG D 428 19.29 14.65 33.01
CA ARG D 428 20.48 15.43 32.72
C ARG D 428 21.67 15.12 33.65
N ASN D 429 21.42 14.40 34.76
CA ASN D 429 22.48 14.02 35.69
C ASN D 429 23.09 12.66 35.35
N ARG D 430 22.62 11.98 34.30
CA ARG D 430 23.16 10.69 33.89
C ARG D 430 24.08 10.88 32.70
N GLN D 431 25.24 10.22 32.73
CA GLN D 431 26.19 10.32 31.63
C GLN D 431 25.67 9.60 30.38
N VAL D 432 25.74 10.28 29.23
CA VAL D 432 25.35 9.74 27.93
C VAL D 432 26.51 9.93 26.97
N ILE D 433 26.98 8.83 26.39
CA ILE D 433 28.08 8.81 25.45
C ILE D 433 27.58 8.40 24.10
N ALA D 434 27.79 9.23 23.08
CA ALA D 434 27.39 8.89 21.73
C ALA D 434 28.61 8.44 20.96
N MET D 435 28.63 7.22 20.45
CA MET D 435 29.75 6.73 19.65
C MET D 435 29.39 7.01 18.21
N CYS D 436 29.80 8.18 17.67
CA CYS D 436 29.45 8.64 16.33
C CYS D 436 30.47 8.22 15.29
N GLY D 437 30.00 8.05 14.07
CA GLY D 437 30.86 7.89 12.92
C GLY D 437 30.91 9.24 12.22
N ASP D 438 31.98 9.50 11.43
CA ASP D 438 32.05 10.77 10.69
C ASP D 438 30.94 10.82 9.62
N GLY D 439 30.63 9.68 9.00
CA GLY D 439 29.57 9.59 8.03
C GLY D 439 28.22 9.80 8.70
N GLY D 440 27.98 9.13 9.82
CA GLY D 440 26.73 9.27 10.55
C GLY D 440 26.47 10.67 11.05
N LEU D 441 27.48 11.31 11.65
CA LEU D 441 27.34 12.67 12.16
C LEU D 441 27.15 13.67 11.00
N GLY D 442 27.88 13.54 9.91
CA GLY D 442 27.72 14.40 8.75
C GLY D 442 26.34 14.32 8.14
N MET D 443 25.69 13.15 8.22
CA MET D 443 24.36 12.86 7.69
C MET D 443 23.26 13.67 8.40
N LEU D 444 23.44 13.95 9.70
CA LEU D 444 22.46 14.75 10.45
C LEU D 444 23.22 15.79 11.29
N LEU D 445 24.19 16.46 10.66
CA LEU D 445 25.07 17.41 11.31
C LEU D 445 24.34 18.54 12.05
N GLY D 446 23.18 18.94 11.53
CA GLY D 446 22.39 20.01 12.13
C GLY D 446 21.95 19.74 13.55
N GLU D 447 21.97 18.47 13.98
CA GLU D 447 21.57 18.16 15.36
C GLU D 447 22.61 18.60 16.40
N LEU D 448 23.80 19.06 15.96
CA LEU D 448 24.74 19.71 16.89
C LEU D 448 24.09 21.01 17.42
N LEU D 449 23.28 21.69 16.57
CA LEU D 449 22.57 22.91 16.97
C LEU D 449 21.47 22.58 18.02
N THR D 450 20.90 21.37 17.98
CA THR D 450 19.91 20.90 18.96
C THR D 450 20.59 20.63 20.31
N VAL D 451 21.80 20.02 20.27
CA VAL D 451 22.57 19.78 21.49
C VAL D 451 22.90 21.13 22.18
N LYS D 452 23.34 22.12 21.39
CA LYS D 452 23.68 23.44 21.90
C LYS D 452 22.43 24.13 22.47
N LEU D 453 21.35 24.18 21.69
CA LEU D 453 20.10 24.83 22.07
C LEU D 453 19.56 24.32 23.42
N HIS D 454 19.54 23.00 23.62
CA HIS D 454 18.99 22.43 24.85
C HIS D 454 20.04 22.19 25.95
N GLN D 455 21.32 22.43 25.65
CA GLN D 455 22.47 22.26 26.54
C GLN D 455 22.45 20.87 27.15
N LEU D 456 22.19 19.85 26.31
CA LEU D 456 22.16 18.46 26.76
C LEU D 456 23.58 18.04 26.96
N PRO D 457 23.96 17.68 28.20
CA PRO D 457 25.39 17.46 28.49
C PRO D 457 25.93 16.11 28.01
N LEU D 458 25.55 15.68 26.81
CA LEU D 458 26.04 14.43 26.26
C LEU D 458 27.47 14.57 25.74
N LYS D 459 28.15 13.44 25.60
CA LYS D 459 29.53 13.43 25.15
C LYS D 459 29.55 12.76 23.80
N ALA D 460 29.74 13.53 22.72
CA ALA D 460 29.73 12.95 21.38
C ALA D 460 31.14 12.58 20.98
N VAL D 461 31.46 11.29 20.96
CA VAL D 461 32.78 10.83 20.57
C VAL D 461 32.75 10.46 19.08
N VAL D 462 33.41 11.26 18.24
CA VAL D 462 33.44 11.01 16.81
C VAL D 462 34.62 10.14 16.45
N PHE D 463 34.35 8.98 15.87
CA PHE D 463 35.41 8.10 15.37
C PHE D 463 35.67 8.58 13.95
N ASN D 464 36.43 9.67 13.84
CA ASN D 464 36.65 10.34 12.56
C ASN D 464 37.72 9.66 11.71
N ASN D 465 37.29 8.68 10.90
CA ASN D 465 38.22 7.97 10.03
C ASN D 465 38.15 8.47 8.59
N SER D 466 37.49 9.62 8.32
CA SER D 466 37.34 10.22 6.97
C SER D 466 36.89 9.18 5.95
N SER D 467 36.00 8.28 6.36
CA SER D 467 35.63 7.15 5.53
C SER D 467 34.33 6.52 5.91
N LEU D 468 33.71 5.84 4.94
CA LEU D 468 32.57 4.97 5.20
C LEU D 468 33.24 3.65 5.47
N GLY D 469 33.85 3.55 6.66
CA GLY D 469 34.71 2.45 7.09
C GLY D 469 34.19 1.06 6.83
N MET D 470 32.95 0.81 7.24
CA MET D 470 32.29 -0.47 7.07
C MET D 470 32.21 -0.85 5.56
N VAL D 471 31.98 0.13 4.67
CA VAL D 471 31.90 -0.09 3.23
C VAL D 471 33.28 -0.47 2.67
N LYS D 472 34.34 0.17 3.17
CA LYS D 472 35.73 -0.13 2.82
C LYS D 472 36.03 -1.62 3.08
N LEU D 473 35.57 -2.13 4.23
CA LEU D 473 35.69 -3.53 4.63
C LEU D 473 34.88 -4.45 3.70
N GLU D 474 33.60 -4.08 3.39
CA GLU D 474 32.75 -4.85 2.48
C GLU D 474 33.44 -5.02 1.10
N MET D 475 34.00 -3.93 0.57
CA MET D 475 34.64 -3.94 -0.74
C MET D 475 35.90 -4.79 -0.75
N LEU D 476 36.65 -4.80 0.37
CA LEU D 476 37.85 -5.61 0.49
C LEU D 476 37.46 -7.10 0.47
N VAL D 477 36.42 -7.46 1.23
CA VAL D 477 35.90 -8.83 1.32
C VAL D 477 35.39 -9.31 -0.05
N GLU D 478 34.68 -8.45 -0.79
CA GLU D 478 34.13 -8.82 -2.09
C GLU D 478 35.17 -8.81 -3.24
N GLY D 479 36.40 -8.36 -2.98
CA GLY D 479 37.41 -8.26 -4.01
C GLY D 479 37.18 -7.12 -4.97
N GLN D 480 36.52 -6.06 -4.50
CA GLN D 480 36.18 -4.89 -5.30
C GLN D 480 37.17 -3.76 -5.07
N PRO D 481 37.73 -3.15 -6.12
CA PRO D 481 38.63 -1.99 -5.92
C PRO D 481 37.86 -0.87 -5.24
N GLU D 482 38.44 -0.31 -4.18
CA GLU D 482 37.81 0.70 -3.35
C GLU D 482 37.42 1.93 -4.15
N PHE D 483 36.19 2.41 -3.93
CA PHE D 483 35.69 3.56 -4.64
C PHE D 483 34.53 4.19 -3.86
N GLY D 484 34.53 5.51 -3.78
CA GLY D 484 33.47 6.27 -3.13
C GLY D 484 33.35 6.15 -1.63
N THR D 485 34.36 5.57 -0.95
CA THR D 485 34.28 5.40 0.51
C THR D 485 35.08 6.44 1.28
N ASP D 486 36.28 6.80 0.78
CA ASP D 486 37.16 7.71 1.50
C ASP D 486 37.16 9.10 0.88
N HIS D 487 37.08 10.13 1.72
CA HIS D 487 37.05 11.51 1.24
C HIS D 487 37.95 12.42 2.10
N GLU D 488 38.15 13.67 1.67
CA GLU D 488 39.02 14.60 2.40
C GLU D 488 38.53 14.81 3.83
N GLU D 489 39.47 15.02 4.74
CA GLU D 489 39.20 15.14 6.16
C GLU D 489 38.28 16.31 6.52
N VAL D 490 37.48 16.13 7.57
CA VAL D 490 36.56 17.12 8.09
C VAL D 490 36.93 17.38 9.56
N ASN D 491 36.99 18.65 9.96
CA ASN D 491 37.30 18.98 11.35
C ASN D 491 36.01 19.17 12.13
N PHE D 492 35.50 18.10 12.76
CA PHE D 492 34.27 18.19 13.53
C PHE D 492 34.46 19.00 14.81
N ALA D 493 35.68 19.07 15.38
CA ALA D 493 35.94 19.86 16.58
C ALA D 493 35.76 21.35 16.26
N GLU D 494 36.22 21.81 15.07
CA GLU D 494 36.04 23.19 14.68
C GLU D 494 34.55 23.47 14.39
N ILE D 495 33.84 22.52 13.75
CA ILE D 495 32.42 22.71 13.45
C ILE D 495 31.63 22.81 14.77
N ALA D 496 31.91 21.92 15.74
CA ALA D 496 31.24 21.97 17.03
C ALA D 496 31.55 23.30 17.75
N ALA D 497 32.82 23.74 17.70
CA ALA D 497 33.23 25.01 18.34
C ALA D 497 32.48 26.18 17.69
N ALA D 498 32.35 26.17 16.35
CA ALA D 498 31.61 27.20 15.64
C ALA D 498 30.12 27.19 16.03
N ALA D 499 29.58 26.00 16.40
CA ALA D 499 28.20 25.86 16.86
C ALA D 499 28.04 26.19 18.39
N GLY D 500 29.11 26.59 19.07
CA GLY D 500 29.07 26.94 20.48
C GLY D 500 29.21 25.77 21.44
N ILE D 501 29.71 24.63 20.95
CA ILE D 501 29.89 23.46 21.81
C ILE D 501 31.35 23.28 22.15
N LYS D 502 31.67 22.99 23.41
CA LYS D 502 33.03 22.70 23.87
C LYS D 502 33.55 21.49 23.09
N SER D 503 34.76 21.60 22.51
CA SER D 503 35.26 20.50 21.68
C SER D 503 36.73 20.30 21.83
N VAL D 504 37.20 19.13 21.44
CA VAL D 504 38.61 18.81 21.46
C VAL D 504 38.93 17.90 20.27
N ARG D 505 40.09 18.11 19.64
CA ARG D 505 40.51 17.28 18.53
C ARG D 505 41.64 16.40 19.00
N ILE D 506 41.48 15.08 18.94
CA ILE D 506 42.49 14.15 19.42
C ILE D 506 43.14 13.44 18.25
N THR D 507 44.45 13.64 18.06
CA THR D 507 45.21 12.98 17.00
C THR D 507 46.36 12.09 17.56
N ASP D 508 46.79 12.37 18.80
CA ASP D 508 47.87 11.62 19.44
C ASP D 508 47.32 10.48 20.30
N PRO D 509 47.66 9.22 19.98
CA PRO D 509 47.19 8.09 20.80
C PRO D 509 47.66 8.17 22.25
N LYS D 510 48.79 8.83 22.52
CA LYS D 510 49.28 8.98 23.90
C LYS D 510 48.40 9.94 24.73
N LYS D 511 47.58 10.78 24.08
CA LYS D 511 46.74 11.74 24.78
C LYS D 511 45.27 11.34 24.85
N VAL D 512 44.85 10.25 24.16
CA VAL D 512 43.43 9.85 24.15
C VAL D 512 42.85 9.67 25.55
N ARG D 513 43.55 8.92 26.43
CA ARG D 513 43.03 8.64 27.76
C ARG D 513 42.82 9.92 28.58
N GLU D 514 43.82 10.80 28.65
CA GLU D 514 43.73 12.01 29.46
C GLU D 514 42.72 12.99 28.90
N GLN D 515 42.68 13.17 27.57
CA GLN D 515 41.73 14.10 26.97
C GLN D 515 40.30 13.58 27.06
N LEU D 516 40.10 12.25 26.96
CA LEU D 516 38.76 11.68 27.11
C LEU D 516 38.31 11.85 28.55
N ALA D 517 39.21 11.65 29.53
CA ALA D 517 38.89 11.80 30.96
C ALA D 517 38.45 13.24 31.27
N GLU D 518 39.16 14.23 30.73
CA GLU D 518 38.78 15.63 30.94
C GLU D 518 37.44 15.96 30.25
N ALA D 519 37.23 15.45 29.03
CA ALA D 519 35.98 15.67 28.30
C ALA D 519 34.78 15.04 29.01
N LEU D 520 34.93 13.80 29.53
CA LEU D 520 33.83 13.14 30.24
C LEU D 520 33.51 13.82 31.56
N ALA D 521 34.47 14.52 32.17
CA ALA D 521 34.24 15.21 33.43
C ALA D 521 33.61 16.60 33.24
N TYR D 522 33.70 17.19 32.04
CA TYR D 522 33.17 18.52 31.78
C TYR D 522 31.65 18.58 32.00
N PRO D 523 31.15 19.56 32.78
CA PRO D 523 29.70 19.61 33.07
C PRO D 523 28.91 20.34 31.98
N GLY D 524 28.78 19.70 30.85
CA GLY D 524 28.12 20.27 29.70
C GLY D 524 28.39 19.48 28.44
N PRO D 525 27.75 19.87 27.33
CA PRO D 525 27.97 19.14 26.08
C PRO D 525 29.42 19.24 25.61
N VAL D 526 29.97 18.13 25.10
CA VAL D 526 31.32 18.11 24.55
C VAL D 526 31.33 17.27 23.27
N LEU D 527 32.01 17.74 22.22
CA LEU D 527 32.24 16.92 21.05
C LEU D 527 33.73 16.56 21.03
N ILE D 528 34.06 15.29 21.00
CA ILE D 528 35.43 14.83 20.98
C ILE D 528 35.71 14.27 19.60
N ASP D 529 36.49 14.98 18.79
CA ASP D 529 36.79 14.59 17.43
C ASP D 529 38.07 13.79 17.41
N ILE D 530 37.97 12.46 17.30
CA ILE D 530 39.15 11.60 17.34
C ILE D 530 39.54 11.14 15.94
N VAL D 531 40.75 11.49 15.48
CA VAL D 531 41.19 11.09 14.15
C VAL D 531 41.62 9.64 14.22
N THR D 532 40.81 8.75 13.68
CA THR D 532 41.05 7.31 13.76
C THR D 532 41.50 6.72 12.43
N ASP D 533 42.10 5.53 12.49
CA ASP D 533 42.61 4.82 11.32
C ASP D 533 41.47 4.21 10.53
N PRO D 534 41.30 4.62 9.25
CA PRO D 534 40.24 4.01 8.43
C PRO D 534 40.57 2.57 8.01
N ASN D 535 41.84 2.17 8.07
CA ASN D 535 42.29 0.81 7.72
C ASN D 535 42.30 -0.15 8.90
N ALA D 536 41.70 0.23 10.05
CA ALA D 536 41.56 -0.65 11.18
C ALA D 536 40.32 -1.48 10.95
N LEU D 537 40.45 -2.59 10.22
CA LEU D 537 39.31 -3.43 9.86
C LEU D 537 39.55 -4.86 10.35
N SER D 538 38.57 -5.46 11.03
CA SER D 538 38.75 -6.79 11.60
C SER D 538 37.66 -7.78 11.19
N ILE D 539 38.06 -9.06 11.04
CA ILE D 539 37.17 -10.17 10.68
C ILE D 539 36.81 -11.02 11.93
N PRO D 540 35.84 -11.95 11.84
CA PRO D 540 35.49 -12.75 13.04
C PRO D 540 36.49 -13.86 13.34
#